data_2D2K
# 
_entry.id   2D2K 
# 
_audit_conform.dict_name       mmcif_pdbx.dic 
_audit_conform.dict_version    5.380 
_audit_conform.dict_location   http://mmcif.pdb.org/dictionaries/ascii/mmcif_pdbx.dic 
# 
loop_
_database_2.database_id 
_database_2.database_code 
_database_2.pdbx_database_accession 
_database_2.pdbx_DOI 
PDB   2D2K         pdb_00002d2k 10.2210/pdb2d2k/pdb 
NDB   UR0068       ?            ?                   
RCSB  RCSB024908   ?            ?                   
WWPDB D_1000024908 ?            ?                   
# 
loop_
_pdbx_database_related.db_name 
_pdbx_database_related.db_id 
_pdbx_database_related.details 
_pdbx_database_related.content_type 
PDB 1X9C 'Minimal hairpin ribozyme with mutation U39C'                                unspecified 
PDB 1X9K 'High-salt minimal hairpin ribozyme'                                         unspecified 
PDB 2D2L 'minimal all-RNA hairpin ribozyme WITH A PROPYL LINKER (C3) AT POSITION U39' unspecified 
# 
_pdbx_database_status.status_code                     REL 
_pdbx_database_status.entry_id                        2D2K 
_pdbx_database_status.recvd_initial_deposition_date   2005-09-11 
_pdbx_database_status.deposit_site                    PDBJ 
_pdbx_database_status.process_site                    PDBJ 
_pdbx_database_status.status_code_sf                  REL 
_pdbx_database_status.status_code_mr                  ? 
_pdbx_database_status.SG_entry                        ? 
_pdbx_database_status.pdb_format_compatible           Y 
_pdbx_database_status.status_code_cs                  ? 
_pdbx_database_status.status_code_nmr_data            ? 
_pdbx_database_status.methods_development_category    ? 
# 
loop_
_audit_author.name 
_audit_author.pdbx_ordinal 
'Alam, S.'        1 
'Grum-Tokars, V.' 2 
'Krucinska, J.'   3 
'Kundracik, M.L.' 4 
'Wedekind, J.E.'  5 
# 
loop_
_citation.id 
_citation.title 
_citation.journal_abbrev 
_citation.journal_volume 
_citation.page_first 
_citation.page_last 
_citation.year 
_citation.journal_id_ASTM 
_citation.country 
_citation.journal_id_ISSN 
_citation.journal_id_CSD 
_citation.book_publisher 
_citation.pdbx_database_id_PubMed 
_citation.pdbx_database_id_DOI 
primary 
;Conformational heterogeneity at position U37 of an all-RNA hairpin ribozyme with implications for metal binding and the catalytic structure of the S-turn
;
Biochemistry               44 14396 14408 2005 BICHAW US 0006-2960 0033 ? 16262240 10.1021/bi051550i 
1       'Crystallization and X-ray diffraction analysis of an all-RNA U39C mutant of the minimal hairpin ribozyme' 
'ACTA CRYSTALLOGR.,SECT.D' 59 142   145   2003 ABCRE6 DK 0907-4449 0766 ? 12499551 ?                 
# 
loop_
_citation_author.citation_id 
_citation_author.name 
_citation_author.ordinal 
_citation_author.identifier_ORCID 
primary 'Alam, S.'        1 ? 
primary 'Grum-Tokars, V.' 2 ? 
primary 'Krucinska, J.'   3 ? 
primary 'Kundracik, M.L.' 4 ? 
primary 'Wedekind, J.E.'  5 ? 
1       'Grum-Tokars, V.' 6 ? 
1       'Milovanovic, M.' 7 ? 
1       'Wedekind, J.E.'  8 ? 
# 
_cell.entry_id           2D2K 
_cell.length_a           93.200 
_cell.length_b           93.200 
_cell.length_c           126.360 
_cell.angle_alpha        90.00 
_cell.angle_beta         90.00 
_cell.angle_gamma        120.00 
_cell.Z_PDB              12 
_cell.pdbx_unique_axis   ? 
# 
_symmetry.entry_id                         2D2K 
_symmetry.space_group_name_H-M             'P 61 2 2' 
_symmetry.pdbx_full_space_group_name_H-M   ? 
_symmetry.cell_setting                     ? 
_symmetry.Int_Tables_number                178 
_symmetry.space_group_name_Hall            ? 
# 
loop_
_entity.id 
_entity.type 
_entity.src_method 
_entity.pdbx_description 
_entity.formula_weight 
_entity.pdbx_number_of_molecules 
_entity.pdbx_ec 
_entity.pdbx_mutation 
_entity.pdbx_fragment 
_entity.details 
1 polymer     syn "5'-R(*UP*CP*CP*CP*(A2M)P*GP*UP*CP*CP*AP*CP*CP*G)-3'"               4066.497 1 ? ? ? ? 
2 polymer     syn "5'-R(*CP*GP*GP*UP*GP*AP*GP*AP*AP*GP*GP*G)-3'"                      3970.448 1 ? ? ? ? 
3 polymer     syn "5'-R(*GP*GP*CP*AP*GP*AP*GP*AP*AP*AP*CP*AP*CP*AP*CP*GP*A)-3'"       5535.445 1 ? ? ? ? 
4 polymer     syn "5'-R(*UP*CP*GP*UP*GP*GP*UP*AP*UP*AP*UP*UP*AP*CP*CP*UP*GP*CP*C)-3'" 5992.552 1 ? ? ? ? 
5 non-polymer syn 'SULFATE ION'                                                       96.063   1 ? ? ? ? 
6 non-polymer syn 'COBALT HEXAMMINE(III)'                                             161.116  2 ? ? ? ? 
7 water       nat water                                                               18.015   9 ? ? ? ? 
# 
loop_
_entity_name_com.entity_id 
_entity_name_com.name 
1 ribozyme 
2 ribozyme 
3 ribozyme 
4 ribozyme 
# 
loop_
_entity_poly.entity_id 
_entity_poly.type 
_entity_poly.nstd_linkage 
_entity_poly.nstd_monomer 
_entity_poly.pdbx_seq_one_letter_code 
_entity_poly.pdbx_seq_one_letter_code_can 
_entity_poly.pdbx_strand_id 
_entity_poly.pdbx_target_identifier 
1 polyribonucleotide no yes 'UCCC(A2M)GUCCACCG' UCCCAGUCCACCG       A ? 
2 polyribonucleotide no no  CGGUGAGAAGGG        CGGUGAGAAGGG        B ? 
3 polyribonucleotide no no  GGCAGAGAAACACACGA   GGCAGAGAAACACACGA   C ? 
4 polyribonucleotide no no  UCGUGGUAUAUUACCUGCC UCGUGGUAUAUUACCUGCC D ? 
# 
loop_
_entity_poly_seq.entity_id 
_entity_poly_seq.num 
_entity_poly_seq.mon_id 
_entity_poly_seq.hetero 
1 1  U   n 
1 2  C   n 
1 3  C   n 
1 4  C   n 
1 5  A2M n 
1 6  G   n 
1 7  U   n 
1 8  C   n 
1 9  C   n 
1 10 A   n 
1 11 C   n 
1 12 C   n 
1 13 G   n 
2 1  C   n 
2 2  G   n 
2 3  G   n 
2 4  U   n 
2 5  G   n 
2 6  A   n 
2 7  G   n 
2 8  A   n 
2 9  A   n 
2 10 G   n 
2 11 G   n 
2 12 G   n 
3 1  G   n 
3 2  G   n 
3 3  C   n 
3 4  A   n 
3 5  G   n 
3 6  A   n 
3 7  G   n 
3 8  A   n 
3 9  A   n 
3 10 A   n 
3 11 C   n 
3 12 A   n 
3 13 C   n 
3 14 A   n 
3 15 C   n 
3 16 G   n 
3 17 A   n 
4 1  U   n 
4 2  C   n 
4 3  G   n 
4 4  U   n 
4 5  G   n 
4 6  G   n 
4 7  U   n 
4 8  A   n 
4 9  U   n 
4 10 A   n 
4 11 U   n 
4 12 U   n 
4 13 A   n 
4 14 C   n 
4 15 C   n 
4 16 U   n 
4 17 G   n 
4 18 C   n 
4 19 C   n 
# 
loop_
_struct_ref.id 
_struct_ref.entity_id 
_struct_ref.db_name 
_struct_ref.db_code 
_struct_ref.pdbx_db_accession 
_struct_ref.pdbx_db_isoform 
_struct_ref.pdbx_seq_one_letter_code 
_struct_ref.pdbx_align_begin 
1 1 PDB 2D2K 2D2K ? ? ? 
2 2 PDB 2D2K 2D2K ? ? ? 
3 3 PDB 2D2K 2D2K ? ? ? 
4 4 PDB 2D2K 2D2K ? ? ? 
# 
loop_
_struct_ref_seq.align_id 
_struct_ref_seq.ref_id 
_struct_ref_seq.pdbx_PDB_id_code 
_struct_ref_seq.pdbx_strand_id 
_struct_ref_seq.seq_align_beg 
_struct_ref_seq.pdbx_seq_align_beg_ins_code 
_struct_ref_seq.seq_align_end 
_struct_ref_seq.pdbx_seq_align_end_ins_code 
_struct_ref_seq.pdbx_db_accession 
_struct_ref_seq.db_align_beg 
_struct_ref_seq.pdbx_db_align_beg_ins_code 
_struct_ref_seq.db_align_end 
_struct_ref_seq.pdbx_db_align_end_ins_code 
_struct_ref_seq.pdbx_auth_seq_align_beg 
_struct_ref_seq.pdbx_auth_seq_align_end 
1 1 2D2K A 1 ? 13 ? 2D2K 1  ? 13 ? 1  13 
2 2 2D2K B 1 ? 12 ? 2D2K 2  ? 13 ? 2  13 
3 3 2D2K C 1 ? 17 ? 2D2K 15 ? 31 ? 15 31 
4 4 2D2K D 1 ? 19 ? 2D2K 31 ? 49 ? 31 49 
# 
loop_
_chem_comp.id 
_chem_comp.type 
_chem_comp.mon_nstd_flag 
_chem_comp.name 
_chem_comp.pdbx_synonyms 
_chem_comp.formula 
_chem_comp.formula_weight 
A   'RNA linking' y "ADENOSINE-5'-MONOPHOSPHATE"                     ? 'C10 H14 N5 O7 P' 347.221 
A2M 'RNA linking' n 
;2'-O-methyladenosine 5'-(dihydrogen phosphate)
;
? 'C11 H16 N5 O7 P' 361.248 
C   'RNA linking' y "CYTIDINE-5'-MONOPHOSPHATE"                      ? 'C9 H14 N3 O8 P'  323.197 
G   'RNA linking' y "GUANOSINE-5'-MONOPHOSPHATE"                     ? 'C10 H14 N5 O8 P' 363.221 
HOH non-polymer   . WATER                                            ? 'H2 O'            18.015  
NCO non-polymer   . 'COBALT HEXAMMINE(III)'                          ? 'Co H18 N6 3'     161.116 
SO4 non-polymer   . 'SULFATE ION'                                    ? 'O4 S -2'         96.063  
U   'RNA linking' y "URIDINE-5'-MONOPHOSPHATE"                       ? 'C9 H13 N2 O9 P'  324.181 
# 
_exptl.entry_id          2D2K 
_exptl.method            'X-RAY DIFFRACTION' 
_exptl.crystals_number   1 
# 
_exptl_crystal.id                    1 
_exptl_crystal.density_meas          ? 
_exptl_crystal.density_Matthews      4.2 
_exptl_crystal.density_percent_sol   70 
_exptl_crystal.description           ? 
_exptl_crystal.F_000                 ? 
_exptl_crystal.preparation           ? 
# 
_exptl_crystal_grow.crystal_id      1 
_exptl_crystal_grow.method          'VAPOR DIFFUSION, HANGING DROP' 
_exptl_crystal_grow.temp            293 
_exptl_crystal_grow.temp_details    ? 
_exptl_crystal_grow.pH              6.0 
_exptl_crystal_grow.pdbx_details    
'PEG 2000 MME, LITHIUM SULFATE, SPERMIDINE, COBALT HEXAAMINE, pH 6.0, VAPOR DIFFUSION, HANGING DROP, temperature 293K' 
_exptl_crystal_grow.pdbx_pH_range   . 
# 
loop_
_exptl_crystal_grow_comp.crystal_id 
_exptl_crystal_grow_comp.id 
_exptl_crystal_grow_comp.sol_id 
_exptl_crystal_grow_comp.name 
_exptl_crystal_grow_comp.volume 
_exptl_crystal_grow_comp.conc 
_exptl_crystal_grow_comp.details 
1 1  1 PEG                ? ? ? 
1 2  1 'LITHIUM SULFATE'  ? ? ? 
1 3  1 SPERMIDINE         ? ? ? 
1 4  1 'COBALT HEXAAMINE' ? ? ? 
1 5  1 water              ? ? ? 
1 6  2 PEG                ? ? ? 
1 7  2 'LITHIUM SULFATE'  ? ? ? 
1 8  2 SPERMIDINE         ? ? ? 
1 9  2 'COBALT HEXAAMINE' ? ? ? 
1 10 2 water              ? ? ? 
# 
_diffrn.id                     1 
_diffrn.ambient_temp           100 
_diffrn.ambient_temp_details   ? 
_diffrn.crystal_id             1 
# 
_diffrn_detector.diffrn_id              1 
_diffrn_detector.detector               'IMAGE PLATE' 
_diffrn_detector.type                   'RIGAKU RAXIS IV' 
_diffrn_detector.pdbx_collection_date   2005-03-17 
_diffrn_detector.details                confocal 
# 
_diffrn_radiation.diffrn_id                        1 
_diffrn_radiation.wavelength_id                    1 
_diffrn_radiation.pdbx_monochromatic_or_laue_m_l   M 
_diffrn_radiation.monochromator                    'Osmic Confocal Optics' 
_diffrn_radiation.pdbx_diffrn_protocol             'SINGLE WAVELENGTH' 
_diffrn_radiation.pdbx_scattering_type             x-ray 
# 
_diffrn_radiation_wavelength.id           1 
_diffrn_radiation_wavelength.wavelength   1.5418 
_diffrn_radiation_wavelength.wt           1.0 
# 
_diffrn_source.diffrn_id                   1 
_diffrn_source.source                      'ROTATING ANODE' 
_diffrn_source.type                        'RIGAKU RUH2R' 
_diffrn_source.pdbx_synchrotron_site       ? 
_diffrn_source.pdbx_synchrotron_beamline   ? 
_diffrn_source.pdbx_wavelength             ? 
_diffrn_source.pdbx_wavelength_list        1.5418 
# 
_reflns.entry_id                     2D2K 
_reflns.observed_criterion_sigma_I   -3 
_reflns.observed_criterion_sigma_F   0 
_reflns.d_resolution_low             34.01 
_reflns.d_resolution_high            2.65 
_reflns.number_obs                   9889 
_reflns.number_all                   9930 
_reflns.percent_possible_obs         99.5 
_reflns.pdbx_Rmerge_I_obs            ? 
_reflns.pdbx_Rsym_value              0.07 
_reflns.pdbx_netI_over_sigmaI        24.0 
_reflns.B_iso_Wilson_estimate        93.6 
_reflns.pdbx_redundancy              11.7 
_reflns.R_free_details               ? 
_reflns.pdbx_chi_squared             ? 
_reflns.pdbx_scaling_rejects         ? 
_reflns.pdbx_ordinal                 1 
_reflns.pdbx_diffrn_id               1 
# 
_reflns_shell.d_res_high             2.65 
_reflns_shell.d_res_low              2.74 
_reflns_shell.percent_possible_all   100 
_reflns_shell.Rmerge_I_obs           0.363 
_reflns_shell.pdbx_Rsym_value        ? 
_reflns_shell.meanI_over_sigI_obs    7.4 
_reflns_shell.pdbx_redundancy        12.1 
_reflns_shell.percent_possible_obs   ? 
_reflns_shell.number_unique_all      ? 
_reflns_shell.number_measured_all    ? 
_reflns_shell.number_measured_obs    ? 
_reflns_shell.number_unique_obs      ? 
_reflns_shell.pdbx_chi_squared       ? 
_reflns_shell.pdbx_ordinal           1 
_reflns_shell.pdbx_diffrn_id         1 
# 
_refine.entry_id                                 2D2K 
_refine.ls_number_reflns_obs                     9889 
_refine.ls_number_reflns_all                     9930 
_refine.pdbx_ls_sigma_I                          -3 
_refine.pdbx_ls_sigma_F                          0.0 
_refine.pdbx_data_cutoff_high_absF               1611786.47 
_refine.pdbx_data_cutoff_low_absF                0.000000 
_refine.pdbx_data_cutoff_high_rms_absF           ? 
_refine.ls_d_res_low                             34.01 
_refine.ls_d_res_high                            2.65 
_refine.ls_percent_reflns_obs                    ? 
_refine.ls_R_factor_obs                          0.247 
_refine.ls_R_factor_all                          0.249 
_refine.ls_R_factor_R_work                       0.247 
_refine.ls_R_factor_R_free                       0.27 
_refine.ls_R_factor_R_free_error                 0.008 
_refine.ls_R_factor_R_free_error_details         ? 
_refine.ls_percent_reflns_R_free                 10.5 
_refine.ls_number_reflns_R_free                  1035 
_refine.ls_number_parameters                     ? 
_refine.ls_number_restraints                     ? 
_refine.occupancy_min                            ? 
_refine.occupancy_max                            ? 
_refine.correlation_coeff_Fo_to_Fc               ? 
_refine.correlation_coeff_Fo_to_Fc_free          ? 
_refine.B_iso_mean                               55.6 
_refine.aniso_B[1][1]                            -8.84 
_refine.aniso_B[2][2]                            -8.84 
_refine.aniso_B[3][3]                            17.67 
_refine.aniso_B[1][2]                            -5.50 
_refine.aniso_B[1][3]                            0.00 
_refine.aniso_B[2][3]                            0.00 
_refine.solvent_model_details                    'FLAT MODEL' 
_refine.solvent_model_param_ksol                 0.446011 
_refine.solvent_model_param_bsol                 174.738 
_refine.pdbx_solvent_vdw_probe_radii             ? 
_refine.pdbx_solvent_ion_probe_radii             ? 
_refine.pdbx_solvent_shrinkage_radii             ? 
_refine.pdbx_ls_cross_valid_method               THROUGHOUT 
_refine.details                                  ? 
_refine.pdbx_starting_model                      1X9C 
_refine.pdbx_method_to_determine_struct          'FOURIER SYNTHESIS' 
_refine.pdbx_isotropic_thermal_model             RESTRAINED 
_refine.pdbx_stereochemistry_target_values       'CNS v1.1' 
_refine.pdbx_stereochem_target_val_spec_case     ? 
_refine.pdbx_R_Free_selection_details            RANDOM 
_refine.pdbx_overall_ESU_R                       ? 
_refine.pdbx_overall_ESU_R_Free                  ? 
_refine.overall_SU_ML                            ? 
_refine.overall_SU_B                             ? 
_refine.ls_redundancy_reflns_obs                 ? 
_refine.overall_SU_R_Cruickshank_DPI             ? 
_refine.overall_SU_R_free                        ? 
_refine.ls_wR_factor_R_free                      ? 
_refine.ls_wR_factor_R_work                      ? 
_refine.overall_FOM_free_R_set                   ? 
_refine.overall_FOM_work_R_set                   ? 
_refine.pdbx_refine_id                           'X-RAY DIFFRACTION' 
_refine.pdbx_diffrn_id                           1 
_refine.pdbx_TLS_residual_ADP_flag               ? 
_refine.pdbx_overall_phase_error                 ? 
_refine.pdbx_overall_SU_R_free_Cruickshank_DPI   ? 
_refine.pdbx_overall_SU_R_Blow_DPI               ? 
_refine.pdbx_overall_SU_R_free_Blow_DPI          ? 
# 
_refine_analyze.entry_id                        2D2K 
_refine_analyze.Luzzati_coordinate_error_obs    0.42 
_refine_analyze.Luzzati_sigma_a_obs             0.87 
_refine_analyze.Luzzati_d_res_low_obs           60.00 
_refine_analyze.Luzzati_coordinate_error_free   0.47 
_refine_analyze.Luzzati_sigma_a_free            0.86 
_refine_analyze.Luzzati_d_res_low_free          ? 
_refine_analyze.number_disordered_residues      ? 
_refine_analyze.occupancy_sum_hydrogen          ? 
_refine_analyze.occupancy_sum_non_hydrogen      ? 
_refine_analyze.pdbx_refine_id                  'X-RAY DIFFRACTION' 
# 
_refine_hist.pdbx_refine_id                   'X-RAY DIFFRACTION' 
_refine_hist.cycle_id                         LAST 
_refine_hist.pdbx_number_atoms_protein        0 
_refine_hist.pdbx_number_atoms_nucleic_acid   1295 
_refine_hist.pdbx_number_atoms_ligand         19 
_refine_hist.number_atoms_solvent             9 
_refine_hist.number_atoms_total               1323 
_refine_hist.d_res_high                       2.65 
_refine_hist.d_res_low                        34.01 
# 
loop_
_refine_ls_restr.type 
_refine_ls_restr.dev_ideal 
_refine_ls_restr.dev_ideal_target 
_refine_ls_restr.weight 
_refine_ls_restr.number 
_refine_ls_restr.pdbx_refine_id 
_refine_ls_restr.pdbx_restraint_function 
c_bond_d           0.007 ? ? ? 'X-RAY DIFFRACTION' ? 
c_angle_deg        1.5   ? ? ? 'X-RAY DIFFRACTION' ? 
c_dihedral_angle_d 19.8  ? ? ? 'X-RAY DIFFRACTION' ? 
c_improper_angle_d 1.88  ? ? ? 'X-RAY DIFFRACTION' ? 
# 
_refine_ls_shell.pdbx_total_number_of_bins_used   4 
_refine_ls_shell.d_res_high                       2.65 
_refine_ls_shell.d_res_low                        2.92 
_refine_ls_shell.number_reflns_R_work             2164 
_refine_ls_shell.R_factor_R_work                  0.449 
_refine_ls_shell.percent_reflns_obs               100.0 
_refine_ls_shell.R_factor_R_free                  0.463 
_refine_ls_shell.R_factor_R_free_error            0.029 
_refine_ls_shell.percent_reflns_R_free            10.6 
_refine_ls_shell.number_reflns_R_free             257 
_refine_ls_shell.redundancy_reflns_obs            ? 
_refine_ls_shell.pdbx_refine_id                   'X-RAY DIFFRACTION' 
_refine_ls_shell.number_reflns_all                ? 
_refine_ls_shell.R_factor_all                     ? 
# 
loop_
_pdbx_xplor_file.serial_no 
_pdbx_xplor_file.param_file 
_pdbx_xplor_file.topol_file 
_pdbx_xplor_file.pdbx_refine_id 
1 water_rep.param   dna-rna.top 'X-RAY DIFFRACTION' 
2 dna-rna_rep.param cobalt.top  'X-RAY DIFFRACTION' 
3 cobalt.param      ion.top     'X-RAY DIFFRACTION' 
4 ion.param         water.top   'X-RAY DIFFRACTION' 
# 
_struct.entry_id                  2D2K 
_struct.title                     'Crystal Structure of a minimal, native (U39) all-RNA hairpin ribozyme' 
_struct.pdbx_model_details        ? 
_struct.pdbx_CASP_flag            ? 
_struct.pdbx_model_type_details   ? 
# 
_struct_keywords.entry_id        2D2K 
_struct_keywords.pdbx_keywords   RNA 
_struct_keywords.text            'ribozyme, S-turn, dual conformation, RNA' 
# 
loop_
_struct_asym.id 
_struct_asym.pdbx_blank_PDB_chainid_flag 
_struct_asym.pdbx_modified 
_struct_asym.entity_id 
_struct_asym.details 
A N N 1 ? 
B N N 2 ? 
C N N 3 ? 
D N N 4 ? 
E N N 5 ? 
F N N 6 ? 
G N N 6 ? 
H N N 7 ? 
I N N 7 ? 
J N N 7 ? 
K N N 7 ? 
# 
_struct_biol.id   1 
# 
loop_
_struct_conn.id 
_struct_conn.conn_type_id 
_struct_conn.pdbx_leaving_atom_flag 
_struct_conn.pdbx_PDB_id 
_struct_conn.ptnr1_label_asym_id 
_struct_conn.ptnr1_label_comp_id 
_struct_conn.ptnr1_label_seq_id 
_struct_conn.ptnr1_label_atom_id 
_struct_conn.pdbx_ptnr1_label_alt_id 
_struct_conn.pdbx_ptnr1_PDB_ins_code 
_struct_conn.pdbx_ptnr1_standard_comp_id 
_struct_conn.ptnr1_symmetry 
_struct_conn.ptnr2_label_asym_id 
_struct_conn.ptnr2_label_comp_id 
_struct_conn.ptnr2_label_seq_id 
_struct_conn.ptnr2_label_atom_id 
_struct_conn.pdbx_ptnr2_label_alt_id 
_struct_conn.pdbx_ptnr2_PDB_ins_code 
_struct_conn.ptnr1_auth_asym_id 
_struct_conn.ptnr1_auth_comp_id 
_struct_conn.ptnr1_auth_seq_id 
_struct_conn.ptnr2_auth_asym_id 
_struct_conn.ptnr2_auth_comp_id 
_struct_conn.ptnr2_auth_seq_id 
_struct_conn.ptnr2_symmetry 
_struct_conn.pdbx_ptnr3_label_atom_id 
_struct_conn.pdbx_ptnr3_label_seq_id 
_struct_conn.pdbx_ptnr3_label_comp_id 
_struct_conn.pdbx_ptnr3_label_asym_id 
_struct_conn.pdbx_ptnr3_label_alt_id 
_struct_conn.pdbx_ptnr3_PDB_ins_code 
_struct_conn.details 
_struct_conn.pdbx_dist_value 
_struct_conn.pdbx_value_order 
_struct_conn.pdbx_role 
covale1  covale both ? A C   4  "O3'" ? ? ? 1_555 A A2M 5  P  ? ? A C   4  A A2M 5  1_555 ? ? ? ? ? ? ?                    1.594 ? 
? 
covale2  covale one  ? A A2M 5  "O3'" ? ? ? 1_555 A G   6  P  ? ? A A2M 5  A G   6  1_555 ? ? ? ? ? ? ?                    1.616 ? 
? 
hydrog1  hydrog ?    ? A C   2  N3    ? ? ? 1_555 B G   12 N1 ? ? A C   2  B G   13 1_555 ? ? ? ? ? ? WATSON-CRICK         ?     ? 
? 
hydrog2  hydrog ?    ? A C   2  N4    ? ? ? 1_555 B G   12 O6 ? ? A C   2  B G   13 1_555 ? ? ? ? ? ? WATSON-CRICK         ?     ? 
? 
hydrog3  hydrog ?    ? A C   2  O2    ? ? ? 1_555 B G   12 N2 ? ? A C   2  B G   13 1_555 ? ? ? ? ? ? WATSON-CRICK         ?     ? 
? 
hydrog4  hydrog ?    ? A C   3  N3    ? ? ? 1_555 B G   11 N1 ? ? A C   3  B G   12 1_555 ? ? ? ? ? ? WATSON-CRICK         ?     ? 
? 
hydrog5  hydrog ?    ? A C   3  N4    ? ? ? 1_555 B G   11 O6 ? ? A C   3  B G   12 1_555 ? ? ? ? ? ? WATSON-CRICK         ?     ? 
? 
hydrog6  hydrog ?    ? A C   3  O2    ? ? ? 1_555 B G   11 N2 ? ? A C   3  B G   12 1_555 ? ? ? ? ? ? WATSON-CRICK         ?     ? 
? 
hydrog7  hydrog ?    ? A C   4  O2    ? ? ? 1_555 B G   10 N2 ? ? A C   4  B G   11 1_555 ? ? ? ? ? ? 'C-G PAIR'           ?     ? 
? 
hydrog8  hydrog ?    ? A A2M 5  N3    ? ? ? 1_555 B A   8  N6 ? ? A A2M 5  B A   9  1_555 ? ? ? ? ? ? 'A2M-A MISPAIR'      ?     ? 
? 
hydrog9  hydrog ?    ? A G   6  N1    ? ? ? 1_555 C C   11 N3 ? ? A G   6  C C   25 1_555 ? ? ? ? ? ? WATSON-CRICK         ?     ? 
? 
hydrog10 hydrog ?    ? A G   6  N2    ? ? ? 1_555 C C   11 O2 ? ? A G   6  C C   25 1_555 ? ? ? ? ? ? WATSON-CRICK         ?     ? 
? 
hydrog11 hydrog ?    ? A G   6  O6    ? ? ? 1_555 C C   11 N4 ? ? A G   6  C C   25 1_555 ? ? ? ? ? ? WATSON-CRICK         ?     ? 
? 
hydrog12 hydrog ?    ? A U   7  O4    ? ? ? 1_555 B G   7  N2 ? ? A U   7  B G   8  1_555 ? ? ? ? ? ? 'U-G MISPAIR'        ?     ? 
? 
hydrog13 hydrog ?    ? A C   8  N4    ? ? ? 1_555 B A   6  N1 ? ? A C   8  B A   7  1_555 ? ? ? ? ? ? 'C-A MISPAIR'        ?     ? 
? 
hydrog14 hydrog ?    ? A C   9  N3    ? ? ? 1_555 B G   5  N1 ? ? A C   9  B G   6  1_555 ? ? ? ? ? ? WATSON-CRICK         ?     ? 
? 
hydrog15 hydrog ?    ? A C   9  N4    ? ? ? 1_555 B G   5  O6 ? ? A C   9  B G   6  1_555 ? ? ? ? ? ? WATSON-CRICK         ?     ? 
? 
hydrog16 hydrog ?    ? A C   9  O2    ? ? ? 1_555 B G   5  N2 ? ? A C   9  B G   6  1_555 ? ? ? ? ? ? WATSON-CRICK         ?     ? 
? 
hydrog17 hydrog ?    ? A A   10 N1    ? ? ? 1_555 B U   4  N3 ? ? A A   10 B U   5  1_555 ? ? ? ? ? ? WATSON-CRICK         ?     ? 
? 
hydrog18 hydrog ?    ? A A   10 N6    ? ? ? 1_555 B U   4  O4 ? ? A A   10 B U   5  1_555 ? ? ? ? ? ? WATSON-CRICK         ?     ? 
? 
hydrog19 hydrog ?    ? A C   11 O2    ? ? ? 1_555 B G   3  N1 ? ? A C   11 B G   4  1_555 ? ? ? ? ? ? 'C-G PAIR'           ?     ? 
? 
hydrog20 hydrog ?    ? A C   12 N3    ? ? ? 1_555 B G   2  N1 ? ? A C   12 B G   3  1_555 ? ? ? ? ? ? WATSON-CRICK         ?     ? 
? 
hydrog21 hydrog ?    ? A C   12 N4    ? ? ? 1_555 B G   2  O6 ? ? A C   12 B G   3  1_555 ? ? ? ? ? ? WATSON-CRICK         ?     ? 
? 
hydrog22 hydrog ?    ? A C   12 O2    ? ? ? 1_555 B G   2  N2 ? ? A C   12 B G   3  1_555 ? ? ? ? ? ? WATSON-CRICK         ?     ? 
? 
hydrog23 hydrog ?    ? A G   13 N1    ? ? ? 1_555 B C   1  N3 ? ? A G   13 B C   2  1_555 ? ? ? ? ? ? WATSON-CRICK         ?     ? 
? 
hydrog24 hydrog ?    ? A G   13 N2    ? ? ? 1_555 B C   1  O2 ? ? A G   13 B C   2  1_555 ? ? ? ? ? ? WATSON-CRICK         ?     ? 
? 
hydrog25 hydrog ?    ? A G   13 O6    ? ? ? 1_555 B C   1  N4 ? ? A G   13 B C   2  1_555 ? ? ? ? ? ? WATSON-CRICK         ?     ? 
? 
hydrog26 hydrog ?    ? C G   1  N1    ? ? ? 1_555 D C   19 N3 ? ? C G   15 D C   49 1_555 ? ? ? ? ? ? WATSON-CRICK         ?     ? 
? 
hydrog27 hydrog ?    ? C G   1  N2    ? ? ? 1_555 D C   19 O2 ? ? C G   15 D C   49 1_555 ? ? ? ? ? ? WATSON-CRICK         ?     ? 
? 
hydrog28 hydrog ?    ? C G   1  O6    ? ? ? 1_555 D C   19 N4 ? ? C G   15 D C   49 1_555 ? ? ? ? ? ? WATSON-CRICK         ?     ? 
? 
hydrog29 hydrog ?    ? C G   2  N1    ? ? ? 1_555 D C   18 N3 ? ? C G   16 D C   48 1_555 ? ? ? ? ? ? WATSON-CRICK         ?     ? 
? 
hydrog30 hydrog ?    ? C G   2  N2    ? ? ? 1_555 D C   18 O2 ? ? C G   16 D C   48 1_555 ? ? ? ? ? ? WATSON-CRICK         ?     ? 
? 
hydrog31 hydrog ?    ? C G   2  O6    ? ? ? 1_555 D C   18 N4 ? ? C G   16 D C   48 1_555 ? ? ? ? ? ? WATSON-CRICK         ?     ? 
? 
hydrog32 hydrog ?    ? C C   3  N3    ? ? ? 1_555 D G   17 N1 ? ? C C   17 D G   47 1_555 ? ? ? ? ? ? WATSON-CRICK         ?     ? 
? 
hydrog33 hydrog ?    ? C C   3  N4    ? ? ? 1_555 D G   17 O6 ? ? C C   17 D G   47 1_555 ? ? ? ? ? ? WATSON-CRICK         ?     ? 
? 
hydrog34 hydrog ?    ? C C   3  O2    ? ? ? 1_555 D G   17 N2 ? ? C C   17 D G   47 1_555 ? ? ? ? ? ? WATSON-CRICK         ?     ? 
? 
hydrog35 hydrog ?    ? C A   4  N1    ? ? ? 1_555 D U   16 N3 ? ? C A   18 D U   46 1_555 ? ? ? ? ? ? WATSON-CRICK         ?     ? 
? 
hydrog36 hydrog ?    ? C A   4  N6    ? ? ? 1_555 D U   16 O4 ? ? C A   18 D U   46 1_555 ? ? ? ? ? ? WATSON-CRICK         ?     ? 
? 
hydrog37 hydrog ?    ? C G   5  N1    ? ? ? 1_555 D C   15 N3 ? ? C G   19 D C   45 1_555 ? ? ? ? ? ? WATSON-CRICK         ?     ? 
? 
hydrog38 hydrog ?    ? C G   5  N2    ? ? ? 1_555 D C   15 O2 ? ? C G   19 D C   45 1_555 ? ? ? ? ? ? WATSON-CRICK         ?     ? 
? 
hydrog39 hydrog ?    ? C G   5  O6    ? ? ? 1_555 D C   15 N4 ? ? C G   19 D C   45 1_555 ? ? ? ? ? ? WATSON-CRICK         ?     ? 
? 
hydrog40 hydrog ?    ? C A   6  N1    ? ? ? 1_555 D C   14 N4 ? ? C A   20 D C   44 1_555 ? ? ? ? ? ? 'A-C MISPAIR'        ?     ? 
? 
hydrog41 hydrog ?    ? C G   7  N2    ? ? ? 1_555 D A   13 N7 ? ? C G   21 D A   43 1_555 ? ? ? ? ? ? TYPE_11_PAIR         ?     ? 
? 
hydrog42 hydrog ?    ? C G   7  N3    ? ? ? 1_555 D A   13 N6 ? ? C G   21 D A   43 1_555 ? ? ? ? ? ? TYPE_11_PAIR         ?     ? 
? 
hydrog43 hydrog ?    ? C A   8  N6    ? ? ? 1_555 D U   11 O2 ? ? C A   22 D U   41 1_555 ? ? ? ? ? ? 'REVERSED HOOGSTEEN' ?     ? 
? 
hydrog44 hydrog ?    ? C A   8  N7    ? ? ? 1_555 D U   11 N3 ? ? C A   22 D U   41 1_555 ? ? ? ? ? ? 'REVERSED HOOGSTEEN' ?     ? 
? 
hydrog45 hydrog ?    ? C A   9  N6    ? ? ? 1_555 D A   10 N1 ? ? C A   23 D A   40 1_555 ? ? ? ? ? ? TYPE_5_PAIR          ?     ? 
? 
hydrog46 hydrog ?    ? C A   9  N7    ? ? ? 1_555 D A   10 N6 ? ? C A   23 D A   40 1_555 ? ? ? ? ? ? TYPE_5_PAIR          ?     ? 
? 
hydrog47 hydrog ?    ? C A   10 N6    ? ? ? 1_555 D A   8  N7 A ? C A   24 D A   38 1_555 ? ? ? ? ? ? 'A-A MISPAIR'        ?     ? 
? 
hydrog48 hydrog ?    ? C A   12 N1    ? ? ? 1_555 D G   6  N1 ? ? C A   26 D G   36 1_555 ? ? ? ? ? ? TYPE_8_PAIR          ?     ? 
? 
hydrog49 hydrog ?    ? C A   12 N6    ? ? ? 1_555 D G   6  O6 ? ? C A   26 D G   36 1_555 ? ? ? ? ? ? TYPE_8_PAIR          ?     ? 
? 
hydrog50 hydrog ?    ? C C   13 N3    ? ? ? 1_555 D G   5  N1 ? ? C C   27 D G   35 1_555 ? ? ? ? ? ? WATSON-CRICK         ?     ? 
? 
hydrog51 hydrog ?    ? C C   13 N4    ? ? ? 1_555 D G   5  O6 ? ? C C   27 D G   35 1_555 ? ? ? ? ? ? WATSON-CRICK         ?     ? 
? 
hydrog52 hydrog ?    ? C C   13 O2    ? ? ? 1_555 D G   5  N2 ? ? C C   27 D G   35 1_555 ? ? ? ? ? ? WATSON-CRICK         ?     ? 
? 
hydrog53 hydrog ?    ? C A   14 N1    ? ? ? 1_555 D U   4  N3 ? ? C A   28 D U   34 1_555 ? ? ? ? ? ? WATSON-CRICK         ?     ? 
? 
hydrog54 hydrog ?    ? C A   14 N6    ? ? ? 1_555 D U   4  O4 ? ? C A   28 D U   34 1_555 ? ? ? ? ? ? WATSON-CRICK         ?     ? 
? 
hydrog55 hydrog ?    ? C C   15 N3    ? ? ? 1_555 D G   3  N1 ? ? C C   29 D G   33 1_555 ? ? ? ? ? ? WATSON-CRICK         ?     ? 
? 
hydrog56 hydrog ?    ? C C   15 N4    ? ? ? 1_555 D G   3  O6 ? ? C C   29 D G   33 1_555 ? ? ? ? ? ? WATSON-CRICK         ?     ? 
? 
hydrog57 hydrog ?    ? C C   15 O2    ? ? ? 1_555 D G   3  N2 ? ? C C   29 D G   33 1_555 ? ? ? ? ? ? WATSON-CRICK         ?     ? 
? 
hydrog58 hydrog ?    ? C G   16 N1    ? ? ? 1_555 D C   2  N3 ? ? C G   30 D C   32 1_555 ? ? ? ? ? ? WATSON-CRICK         ?     ? 
? 
hydrog59 hydrog ?    ? C G   16 N2    ? ? ? 1_555 D C   2  O2 ? ? C G   30 D C   32 1_555 ? ? ? ? ? ? WATSON-CRICK         ?     ? 
? 
hydrog60 hydrog ?    ? C G   16 O6    ? ? ? 1_555 D C   2  N4 ? ? C G   30 D C   32 1_555 ? ? ? ? ? ? WATSON-CRICK         ?     ? 
? 
hydrog61 hydrog ?    ? C A   17 N1    ? ? ? 1_555 D U   1  N3 ? ? C A   31 D U   31 1_555 ? ? ? ? ? ? WATSON-CRICK         ?     ? 
? 
hydrog62 hydrog ?    ? C A   17 N6    ? ? ? 1_555 D U   1  O4 ? ? C A   31 D U   31 1_555 ? ? ? ? ? ? WATSON-CRICK         ?     ? 
? 
# 
loop_
_struct_conn_type.id 
_struct_conn_type.criteria 
_struct_conn_type.reference 
covale ? ? 
hydrog ? ? 
# 
loop_
_struct_site.id 
_struct_site.pdbx_evidence_code 
_struct_site.pdbx_auth_asym_id 
_struct_site.pdbx_auth_comp_id 
_struct_site.pdbx_auth_seq_id 
_struct_site.pdbx_auth_ins_code 
_struct_site.pdbx_num_residues 
_struct_site.details 
AC1 Software A SO4 201 ? 1 'BINDING SITE FOR RESIDUE SO4 A 201' 
AC2 Software C NCO 101 ? 5 'BINDING SITE FOR RESIDUE NCO C 101' 
AC3 Software B NCO 102 ? 5 'BINDING SITE FOR RESIDUE NCO B 102' 
# 
loop_
_struct_site_gen.id 
_struct_site_gen.site_id 
_struct_site_gen.pdbx_num_res 
_struct_site_gen.label_comp_id 
_struct_site_gen.label_asym_id 
_struct_site_gen.label_seq_id 
_struct_site_gen.pdbx_auth_ins_code 
_struct_site_gen.auth_comp_id 
_struct_site_gen.auth_asym_id 
_struct_site_gen.auth_seq_id 
_struct_site_gen.label_atom_id 
_struct_site_gen.label_alt_id 
_struct_site_gen.symmetry 
_struct_site_gen.details 
1  AC1 1 C A 2  ? C A 2  . ? 1_555 ? 
2  AC2 5 G C 5  ? G C 19 . ? 1_555 ? 
3  AC2 5 A C 6  ? A C 20 . ? 1_555 ? 
4  AC2 5 G C 7  ? G C 21 . ? 1_555 ? 
5  AC2 5 A D 10 ? A D 40 . ? 1_555 ? 
6  AC2 5 U D 11 ? U D 41 . ? 1_555 ? 
7  AC3 5 U A 7  ? U A 7  . ? 1_555 ? 
8  AC3 5 A B 8  ? A B 9  . ? 1_555 ? 
9  AC3 5 A B 9  ? A B 10 . ? 1_555 ? 
10 AC3 5 A C 12 ? A C 26 . ? 1_555 ? 
11 AC3 5 C C 13 ? C C 27 . ? 1_555 ? 
# 
_atom_sites.entry_id                    2D2K 
_atom_sites.fract_transf_matrix[1][1]   -0.00788463 
_atom_sites.fract_transf_matrix[1][2]   -0.00575338 
_atom_sites.fract_transf_matrix[1][3]   -0.00763165 
_atom_sites.fract_transf_matrix[2][1]   -0.00717078 
_atom_sites.fract_transf_matrix[2][2]   0.00661549 
_atom_sites.fract_transf_matrix[2][3]   -0.00763561 
_atom_sites.fract_transf_matrix[3][1]   0.00562100 
_atom_sites.fract_transf_matrix[3][2]   -0.00032619 
_atom_sites.fract_transf_matrix[3][3]   -0.00556142 
_atom_sites.fract_transf_vector[1]      0.428421 
_atom_sites.fract_transf_vector[2]      0.202720 
_atom_sites.fract_transf_vector[3]      0.386199 
# 
loop_
_atom_type.symbol 
C  
CO 
N  
O  
P  
S  
# 
loop_
_atom_site.group_PDB 
_atom_site.id 
_atom_site.type_symbol 
_atom_site.label_atom_id 
_atom_site.label_alt_id 
_atom_site.label_comp_id 
_atom_site.label_asym_id 
_atom_site.label_entity_id 
_atom_site.label_seq_id 
_atom_site.pdbx_PDB_ins_code 
_atom_site.Cartn_x 
_atom_site.Cartn_y 
_atom_site.Cartn_z 
_atom_site.occupancy 
_atom_site.B_iso_or_equiv 
_atom_site.pdbx_formal_charge 
_atom_site.auth_seq_id 
_atom_site.auth_comp_id 
_atom_site.auth_asym_id 
_atom_site.auth_atom_id 
_atom_site.pdbx_PDB_model_num 
ATOM   1    O  "O5'" A U   A 1 1  ? -5.126  -0.127  -19.514 0.50 59.19  ? 1   U   A "O5'" 1 
ATOM   2    O  "O5'" B U   A 1 1  ? -4.343  -0.040  -20.281 0.50 50.22  ? 1   U   A "O5'" 1 
ATOM   3    C  "C5'" A U   A 1 1  ? -4.708  0.460   -20.751 0.50 55.29  ? 1   U   A "C5'" 1 
ATOM   4    C  "C5'" B U   A 1 1  ? -5.471  0.835   -20.256 0.50 52.19  ? 1   U   A "C5'" 1 
ATOM   5    C  "C4'" A U   A 1 1  ? -4.661  1.965   -20.647 0.50 55.91  ? 1   U   A "C4'" 1 
ATOM   6    C  "C4'" B U   A 1 1  ? -5.023  2.274   -20.302 0.50 52.65  ? 1   U   A "C4'" 1 
ATOM   7    O  "O4'" A U   A 1 1  ? -6.007  2.514   -20.693 0.50 55.81  ? 1   U   A "O4'" 1 
ATOM   8    O  "O4'" B U   A 1 1  ? -6.179  3.154   -20.226 0.50 51.39  ? 1   U   A "O4'" 1 
ATOM   9    C  "C3'" A U   A 1 1  ? -4.087  2.480   -19.341 0.50 56.75  ? 1   U   A "C3'" 1 
ATOM   10   C  "C3'" B U   A 1 1  ? -4.149  2.704   -19.135 0.50 54.99  ? 1   U   A "C3'" 1 
ATOM   11   O  "O3'" A U   A 1 1  ? -2.676  2.536   -19.410 0.50 61.36  ? 1   U   A "O3'" 1 
ATOM   12   O  "O3'" B U   A 1 1  ? -2.776  2.432   -19.358 0.50 60.43  ? 1   U   A "O3'" 1 
ATOM   13   C  "C2'" A U   A 1 1  ? -4.737  3.849   -19.238 0.50 55.29  ? 1   U   A "C2'" 1 
ATOM   14   C  "C2'" B U   A 1 1  ? -4.368  4.204   -19.105 0.50 53.78  ? 1   U   A "C2'" 1 
ATOM   15   O  "O2'" A U   A 1 1  ? -4.174  4.797   -20.119 0.50 56.52  ? 1   U   A "O2'" 1 
ATOM   16   O  "O2'" B U   A 1 1  ? -3.620  4.867   -20.103 0.50 57.17  ? 1   U   A "O2'" 1 
ATOM   17   C  "C1'" A U   A 1 1  ? -6.151  3.513   -19.699 0.50 53.03  ? 1   U   A "C1'" 1 
ATOM   18   C  "C1'" B U   A 1 1  ? -5.844  4.289   -19.453 0.50 50.63  ? 1   U   A "C1'" 1 
ATOM   19   N  N1    A U   A 1 1  ? -6.910  2.903   -18.609 0.50 51.42  ? 1   U   A N1    1 
ATOM   20   N  N1    B U   A 1 1  ? -6.754  4.354   -18.305 0.50 49.26  ? 1   U   A N1    1 
ATOM   21   C  C2    A U   A 1 1  ? -7.520  3.723   -17.681 0.50 50.88  ? 1   U   A C2    1 
ATOM   22   C  C2    B U   A 1 1  ? -7.160  3.166   -17.722 0.50 49.46  ? 1   U   A C2    1 
ATOM   23   O  O2    A U   A 1 1  ? -7.460  4.945   -17.727 0.50 49.42  ? 1   U   A O2    1 
ATOM   24   O  O2    B U   A 1 1  ? -6.742  2.069   -18.059 0.50 48.65  ? 1   U   A O2    1 
ATOM   25   N  N3    A U   A 1 1  ? -8.201  3.054   -16.695 0.50 51.38  ? 1   U   A N3    1 
ATOM   26   N  N3    B U   A 1 1  ? -8.083  3.315   -16.734 0.50 49.81  ? 1   U   A N3    1 
ATOM   27   C  C4    A U   A 1 1  ? -8.321  1.680   -16.559 0.50 50.41  ? 1   U   A C4    1 
ATOM   28   C  C4    B U   A 1 1  ? -8.613  4.490   -16.287 0.50 49.30  ? 1   U   A C4    1 
ATOM   29   O  O4    A U   A 1 1  ? -8.972  1.221   -15.630 0.50 50.32  ? 1   U   A O4    1 
ATOM   30   O  O4    B U   A 1 1  ? -9.597  4.440   -15.588 0.50 46.51  ? 1   U   A O4    1 
ATOM   31   C  C5    A U   A 1 1  ? -7.657  0.917   -17.561 0.50 50.51  ? 1   U   A C5    1 
ATOM   32   C  C5    B U   A 1 1  ? -8.084  5.668   -16.865 0.50 49.13  ? 1   U   A C5    1 
ATOM   33   C  C6    A U   A 1 1  ? -6.996  1.538   -18.525 0.50 50.35  ? 1   U   A C6    1 
ATOM   34   C  C6    B U   A 1 1  ? -7.199  5.565   -17.837 0.50 48.60  ? 1   U   A C6    1 
ATOM   35   P  P     . C   A 1 2  ? -1.805  2.224   -18.099 1.00 64.25  ? 2   C   A P     1 
ATOM   36   O  OP1   . C   A 1 2  ? -0.403  2.491   -18.531 1.00 62.10  ? 2   C   A OP1   1 
ATOM   37   O  OP2   . C   A 1 2  ? -2.167  0.890   -17.549 1.00 62.56  ? 2   C   A OP2   1 
ATOM   38   O  "O5'" . C   A 1 2  ? -2.252  3.362   -17.071 1.00 51.32  ? 2   C   A "O5'" 1 
ATOM   39   C  "C5'" . C   A 1 2  ? -1.972  4.699   -17.404 1.00 43.40  ? 2   C   A "C5'" 1 
ATOM   40   C  "C4'" . C   A 1 2  ? -2.513  5.695   -16.403 1.00 46.61  ? 2   C   A "C4'" 1 
ATOM   41   O  "O4'" . C   A 1 2  ? -3.962  5.552   -16.347 1.00 44.55  ? 2   C   A "O4'" 1 
ATOM   42   C  "C3'" . C   A 1 2  ? -2.033  5.529   -14.969 1.00 42.51  ? 2   C   A "C3'" 1 
ATOM   43   O  "O3'" . C   A 1 2  ? -0.805  6.054   -14.501 1.00 50.62  ? 2   C   A "O3'" 1 
ATOM   44   C  "C2'" . C   A 1 2  ? -3.242  5.509   -14.060 1.00 40.71  ? 2   C   A "C2'" 1 
ATOM   45   O  "O2'" . C   A 1 2  ? -3.411  6.779   -13.472 1.00 43.35  ? 2   C   A "O2'" 1 
ATOM   46   C  "C1'" . C   A 1 2  ? -4.404  5.413   -15.015 1.00 35.41  ? 2   C   A "C1'" 1 
ATOM   47   N  N1    . C   A 1 2  ? -4.976  4.090   -14.758 1.00 31.11  ? 2   C   A N1    1 
ATOM   48   C  C2    . C   A 1 2  ? -5.900  3.982   -13.697 1.00 26.17  ? 2   C   A C2    1 
ATOM   49   O  O2    . C   A 1 2  ? -6.258  5.017   -13.132 1.00 24.89  ? 2   C   A O2    1 
ATOM   50   N  N3    . C   A 1 2  ? -6.377  2.777   -13.332 1.00 21.02  ? 2   C   A N3    1 
ATOM   51   C  C4    . C   A 1 2  ? -5.998  1.697   -14.002 1.00 25.84  ? 2   C   A C4    1 
ATOM   52   N  N4    . C   A 1 2  ? -6.496  0.523   -13.618 1.00 24.99  ? 2   C   A N4    1 
ATOM   53   C  C5    . C   A 1 2  ? -5.083  1.772   -15.119 1.00 30.02  ? 2   C   A C5    1 
ATOM   54   C  C6    . C   A 1 2  ? -4.605  2.982   -15.461 1.00 28.00  ? 2   C   A C6    1 
ATOM   55   P  P     . C   A 1 3  ? 0.079   5.168   -13.479 1.00 46.03  ? 3   C   A P     1 
ATOM   56   O  OP1   . C   A 1 3  ? 1.517   5.353   -13.817 1.00 48.56  ? 3   C   A OP1   1 
ATOM   57   O  OP2   . C   A 1 3  ? -0.499  3.805   -13.470 1.00 40.19  ? 3   C   A OP2   1 
ATOM   58   O  "O5'" . C   A 1 3  ? -0.245  5.806   -12.060 1.00 37.97  ? 3   C   A "O5'" 1 
ATOM   59   C  "C5'" . C   A 1 3  ? -1.585  6.091   -11.754 1.00 35.90  ? 3   C   A "C5'" 1 
ATOM   60   C  "C4'" . C   A 1 3  ? -1.737  6.661   -10.383 1.00 39.96  ? 3   C   A "C4'" 1 
ATOM   61   O  "O4'" . C   A 1 3  ? -3.139  6.558   -10.078 1.00 51.37  ? 3   C   A "O4'" 1 
ATOM   62   C  "C3'" . C   A 1 3  ? -0.969  6.034   -9.250  1.00 46.31  ? 3   C   A "C3'" 1 
ATOM   63   O  "O3'" . C   A 1 3  ? 0.204   6.706   -8.854  1.00 45.89  ? 3   C   A "O3'" 1 
ATOM   64   C  "C2'" . C   A 1 3  ? -1.993  5.619   -8.190  1.00 50.37  ? 3   C   A "C2'" 1 
ATOM   65   O  "O2'" . C   A 1 3  ? -1.987  6.443   -7.031  1.00 44.62  ? 3   C   A "O2'" 1 
ATOM   66   C  "C1'" . C   A 1 3  ? -3.330  5.793   -8.915  1.00 46.20  ? 3   C   A "C1'" 1 
ATOM   67   N  N1    . C   A 1 3  ? -3.716  4.448   -9.388  1.00 40.50  ? 3   C   A N1    1 
ATOM   68   C  C2    . C   A 1 3  ? -4.538  3.653   -8.605  1.00 37.82  ? 3   C   A C2    1 
ATOM   69   O  O2    . C   A 1 3  ? -4.959  4.106   -7.541  1.00 45.64  ? 3   C   A O2    1 
ATOM   70   N  N3    . C   A 1 3  ? -4.856  2.417   -9.027  1.00 35.52  ? 3   C   A N3    1 
ATOM   71   C  C4    . C   A 1 3  ? -4.391  1.974   -10.195 1.00 40.45  ? 3   C   A C4    1 
ATOM   72   N  N4    . C   A 1 3  ? -4.731  0.749   -10.587 1.00 41.57  ? 3   C   A N4    1 
ATOM   73   C  C5    . C   A 1 3  ? -3.555  2.767   -11.021 1.00 40.76  ? 3   C   A C5    1 
ATOM   74   C  C6    . C   A 1 3  ? -3.246  3.982   -10.584 1.00 38.27  ? 3   C   A C6    1 
ATOM   75   P  P     . C   A 1 4  ? 1.305   5.893   -8.034  1.00 44.17  ? 4   C   A P     1 
ATOM   76   O  OP1   . C   A 1 4  ? 2.446   6.785   -7.721  1.00 47.37  ? 4   C   A OP1   1 
ATOM   77   O  OP2   . C   A 1 4  ? 1.541   4.603   -8.743  1.00 37.10  ? 4   C   A OP2   1 
ATOM   78   O  "O5'" . C   A 1 4  ? 0.534   5.560   -6.694  1.00 43.86  ? 4   C   A "O5'" 1 
ATOM   79   C  "C5'" . C   A 1 4  ? 0.721   4.322   -6.074  1.00 47.44  ? 4   C   A "C5'" 1 
ATOM   80   C  "C4'" . C   A 1 4  ? -0.197  4.202   -4.907  1.00 45.43  ? 4   C   A "C4'" 1 
ATOM   81   O  "O4'" . C   A 1 4  ? -1.520  3.998   -5.435  1.00 46.47  ? 4   C   A "O4'" 1 
ATOM   82   C  "C3'" . C   A 1 4  ? 0.128   3.017   -4.027  1.00 43.54  ? 4   C   A "C3'" 1 
ATOM   83   O  "O3'" . C   A 1 4  ? 0.898   3.287   -2.886  1.00 48.61  ? 4   C   A "O3'" 1 
ATOM   84   C  "C2'" . C   A 1 4  ? -1.128  2.189   -3.892  1.00 41.57  ? 4   C   A "C2'" 1 
ATOM   85   O  "O2'" . C   A 1 4  ? -1.654  2.380   -2.597  1.00 48.02  ? 4   C   A "O2'" 1 
ATOM   86   C  "C1'" . C   A 1 4  ? -2.078  2.809   -4.911  1.00 38.39  ? 4   C   A "C1'" 1 
ATOM   87   N  N1    . C   A 1 4  ? -2.182  1.841   -6.014  1.00 37.41  ? 4   C   A N1    1 
ATOM   88   C  C2    . C   A 1 4  ? -3.035  0.747   -5.870  1.00 37.56  ? 4   C   A C2    1 
ATOM   89   O  O2    . C   A 1 4  ? -3.705  0.653   -4.842  1.00 38.04  ? 4   C   A O2    1 
ATOM   90   N  N3    . C   A 1 4  ? -3.105  -0.182  -6.851  1.00 35.33  ? 4   C   A N3    1 
ATOM   91   C  C4    . C   A 1 4  ? -2.363  -0.043  -7.949  1.00 33.07  ? 4   C   A C4    1 
ATOM   92   N  N4    . C   A 1 4  ? -2.455  -0.990  -8.890  1.00 33.80  ? 4   C   A N4    1 
ATOM   93   C  C5    . C   A 1 4  ? -1.492  1.074   -8.132  1.00 32.32  ? 4   C   A C5    1 
ATOM   94   C  C6    . C   A 1 4  ? -1.437  1.986   -7.150  1.00 36.15  ? 4   C   A C6    1 
HETATM 95   P  P     . A2M A 1 5  ? 2.472   3.047   -2.961  1.00 41.03  ? 5   A2M A P     1 
HETATM 96   O  OP1   . A2M A 1 5  ? 3.101   3.543   -1.709  1.00 42.16  ? 5   A2M A OP1   1 
HETATM 97   O  "O5'" . A2M A 1 5  ? 2.607   1.465   -3.069  1.00 42.06  ? 5   A2M A "O5'" 1 
HETATM 98   C  "C5'" . A2M A 1 5  ? 2.057   0.641   -2.053  1.00 42.62  ? 5   A2M A "C5'" 1 
HETATM 99   C  "C4'" . A2M A 1 5  ? 2.041   -0.801  -2.487  1.00 46.46  ? 5   A2M A "C4'" 1 
HETATM 100  O  "O4'" . A2M A 1 5  ? 1.424   -0.883  -3.792  1.00 52.31  ? 5   A2M A "O4'" 1 
HETATM 101  C  "C3'" . A2M A 1 5  ? 3.453   -1.369  -2.646  1.00 45.78  ? 5   A2M A "C3'" 1 
HETATM 102  O  "O3'" . A2M A 1 5  ? 3.501   -2.687  -2.067  1.00 52.79  ? 5   A2M A "O3'" 1 
HETATM 103  C  "C2'" . A2M A 1 5  ? 3.774   -1.236  -4.134  1.00 45.37  ? 5   A2M A "C2'" 1 
HETATM 104  O  "O2'" . A2M A 1 5  ? 4.452   -2.328  -4.683  1.00 51.91  ? 5   A2M A "O2'" 1 
HETATM 105  C  "C1'" . A2M A 1 5  ? 2.381   -1.292  -4.728  1.00 50.43  ? 5   A2M A "C1'" 1 
HETATM 106  C  "CM'" . A2M A 1 5  ? 5.875   -2.033  -4.920  1.00 55.64  ? 5   A2M A "CM'" 1 
HETATM 107  N  N9    . A2M A 1 5  ? 2.077   -0.787  -6.056  1.00 49.60  ? 5   A2M A N9    1 
HETATM 108  C  C8    . A2M A 1 5  ? 2.174   0.451   -6.634  1.00 53.06  ? 5   A2M A C8    1 
HETATM 109  N  N7    . A2M A 1 5  ? 1.802   0.470   -7.895  1.00 53.09  ? 5   A2M A N7    1 
HETATM 110  C  C5    . A2M A 1 5  ? 1.430   -0.845  -8.151  1.00 49.97  ? 5   A2M A C5    1 
HETATM 111  C  C6    . A2M A 1 5  ? 0.947   -1.498  -9.300  1.00 51.14  ? 5   A2M A C6    1 
HETATM 112  N  N6    . A2M A 1 5  ? 0.731   -0.886  -10.463 1.00 57.28  ? 5   A2M A N6    1 
HETATM 113  N  N1    . A2M A 1 5  ? 0.689   -2.823  -9.211  1.00 50.87  ? 5   A2M A N1    1 
HETATM 114  C  C2    . A2M A 1 5  ? 0.898   -3.437  -8.044  1.00 47.83  ? 5   A2M A C2    1 
HETATM 115  N  N3    . A2M A 1 5  ? 1.343   -2.935  -6.902  1.00 51.13  ? 5   A2M A N3    1 
HETATM 116  C  C4    . A2M A 1 5  ? 1.594   -1.622  -7.029  1.00 48.84  ? 5   A2M A C4    1 
HETATM 117  O  OP2   . A2M A 1 5  ? 2.849   3.643   -4.252  1.00 43.91  ? 5   A2M A OP2   1 
ATOM   118  P  P     . G   A 1 6  ? 4.901   -3.476  -1.900  1.00 52.27  ? 6   G   A P     1 
ATOM   119  O  OP1   . G   A 1 6  ? 5.879   -2.500  -1.346  1.00 52.02  ? 6   G   A OP1   1 
ATOM   120  O  OP2   . G   A 1 6  ? 5.238   -4.256  -3.132  1.00 41.17  ? 6   G   A OP2   1 
ATOM   121  O  "O5'" . G   A 1 6  ? 4.601   -4.563  -0.770  1.00 51.59  ? 6   G   A "O5'" 1 
ATOM   122  C  "C5'" . G   A 1 6  ? 4.016   -4.187  0.473   1.00 44.75  ? 6   G   A "C5'" 1 
ATOM   123  C  "C4'" . G   A 1 6  ? 4.850   -4.687  1.633   1.00 46.83  ? 6   G   A "C4'" 1 
ATOM   124  O  "O4'" . G   A 1 6  ? 4.288   -4.169  2.856   1.00 52.18  ? 6   G   A "O4'" 1 
ATOM   125  C  "C3'" . G   A 1 6  ? 4.837   -6.204  1.757   1.00 44.25  ? 6   G   A "C3'" 1 
ATOM   126  O  "O3'" . G   A 1 6  ? 6.109   -6.690  2.176   1.00 46.67  ? 6   G   A "O3'" 1 
ATOM   127  C  "C2'" . G   A 1 6  ? 3.750   -6.514  2.776   1.00 49.36  ? 6   G   A "C2'" 1 
ATOM   128  O  "O2'" . G   A 1 6  ? 4.176   -7.539  3.645   1.00 58.25  ? 6   G   A "O2'" 1 
ATOM   129  C  "C1'" . G   A 1 6  ? 3.705   -5.213  3.584   1.00 47.76  ? 6   G   A "C1'" 1 
ATOM   130  N  N9    . G   A 1 6  ? 2.429   -4.770  4.121   1.00 42.26  ? 6   G   A N9    1 
ATOM   131  C  C8    . G   A 1 6  ? 2.227   -4.140  5.326   1.00 44.14  ? 6   G   A C8    1 
ATOM   132  N  N7    . G   A 1 6  ? 0.968   -3.957  5.600   1.00 40.75  ? 6   G   A N7    1 
ATOM   133  C  C5    . G   A 1 6  ? 0.302   -4.483  4.503   1.00 39.43  ? 6   G   A C5    1 
ATOM   134  C  C6    . G   A 1 6  ? -1.083  -4.614  4.250   1.00 36.06  ? 6   G   A C6    1 
ATOM   135  O  O6    . G   A 1 6  ? -2.018  -4.338  4.990   1.00 35.89  ? 6   G   A O6    1 
ATOM   136  N  N1    . G   A 1 6  ? -1.331  -5.158  2.998   1.00 35.01  ? 6   G   A N1    1 
ATOM   137  C  C2    . G   A 1 6  ? -0.362  -5.557  2.113   1.00 36.81  ? 6   G   A C2    1 
ATOM   138  N  N2    . G   A 1 6  ? -0.801  -6.022  0.935   1.00 30.33  ? 6   G   A N2    1 
ATOM   139  N  N3    . G   A 1 6  ? 0.940   -5.496  2.363   1.00 34.23  ? 6   G   A N3    1 
ATOM   140  C  C4    . G   A 1 6  ? 1.193   -4.948  3.563   1.00 38.40  ? 6   G   A C4    1 
ATOM   141  P  P     . U   A 1 7  ? 7.067   -7.478  1.160   1.00 55.87  ? 7   U   A P     1 
ATOM   142  O  OP1   . U   A 1 7  ? 8.216   -7.963  1.956   1.00 52.69  ? 7   U   A OP1   1 
ATOM   143  O  OP2   . U   A 1 7  ? 7.310   -6.607  -0.009  1.00 48.78  ? 7   U   A OP2   1 
ATOM   144  O  "O5'" . U   A 1 7  ? 6.218   -8.749  0.727   1.00 48.05  ? 7   U   A "O5'" 1 
ATOM   145  C  "C5'" . U   A 1 7  ? 5.981   -9.792  1.658   1.00 48.32  ? 7   U   A "C5'" 1 
ATOM   146  C  "C4'" . U   A 1 7  ? 5.497   -11.020 0.945   1.00 54.36  ? 7   U   A "C4'" 1 
ATOM   147  O  "O4'" . U   A 1 7  ? 4.209   -10.735 0.353   1.00 59.07  ? 7   U   A "O4'" 1 
ATOM   148  C  "C3'" . U   A 1 7  ? 6.354   -11.446 -0.230  1.00 56.22  ? 7   U   A "C3'" 1 
ATOM   149  O  "O3'" . U   A 1 7  ? 7.430   -12.259 0.177   1.00 56.21  ? 7   U   A "O3'" 1 
ATOM   150  C  "C2'" . U   A 1 7  ? 5.376   -12.235 -1.077  1.00 54.56  ? 7   U   A "C2'" 1 
ATOM   151  O  "O2'" . U   A 1 7  ? 5.185   -13.557 -0.625  1.00 54.94  ? 7   U   A "O2'" 1 
ATOM   152  C  "C1'" . U   A 1 7  ? 4.102   -11.419 -0.883  1.00 53.46  ? 7   U   A "C1'" 1 
ATOM   153  N  N1    . U   A 1 7  ? 3.962   -10.430 -1.951  1.00 50.65  ? 7   U   A N1    1 
ATOM   154  C  C2    . U   A 1 7  ? 3.503   -10.889 -3.166  1.00 53.19  ? 7   U   A C2    1 
ATOM   155  O  O2    . U   A 1 7  ? 3.231   -12.062 -3.362  1.00 55.82  ? 7   U   A O2    1 
ATOM   156  N  N3    . U   A 1 7  ? 3.381   -9.935  -4.142  1.00 54.65  ? 7   U   A N3    1 
ATOM   157  C  C4    . U   A 1 7  ? 3.672   -8.596  -4.025  1.00 53.66  ? 7   U   A C4    1 
ATOM   158  O  O4    . U   A 1 7  ? 3.532   -7.864  -5.005  1.00 55.46  ? 7   U   A O4    1 
ATOM   159  C  C5    . U   A 1 7  ? 4.150   -8.197  -2.731  1.00 52.69  ? 7   U   A C5    1 
ATOM   160  C  C6    . U   A 1 7  ? 4.275   -9.109  -1.761  1.00 50.46  ? 7   U   A C6    1 
ATOM   161  P  P     . C   A 1 8  ? 8.826   -12.131 -0.586  1.00 66.50  ? 8   C   A P     1 
ATOM   162  O  OP1   . C   A 1 8  ? 9.818   -12.971 0.120   1.00 72.14  ? 8   C   A OP1   1 
ATOM   163  O  OP2   . C   A 1 8  ? 9.070   -10.684 -0.764  1.00 60.38  ? 8   C   A OP2   1 
ATOM   164  O  "O5'" . C   A 1 8  ? 8.560   -12.758 -2.022  1.00 67.14  ? 8   C   A "O5'" 1 
ATOM   165  C  "C5'" . C   A 1 8  ? 8.015   -14.060 -2.152  1.00 70.82  ? 8   C   A "C5'" 1 
ATOM   166  C  "C4'" . C   A 1 8  ? 7.637   -14.303 -3.582  1.00 73.79  ? 8   C   A "C4'" 1 
ATOM   167  O  "O4'" . C   A 1 8  ? 6.477   -13.501 -3.917  1.00 74.46  ? 8   C   A "O4'" 1 
ATOM   168  C  "C3'" . C   A 1 8  ? 8.696   -13.844 -4.563  1.00 74.75  ? 8   C   A "C3'" 1 
ATOM   169  O  "O3'" . C   A 1 8  ? 9.697   -14.827 -4.743  1.00 79.07  ? 8   C   A "O3'" 1 
ATOM   170  C  "C2'" . C   A 1 8  ? 7.891   -13.611 -5.829  1.00 74.13  ? 8   C   A "C2'" 1 
ATOM   171  O  "O2'" . C   A 1 8  ? 7.662   -14.798 -6.556  1.00 69.64  ? 8   C   A "O2'" 1 
ATOM   172  C  "C1'" . C   A 1 8  ? 6.591   -13.043 -5.255  1.00 76.36  ? 8   C   A "C1'" 1 
ATOM   173  N  N1    . C   A 1 8  ? 6.610   -11.574 -5.241  1.00 78.46  ? 8   C   A N1    1 
ATOM   174  C  C2    . C   A 1 8  ? 6.477   -10.892 -6.456  1.00 81.19  ? 8   C   A C2    1 
ATOM   175  O  O2    . C   A 1 8  ? 6.337   -11.548 -7.499  1.00 85.45  ? 8   C   A O2    1 
ATOM   176  N  N3    . C   A 1 8  ? 6.510   -9.542  -6.468  1.00 80.00  ? 8   C   A N3    1 
ATOM   177  C  C4    . C   A 1 8  ? 6.675   -8.874  -5.329  1.00 78.99  ? 8   C   A C4    1 
ATOM   178  N  N4    . C   A 1 8  ? 6.715   -7.540  -5.390  1.00 80.31  ? 8   C   A N4    1 
ATOM   179  C  C5    . C   A 1 8  ? 6.809   -9.543  -4.073  1.00 80.01  ? 8   C   A C5    1 
ATOM   180  C  C6    . C   A 1 8  ? 6.764   -10.881 -4.075  1.00 77.47  ? 8   C   A C6    1 
ATOM   181  P  P     . C   A 1 9  ? 11.165  -14.373 -5.191  1.00 83.29  ? 9   C   A P     1 
ATOM   182  O  OP1   . C   A 1 9  ? 12.020  -15.582 -5.263  1.00 84.18  ? 9   C   A OP1   1 
ATOM   183  O  OP2   . C   A 1 9  ? 11.554  -13.247 -4.305  1.00 83.53  ? 9   C   A OP2   1 
ATOM   184  O  "O5'" . C   A 1 9  ? 10.950  -13.811 -6.664  1.00 82.07  ? 9   C   A "O5'" 1 
ATOM   185  C  "C5'" . C   A 1 9  ? 10.623  -14.689 -7.737  1.00 82.36  ? 9   C   A "C5'" 1 
ATOM   186  C  "C4'" . C   A 1 9  ? 10.786  -13.977 -9.056  1.00 84.17  ? 9   C   A "C4'" 1 
ATOM   187  O  "O4'" . C   A 1 9  ? 9.758   -12.963 -9.178  1.00 83.34  ? 9   C   A "O4'" 1 
ATOM   188  C  "C3'" . C   A 1 9  ? 12.089  -13.215 -9.224  1.00 88.45  ? 9   C   A "C3'" 1 
ATOM   189  O  "O3'" . C   A 1 9  ? 13.139  -14.043 -9.696  1.00 91.52  ? 9   C   A "O3'" 1 
ATOM   190  C  "C2'" . C   A 1 9  ? 11.718  -12.169 -10.259 1.00 87.89  ? 9   C   A "C2'" 1 
ATOM   191  O  "O2'" . C   A 1 9  ? 11.730  -12.695 -11.569 1.00 91.18  ? 9   C   A "O2'" 1 
ATOM   192  C  "C1'" . C   A 1 9  ? 10.291  -11.824 -9.833  1.00 84.42  ? 9   C   A "C1'" 1 
ATOM   193  N  N1    . C   A 1 9  ? 10.258  -10.706 -8.883  1.00 82.33  ? 9   C   A N1    1 
ATOM   194  C  C2    . C   A 1 9  ? 10.626  -9.434  -9.321  1.00 80.58  ? 9   C   A C2    1 
ATOM   195  O  O2    . C   A 1 9  ? 10.967  -9.282  -10.498 1.00 81.14  ? 9   C   A O2    1 
ATOM   196  N  N3    . C   A 1 9  ? 10.596  -8.403  -8.451  1.00 79.46  ? 9   C   A N3    1 
ATOM   197  C  C4    . C   A 1 9  ? 10.212  -8.607  -7.189  1.00 78.82  ? 9   C   A C4    1 
ATOM   198  N  N4    . C   A 1 9  ? 10.193  -7.560  -6.363  1.00 78.59  ? 9   C   A N4    1 
ATOM   199  C  C5    . C   A 1 9  ? 9.829   -9.894  -6.716  1.00 79.30  ? 9   C   A C5    1 
ATOM   200  C  C6    . C   A 1 9  ? 9.870   -10.906 -7.588  1.00 82.38  ? 9   C   A C6    1 
ATOM   201  P  P     . A   A 1 10 ? 14.647  -13.711 -9.267  1.00 96.52  ? 10  A   A P     1 
ATOM   202  O  OP1   . A   A 1 10 ? 15.454  -14.943 -9.415  1.00 99.39  ? 10  A   A OP1   1 
ATOM   203  O  OP2   . A   A 1 10 ? 14.574  -13.032 -7.945  1.00 96.42  ? 10  A   A OP2   1 
ATOM   204  O  "O5'" . A   A 1 10 ? 15.137  -12.626 -10.325 1.00 92.36  ? 10  A   A "O5'" 1 
ATOM   205  C  "C5'" . A   A 1 10 ? 14.983  -12.844 -11.717 1.00 92.86  ? 10  A   A "C5'" 1 
ATOM   206  C  "C4'" . A   A 1 10 ? 15.176  -11.547 -12.462 1.00 93.62  ? 10  A   A "C4'" 1 
ATOM   207  O  "O4'" . A   A 1 10 ? 14.070  -10.657 -12.174 1.00 91.30  ? 10  A   A "O4'" 1 
ATOM   208  C  "C3'" . A   A 1 10 ? 16.408  -10.755 -12.063 1.00 94.65  ? 10  A   A "C3'" 1 
ATOM   209  O  "O3'" . A   A 1 10 ? 17.547  -11.201 -12.784 1.00 98.13  ? 10  A   A "O3'" 1 
ATOM   210  C  "C2'" . A   A 1 10 ? 16.023  -9.340  -12.464 1.00 92.42  ? 10  A   A "C2'" 1 
ATOM   211  O  "O2'" . A   A 1 10 ? 16.202  -9.103  -13.844 1.00 89.78  ? 10  A   A "O2'" 1 
ATOM   212  C  "C1'" . A   A 1 10 ? 14.537  -9.324  -12.113 1.00 90.70  ? 10  A   A "C1'" 1 
ATOM   213  N  N9    . A   A 1 10 ? 14.292  -8.832  -10.765 1.00 89.05  ? 10  A   A N9    1 
ATOM   214  C  C8    . A   A 1 10 ? 13.991  -9.560  -9.643  1.00 90.53  ? 10  A   A C8    1 
ATOM   215  N  N7    . A   A 1 10 ? 13.805  -8.827  -8.574  1.00 89.48  ? 10  A   A N7    1 
ATOM   216  C  C5    . A   A 1 10 ? 14.005  -7.529  -9.025  1.00 87.83  ? 10  A   A C5    1 
ATOM   217  C  C6    . A   A 1 10 ? 13.950  -6.286  -8.378  1.00 87.35  ? 10  A   A C6    1 
ATOM   218  N  N6    . A   A 1 10 ? 13.669  -6.138  -7.084  1.00 86.42  ? 10  A   A N6    1 
ATOM   219  N  N1    . A   A 1 10 ? 14.200  -5.182  -9.116  1.00 88.54  ? 10  A   A N1    1 
ATOM   220  C  C2    . A   A 1 10 ? 14.485  -5.332  -10.414 1.00 89.12  ? 10  A   A C2    1 
ATOM   221  N  N3    . A   A 1 10 ? 14.566  -6.447  -11.135 1.00 88.50  ? 10  A   A N3    1 
ATOM   222  C  C4    . A   A 1 10 ? 14.311  -7.521  -10.371 1.00 87.90  ? 10  A   A C4    1 
ATOM   223  P  P     . C   A 1 11 ? 18.972  -11.266 -12.050 1.00 100.27 ? 11  C   A P     1 
ATOM   224  O  OP1   . C   A 1 11 ? 19.869  -12.131 -12.862 1.00 100.89 ? 11  C   A OP1   1 
ATOM   225  O  OP2   . C   A 1 11 ? 18.715  -11.595 -10.623 1.00 99.07  ? 11  C   A OP2   1 
ATOM   226  O  "O5'" . C   A 1 11 ? 19.510  -9.772  -12.118 1.00 96.88  ? 11  C   A "O5'" 1 
ATOM   227  C  "C5'" . C   A 1 11 ? 19.791  -9.166  -13.365 1.00 95.62  ? 11  C   A "C5'" 1 
ATOM   228  C  "C4'" . C   A 1 11 ? 19.755  -7.672  -13.224 1.00 96.77  ? 11  C   A "C4'" 1 
ATOM   229  O  "O4'" . C   A 1 11 ? 18.437  -7.282  -12.761 1.00 96.16  ? 11  C   A "O4'" 1 
ATOM   230  C  "C3'" . C   A 1 11 ? 20.683  -7.112  -12.161 1.00 98.24  ? 11  C   A "C3'" 1 
ATOM   231  O  "O3'" . C   A 1 11 ? 22.008  -6.938  -12.641 1.00 100.07 ? 11  C   A "O3'" 1 
ATOM   232  C  "C2'" . C   A 1 11 ? 20.023  -5.784  -11.829 1.00 97.36  ? 11  C   A "C2'" 1 
ATOM   233  O  "O2'" . C   A 1 11 ? 20.299  -4.791  -12.792 1.00 98.80  ? 11  C   A "O2'" 1 
ATOM   234  C  "C1'" . C   A 1 11 ? 18.546  -6.166  -11.893 1.00 96.27  ? 11  C   A "C1'" 1 
ATOM   235  N  N1    . C   A 1 11 ? 18.043  -6.551  -10.570 1.00 96.48  ? 11  C   A N1    1 
ATOM   236  C  C2    . C   A 1 11 ? 17.828  -5.545  -9.623  1.00 96.47  ? 11  C   A C2    1 
ATOM   237  O  O2    . C   A 1 11 ? 18.018  -4.365  -9.950  1.00 94.63  ? 11  C   A O2    1 
ATOM   238  N  N3    . C   A 1 11 ? 17.419  -5.881  -8.382  1.00 96.18  ? 11  C   A N3    1 
ATOM   239  C  C4    . C   A 1 11 ? 17.215  -7.164  -8.076  1.00 97.08  ? 11  C   A C4    1 
ATOM   240  N  N4    . C   A 1 11 ? 16.833  -7.454  -6.833  1.00 97.82  ? 11  C   A N4    1 
ATOM   241  C  C5    . C   A 1 11 ? 17.398  -8.208  -9.032  1.00 96.95  ? 11  C   A C5    1 
ATOM   242  C  C6    . C   A 1 11 ? 17.809  -7.859  -10.255 1.00 96.14  ? 11  C   A C6    1 
ATOM   243  P  P     . C   A 1 12 ? 23.231  -6.957  -11.599 1.00 101.73 ? 12  C   A P     1 
ATOM   244  O  OP1   . C   A 1 12 ? 24.501  -6.928  -12.378 1.00 101.55 ? 12  C   A OP1   1 
ATOM   245  O  OP2   . C   A 1 12 ? 22.972  -8.066  -10.641 1.00 100.42 ? 12  C   A OP2   1 
ATOM   246  O  "O5'" . C   A 1 12 ? 23.090  -5.584  -10.802 1.00 93.83  ? 12  C   A "O5'" 1 
ATOM   247  C  "C5'" . C   A 1 12 ? 23.286  -4.349  -11.469 1.00 89.51  ? 12  C   A "C5'" 1 
ATOM   248  C  "C4'" . C   A 1 12 ? 23.164  -3.201  -10.504 1.00 89.73  ? 12  C   A "C4'" 1 
ATOM   249  O  "O4'" . C   A 1 12 ? 21.813  -3.159  -9.967  1.00 88.37  ? 12  C   A "O4'" 1 
ATOM   250  C  "C3'" . C   A 1 12 ? 24.028  -3.321  -9.262  1.00 92.02  ? 12  C   A "C3'" 1 
ATOM   251  O  "O3'" . C   A 1 12 ? 25.357  -2.886  -9.492  1.00 96.77  ? 12  C   A "O3'" 1 
ATOM   252  C  "C2'" . C   A 1 12 ? 23.305  -2.421  -8.268  1.00 87.51  ? 12  C   A "C2'" 1 
ATOM   253  O  "O2'" . C   A 1 12 ? 23.590  -1.046  -8.463  1.00 84.85  ? 12  C   A "O2'" 1 
ATOM   254  C  "C1'" . C   A 1 12 ? 21.845  -2.697  -8.622  1.00 82.33  ? 12  C   A "C1'" 1 
ATOM   255  N  N1    . C   A 1 12 ? 21.195  -3.694  -7.748  1.00 75.61  ? 12  C   A N1    1 
ATOM   256  C  C2    . C   A 1 12 ? 20.635  -3.261  -6.524  1.00 72.13  ? 12  C   A C2    1 
ATOM   257  O  O2    . C   A 1 12 ? 20.725  -2.061  -6.209  1.00 66.83  ? 12  C   A O2    1 
ATOM   258  N  N3    . C   A 1 12 ? 20.015  -4.161  -5.728  1.00 69.05  ? 12  C   A N3    1 
ATOM   259  C  C4    . C   A 1 12 ? 19.942  -5.443  -6.101  1.00 70.35  ? 12  C   A C4    1 
ATOM   260  N  N4    . C   A 1 12 ? 19.304  -6.293  -5.291  1.00 70.73  ? 12  C   A N4    1 
ATOM   261  C  C5    . C   A 1 12 ? 20.516  -5.912  -7.327  1.00 70.71  ? 12  C   A C5    1 
ATOM   262  C  C6    . C   A 1 12 ? 21.127  -5.012  -8.112  1.00 71.35  ? 12  C   A C6    1 
ATOM   263  P  P     . G   A 1 13 ? 26.518  -3.355  -8.489  1.00 100.26 ? 13  G   A P     1 
ATOM   264  O  OP1   . G   A 1 13 ? 27.822  -2.875  -9.025  1.00 101.94 ? 13  G   A OP1   1 
ATOM   265  O  OP2   . G   A 1 13 ? 26.307  -4.808  -8.237  1.00 101.27 ? 13  G   A OP2   1 
ATOM   266  O  "O5'" . G   A 1 13 ? 26.200  -2.564  -7.144  1.00 94.69  ? 13  G   A "O5'" 1 
ATOM   267  C  "C5'" . G   A 1 13 ? 26.596  -1.207  -6.989  1.00 92.44  ? 13  G   A "C5'" 1 
ATOM   268  C  "C4'" . G   A 1 13 ? 26.427  -0.782  -5.553  1.00 90.75  ? 13  G   A "C4'" 1 
ATOM   269  O  "O4'" . G   A 1 13 ? 25.014  -0.817  -5.214  1.00 88.99  ? 13  G   A "O4'" 1 
ATOM   270  C  "C3'" . G   A 1 13 ? 27.073  -1.701  -4.530  1.00 91.03  ? 13  G   A "C3'" 1 
ATOM   271  O  "O3'" . G   A 1 13 ? 28.500  -1.598  -4.438  1.00 96.77  ? 13  G   A "O3'" 1 
ATOM   272  C  "C2'" . G   A 1 13 ? 26.257  -1.414  -3.274  1.00 88.15  ? 13  G   A "C2'" 1 
ATOM   273  O  "O2'" . G   A 1 13 ? 26.628  -0.236  -2.587  1.00 87.86  ? 13  G   A "O2'" 1 
ATOM   274  C  "C1'" . G   A 1 13 ? 24.859  -1.237  -3.869  1.00 84.21  ? 13  G   A "C1'" 1 
ATOM   275  N  N9    . G   A 1 13 ? 24.117  -2.489  -3.866  1.00 78.17  ? 13  G   A N9    1 
ATOM   276  C  C8    . G   A 1 13 ? 24.139  -3.485  -4.812  1.00 76.49  ? 13  G   A C8    1 
ATOM   277  N  N7    . G   A 1 13 ? 23.383  -4.501  -4.497  1.00 75.63  ? 13  G   A N7    1 
ATOM   278  C  C5    . G   A 1 13 ? 22.824  -4.146  -3.275  1.00 73.87  ? 13  G   A C5    1 
ATOM   279  C  C6    . G   A 1 13 ? 21.926  -4.847  -2.430  1.00 71.32  ? 13  G   A C6    1 
ATOM   280  O  O6    . G   A 1 13 ? 21.420  -5.962  -2.600  1.00 71.43  ? 13  G   A O6    1 
ATOM   281  N  N1    . G   A 1 13 ? 21.630  -4.119  -1.285  1.00 68.94  ? 13  G   A N1    1 
ATOM   282  C  C2    . G   A 1 13 ? 22.130  -2.874  -0.989  1.00 71.12  ? 13  G   A C2    1 
ATOM   283  N  N2    . G   A 1 13 ? 21.740  -2.325  0.157   1.00 69.64  ? 13  G   A N2    1 
ATOM   284  N  N3    . G   A 1 13 ? 22.959  -2.212  -1.765  1.00 73.99  ? 13  G   A N3    1 
ATOM   285  C  C4    . G   A 1 13 ? 23.264  -2.903  -2.881  1.00 75.36  ? 13  G   A C4    1 
ATOM   286  O  "O5'" . C   B 2 1  ? 16.728  -5.551  5.292   1.00 71.84  ? 2   C   B "O5'" 1 
ATOM   287  C  "C5'" . C   B 2 1  ? 16.763  -4.605  6.351   1.00 74.86  ? 2   C   B "C5'" 1 
ATOM   288  C  "C4'" . C   B 2 1  ? 17.708  -3.519  5.923   1.00 78.40  ? 2   C   B "C4'" 1 
ATOM   289  O  "O4'" . C   B 2 1  ? 18.920  -4.145  5.434   1.00 76.00  ? 2   C   B "O4'" 1 
ATOM   290  C  "C3'" . C   B 2 1  ? 17.236  -2.707  4.729   1.00 83.07  ? 2   C   B "C3'" 1 
ATOM   291  O  "O3'" . C   B 2 1  ? 16.329  -1.680  5.080   1.00 90.26  ? 2   C   B "O3'" 1 
ATOM   292  C  "C2'" . C   B 2 1  ? 18.540  -2.179  4.151   1.00 79.34  ? 2   C   B "C2'" 1 
ATOM   293  O  "O2'" . C   B 2 1  ? 19.066  -1.032  4.797   1.00 79.08  ? 2   C   B "O2'" 1 
ATOM   294  C  "C1'" . C   B 2 1  ? 19.448  -3.388  4.358   1.00 71.39  ? 2   C   B "C1'" 1 
ATOM   295  N  N1    . C   B 2 1  ? 19.443  -4.226  3.162   1.00 62.91  ? 2   C   B N1    1 
ATOM   296  C  C2    . C   B 2 1  ? 20.251  -3.839  2.094   1.00 61.38  ? 2   C   B C2    1 
ATOM   297  O  O2    . C   B 2 1  ? 20.949  -2.815  2.221   1.00 61.76  ? 2   C   B O2    1 
ATOM   298  N  N3    . C   B 2 1  ? 20.254  -4.580  0.960   1.00 57.36  ? 2   C   B N3    1 
ATOM   299  C  C4    . C   B 2 1  ? 19.482  -5.670  0.878   1.00 59.14  ? 2   C   B C4    1 
ATOM   300  N  N4    . C   B 2 1  ? 19.507  -6.372  -0.263  1.00 57.90  ? 2   C   B N4    1 
ATOM   301  C  C5    . C   B 2 1  ? 18.646  -6.091  1.967   1.00 59.71  ? 2   C   B C5    1 
ATOM   302  C  C6    . C   B 2 1  ? 18.662  -5.344  3.079   1.00 58.64  ? 2   C   B C6    1 
ATOM   303  P  P     . G   B 2 2  ? 15.189  -1.259  4.034   1.00 93.49  ? 3   G   B P     1 
ATOM   304  O  OP1   . G   B 2 2  ? 14.221  -0.397  4.762   1.00 96.33  ? 3   G   B OP1   1 
ATOM   305  O  OP2   . G   B 2 2  ? 14.714  -2.501  3.365   1.00 93.79  ? 3   G   B OP2   1 
ATOM   306  O  "O5'" . G   B 2 2  ? 15.968  -0.383  2.953   1.00 89.68  ? 3   G   B "O5'" 1 
ATOM   307  C  "C5'" . G   B 2 2  ? 16.506  0.881   3.309   1.00 87.55  ? 3   G   B "C5'" 1 
ATOM   308  C  "C4'" . G   B 2 2  ? 17.331  1.440   2.183   1.00 87.66  ? 3   G   B "C4'" 1 
ATOM   309  O  "O4'" . G   B 2 2  ? 18.429  0.524   1.919   1.00 84.17  ? 3   G   B "O4'" 1 
ATOM   310  C  "C3'" . G   B 2 2  ? 16.627  1.537   0.839   1.00 89.05  ? 3   G   B "C3'" 1 
ATOM   311  O  "O3'" . G   B 2 2  ? 15.807  2.685   0.683   1.00 90.03  ? 3   G   B "O3'" 1 
ATOM   312  C  "C2'" . G   B 2 2  ? 17.796  1.536   -0.131  1.00 85.31  ? 3   G   B "C2'" 1 
ATOM   313  O  "O2'" . G   B 2 2  ? 18.430  2.796   -0.219  1.00 83.96  ? 3   G   B "O2'" 1 
ATOM   314  C  "C1'" . G   B 2 2  ? 18.719  0.518   0.531   1.00 81.34  ? 3   G   B "C1'" 1 
ATOM   315  N  N9    . G   B 2 2  ? 18.434  -0.805  -0.001  1.00 76.69  ? 3   G   B N9    1 
ATOM   316  C  C8    . G   B 2 2  ? 17.642  -1.786  0.541   1.00 75.75  ? 3   G   B C8    1 
ATOM   317  N  N7    . G   B 2 2  ? 17.562  -2.851  -0.213  1.00 74.72  ? 3   G   B N7    1 
ATOM   318  C  C5    . G   B 2 2  ? 18.361  -2.554  -1.309  1.00 74.29  ? 3   G   B C5    1 
ATOM   319  C  C6    . G   B 2 2  ? 18.667  -3.319  -2.467  1.00 73.88  ? 3   G   B C6    1 
ATOM   320  O  O6    . G   B 2 2  ? 18.283  -4.455  -2.765  1.00 76.98  ? 3   G   B O6    1 
ATOM   321  N  N1    . G   B 2 2  ? 19.508  -2.626  -3.328  1.00 72.40  ? 3   G   B N1    1 
ATOM   322  C  C2    . G   B 2 2  ? 19.992  -1.361  -3.110  1.00 74.71  ? 3   G   B C2    1 
ATOM   323  N  N2    . G   B 2 2  ? 20.786  -0.855  -4.062  1.00 78.62  ? 3   G   B N2    1 
ATOM   324  N  N3    . G   B 2 2  ? 19.719  -0.641  -2.040  1.00 74.00  ? 3   G   B N3    1 
ATOM   325  C  C4    . G   B 2 2  ? 18.906  -1.295  -1.188  1.00 75.21  ? 3   G   B C4    1 
ATOM   326  P  P     . G   B 2 3  ? 14.645  2.671   -0.430  1.00 92.38  ? 4   G   B P     1 
ATOM   327  O  OP1   . G   B 2 3  ? 13.961  3.985   -0.394  1.00 93.14  ? 4   G   B OP1   1 
ATOM   328  O  OP2   . G   B 2 3  ? 13.858  1.425   -0.261  1.00 92.03  ? 4   G   B OP2   1 
ATOM   329  O  "O5'" . G   B 2 3  ? 15.431  2.570   -1.807  1.00 86.93  ? 4   G   B "O5'" 1 
ATOM   330  C  "C5'" . G   B 2 3  ? 16.297  3.615   -2.191  1.00 84.08  ? 4   G   B "C5'" 1 
ATOM   331  C  "C4'" . G   B 2 3  ? 16.784  3.403   -3.591  1.00 84.87  ? 4   G   B "C4'" 1 
ATOM   332  O  "O4'" . G   B 2 3  ? 17.658  2.244   -3.625  1.00 85.44  ? 4   G   B "O4'" 1 
ATOM   333  C  "C3'" . G   B 2 3  ? 15.694  3.033   -4.574  1.00 86.37  ? 4   G   B "C3'" 1 
ATOM   334  O  "O3'" . G   B 2 3  ? 14.977  4.147   -5.053  1.00 92.07  ? 4   G   B "O3'" 1 
ATOM   335  C  "C2'" . G   B 2 3  ? 16.476  2.351   -5.682  1.00 86.19  ? 4   G   B "C2'" 1 
ATOM   336  O  "O2'" . G   B 2 3  ? 17.117  3.275   -6.540  1.00 85.63  ? 4   G   B "O2'" 1 
ATOM   337  C  "C1'" . G   B 2 3  ? 17.517  1.587   -4.873  1.00 82.29  ? 4   G   B "C1'" 1 
ATOM   338  N  N9    . G   B 2 3  ? 17.087  0.216   -4.650  1.00 78.47  ? 4   G   B N9    1 
ATOM   339  C  C8    . G   B 2 3  ? 16.473  -0.310  -3.542  1.00 78.73  ? 4   G   B C8    1 
ATOM   340  N  N7    . G   B 2 3  ? 16.196  -1.580  -3.669  1.00 78.22  ? 4   G   B N7    1 
ATOM   341  C  C5    . G   B 2 3  ? 16.665  -1.907  -4.935  1.00 76.65  ? 4   G   B C5    1 
ATOM   342  C  C6    . G   B 2 3  ? 16.652  -3.147  -5.641  1.00 76.88  ? 4   G   B C6    1 
ATOM   343  O  O6    . G   B 2 3  ? 16.217  -4.243  -5.272  1.00 76.01  ? 4   G   B O6    1 
ATOM   344  N  N1    . G   B 2 3  ? 17.221  -3.022  -6.902  1.00 76.96  ? 4   G   B N1    1 
ATOM   345  C  C2    . G   B 2 3  ? 17.741  -1.863  -7.421  1.00 76.99  ? 4   G   B C2    1 
ATOM   346  N  N2    . G   B 2 3  ? 18.240  -1.945  -8.664  1.00 77.49  ? 4   G   B N2    1 
ATOM   347  N  N3    . G   B 2 3  ? 17.767  -0.709  -6.774  1.00 75.94  ? 4   G   B N3    1 
ATOM   348  C  C4    . G   B 2 3  ? 17.216  -0.805  -5.549  1.00 76.93  ? 4   G   B C4    1 
ATOM   349  P  P     . U   B 2 4  ? 13.514  3.918   -5.656  1.00 93.87  ? 5   U   B P     1 
ATOM   350  O  OP1   . U   B 2 4  ? 12.902  5.247   -5.906  1.00 95.35  ? 5   U   B OP1   1 
ATOM   351  O  OP2   . U   B 2 4  ? 12.840  2.949   -4.754  1.00 96.91  ? 5   U   B OP2   1 
ATOM   352  O  "O5'" . U   B 2 4  ? 13.796  3.215   -7.056  1.00 89.65  ? 5   U   B "O5'" 1 
ATOM   353  C  "C5'" . U   B 2 4  ? 14.513  3.911   -8.061  1.00 86.57  ? 5   U   B "C5'" 1 
ATOM   354  C  "C4'" . U   B 2 4  ? 14.758  3.024   -9.251  1.00 84.60  ? 5   U   B "C4'" 1 
ATOM   355  O  "O4'" . U   B 2 4  ? 15.584  1.900   -8.842  1.00 81.95  ? 5   U   B "O4'" 1 
ATOM   356  C  "C3'" . U   B 2 4  ? 13.525  2.347   -9.819  1.00 84.59  ? 5   U   B "C3'" 1 
ATOM   357  O  "O3'" . U   B 2 4  ? 12.781  3.166   -10.693 1.00 86.49  ? 5   U   B "O3'" 1 
ATOM   358  C  "C2'" . U   B 2 4  ? 14.110  1.153   -10.547 1.00 82.86  ? 5   U   B "C2'" 1 
ATOM   359  O  "O2'" . U   B 2 4  ? 14.649  1.487   -11.811 1.00 86.03  ? 5   U   B "O2'" 1 
ATOM   360  C  "C1'" . U   B 2 4  ? 15.222  0.747   -9.587  1.00 80.57  ? 5   U   B "C1'" 1 
ATOM   361  N  N1    . U   B 2 4  ? 14.733  -0.287  -8.671  1.00 77.47  ? 5   U   B N1    1 
ATOM   362  C  C2    . U   B 2 4  ? 14.706  -1.584  -9.150  1.00 75.61  ? 5   U   B C2    1 
ATOM   363  O  O2    . U   B 2 4  ? 15.099  -1.889  -10.263 1.00 73.04  ? 5   U   B O2    1 
ATOM   364  N  N3    . U   B 2 4  ? 14.206  -2.510  -8.281  1.00 74.30  ? 5   U   B N3    1 
ATOM   365  C  C4    . U   B 2 4  ? 13.747  -2.283  -7.014  1.00 74.22  ? 5   U   B C4    1 
ATOM   366  O  O4    . U   B 2 4  ? 13.289  -3.222  -6.369  1.00 76.80  ? 5   U   B O4    1 
ATOM   367  C  C5    . U   B 2 4  ? 13.824  -0.917  -6.581  1.00 74.26  ? 5   U   B C5    1 
ATOM   368  C  C6    . U   B 2 4  ? 14.304  0.010   -7.406  1.00 75.38  ? 5   U   B C6    1 
ATOM   369  P  P     . G   B 2 5  ? 11.202  2.935   -10.808 1.00 91.11  ? 6   G   B P     1 
ATOM   370  O  OP1   . G   B 2 5  ? 10.611  4.157   -11.406 1.00 94.81  ? 6   G   B OP1   1 
ATOM   371  O  OP2   . G   B 2 5  ? 10.756  2.477   -9.464  1.00 89.02  ? 6   G   B OP2   1 
ATOM   372  O  "O5'" . G   B 2 5  ? 11.048  1.707   -11.814 1.00 84.07  ? 6   G   B "O5'" 1 
ATOM   373  C  "C5'" . G   B 2 5  ? 11.641  1.747   -13.101 1.00 79.74  ? 6   G   B "C5'" 1 
ATOM   374  C  "C4'" . G   B 2 5  ? 11.663  0.368   -13.704 1.00 78.04  ? 6   G   B "C4'" 1 
ATOM   375  O  "O4'" . G   B 2 5  ? 12.533  -0.486  -12.922 1.00 74.94  ? 6   G   B "O4'" 1 
ATOM   376  C  "C3'" . G   B 2 5  ? 10.332  -0.357  -13.668 1.00 78.73  ? 6   G   B "C3'" 1 
ATOM   377  O  "O3'" . G   B 2 5  ? 9.501   0.020   -14.740 1.00 77.77  ? 6   G   B "O3'" 1 
ATOM   378  C  "C2'" . G   B 2 5  ? 10.751  -1.816  -13.755 1.00 79.06  ? 6   G   B "C2'" 1 
ATOM   379  O  "O2'" . G   B 2 5  ? 11.054  -2.264  -15.061 1.00 81.71  ? 6   G   B "O2'" 1 
ATOM   380  C  "C1'" . G   B 2 5  ? 12.011  -1.806  -12.897 1.00 76.98  ? 6   G   B "C1'" 1 
ATOM   381  N  N9    . G   B 2 5  ? 11.645  -2.137  -11.530 1.00 75.98  ? 6   G   B N9    1 
ATOM   382  C  C8    . G   B 2 5  ? 11.437  -1.274  -10.482 1.00 75.30  ? 6   G   B C8    1 
ATOM   383  N  N7    . G   B 2 5  ? 11.067  -1.882  -9.390  1.00 74.54  ? 6   G   B N7    1 
ATOM   384  C  C5    . G   B 2 5  ? 11.040  -3.227  -9.741  1.00 74.94  ? 6   G   B C5    1 
ATOM   385  C  C6    . G   B 2 5  ? 10.701  -4.369  -8.977  1.00 74.70  ? 6   G   B C6    1 
ATOM   386  O  O6    . G   B 2 5  ? 10.341  -4.424  -7.798  1.00 77.74  ? 6   G   B O6    1 
ATOM   387  N  N1    . G   B 2 5  ? 10.810  -5.537  -9.726  1.00 72.03  ? 6   G   B N1    1 
ATOM   388  C  C2    . G   B 2 5  ? 11.195  -5.598  -11.038 1.00 73.58  ? 6   G   B C2    1 
ATOM   389  N  N2    . G   B 2 5  ? 11.250  -6.821  -11.581 1.00 73.16  ? 6   G   B N2    1 
ATOM   390  N  N3    . G   B 2 5  ? 11.507  -4.540  -11.764 1.00 72.94  ? 6   G   B N3    1 
ATOM   391  C  C4    . G   B 2 5  ? 11.406  -3.397  -11.056 1.00 74.71  ? 6   G   B C4    1 
ATOM   392  P  P     . A   B 2 6  ? 7.921   -0.163  -14.600 1.00 75.03  ? 7   A   B P     1 
ATOM   393  O  OP1   . A   B 2 6  ? 7.294   0.344   -15.844 1.00 78.52  ? 7   A   B OP1   1 
ATOM   394  O  OP2   . A   B 2 6  ? 7.537   0.413   -13.284 1.00 74.91  ? 7   A   B OP2   1 
ATOM   395  O  "O5'" . A   B 2 6  ? 7.732   -1.736  -14.535 1.00 71.05  ? 7   A   B "O5'" 1 
ATOM   396  C  "C5'" . A   B 2 6  ? 8.108   -2.553  -15.632 1.00 69.61  ? 7   A   B "C5'" 1 
ATOM   397  C  "C4'" . A   B 2 6  ? 7.872   -3.994  -15.291 1.00 70.95  ? 7   A   B "C4'" 1 
ATOM   398  O  "O4'" . A   B 2 6  ? 8.748   -4.356  -14.194 1.00 69.73  ? 7   A   B "O4'" 1 
ATOM   399  C  "C3'" . A   B 2 6  ? 6.478   -4.290  -14.764 1.00 69.64  ? 7   A   B "C3'" 1 
ATOM   400  O  "O3'" . A   B 2 6  ? 5.561   -4.513  -15.826 1.00 68.16  ? 7   A   B "O3'" 1 
ATOM   401  C  "C2'" . A   B 2 6  ? 6.710   -5.552  -13.954 1.00 68.15  ? 7   A   B "C2'" 1 
ATOM   402  O  "O2'" . A   B 2 6  ? 6.788   -6.699  -14.773 1.00 62.80  ? 7   A   B "O2'" 1 
ATOM   403  C  "C1'" . A   B 2 6  ? 8.077   -5.259  -13.334 1.00 68.46  ? 7   A   B "C1'" 1 
ATOM   404  N  N9    . A   B 2 6  ? 7.940   -4.631  -12.022 1.00 71.15  ? 7   A   B N9    1 
ATOM   405  C  C8    . A   B 2 6  ? 7.940   -3.298  -11.688 1.00 70.82  ? 7   A   B C8    1 
ATOM   406  N  N7    . A   B 2 6  ? 7.757   -3.075  -10.408 1.00 68.72  ? 7   A   B N7    1 
ATOM   407  C  C5    . A   B 2 6  ? 7.632   -4.346  -9.864  1.00 71.00  ? 7   A   B C5    1 
ATOM   408  C  C6    . A   B 2 6  ? 7.410   -4.804  -8.547  1.00 70.98  ? 7   A   B C6    1 
ATOM   409  N  N6    . A   B 2 6  ? 7.264   -4.001  -7.493  1.00 72.56  ? 7   A   B N6    1 
ATOM   410  N  N1    . A   B 2 6  ? 7.339   -6.137  -8.351  1.00 69.93  ? 7   A   B N1    1 
ATOM   411  C  C2    . A   B 2 6  ? 7.483   -6.950  -9.406  1.00 71.31  ? 7   A   B C2    1 
ATOM   412  N  N3    . A   B 2 6  ? 7.693   -6.644  -10.685 1.00 69.98  ? 7   A   B N3    1 
ATOM   413  C  C4    . A   B 2 6  ? 7.755   -5.312  -10.847 1.00 71.21  ? 7   A   B C4    1 
ATOM   414  P  P     . G   B 2 7  ? 4.005   -4.167  -15.619 1.00 68.02  ? 8   G   B P     1 
ATOM   415  O  OP1   . G   B 2 7  ? 3.249   -4.705  -16.779 1.00 65.55  ? 8   G   B OP1   1 
ATOM   416  O  OP2   . G   B 2 7  ? 3.893   -2.724  -15.263 1.00 62.74  ? 8   G   B OP2   1 
ATOM   417  O  "O5'" . G   B 2 7  ? 3.587   -5.036  -14.357 1.00 64.33  ? 8   G   B "O5'" 1 
ATOM   418  C  "C5'" . G   B 2 7  ? 3.548   -6.453  -14.435 1.00 60.40  ? 8   G   B "C5'" 1 
ATOM   419  C  "C4'" . G   B 2 7  ? 3.346   -7.039  -13.060 1.00 59.36  ? 8   G   B "C4'" 1 
ATOM   420  O  "O4'" . G   B 2 7  ? 4.371   -6.509  -12.185 1.00 59.02  ? 8   G   B "O4'" 1 
ATOM   421  C  "C3'" . G   B 2 7  ? 2.036   -6.685  -12.369 1.00 55.86  ? 8   G   B "C3'" 1 
ATOM   422  O  "O3'" . G   B 2 7  ? 1.040   -7.640  -12.707 1.00 53.96  ? 8   G   B "O3'" 1 
ATOM   423  C  "C2'" . G   B 2 7  ? 2.393   -6.835  -10.899 1.00 55.96  ? 8   G   B "C2'" 1 
ATOM   424  O  "O2'" . G   B 2 7  ? 2.356   -8.187  -10.480 1.00 52.55  ? 8   G   B "O2'" 1 
ATOM   425  C  "C1'" . G   B 2 7  ? 3.834   -6.325  -10.887 1.00 59.25  ? 8   G   B "C1'" 1 
ATOM   426  N  N9    . G   B 2 7  ? 3.991   -4.920  -10.536 1.00 60.34  ? 8   G   B N9    1 
ATOM   427  C  C8    . G   B 2 7  ? 4.112   -3.859  -11.394 1.00 61.40  ? 8   G   B C8    1 
ATOM   428  N  N7    . G   B 2 7  ? 4.304   -2.725  -10.777 1.00 62.19  ? 8   G   B N7    1 
ATOM   429  C  C5    . G   B 2 7  ? 4.295   -3.063  -9.434  1.00 60.59  ? 8   G   B C5    1 
ATOM   430  C  C6    . G   B 2 7  ? 4.466   -2.257  -8.285  1.00 61.85  ? 8   G   B C6    1 
ATOM   431  O  O6    . G   B 2 7  ? 4.675   -1.036  -8.221  1.00 66.63  ? 8   G   B O6    1 
ATOM   432  N  N1    . G   B 2 7  ? 4.381   -3.009  -7.121  1.00 61.75  ? 8   G   B N1    1 
ATOM   433  C  C2    . G   B 2 7  ? 4.173   -4.361  -7.064  1.00 62.15  ? 8   G   B C2    1 
ATOM   434  N  N2    . G   B 2 7  ? 4.133   -4.907  -5.835  1.00 62.39  ? 8   G   B N2    1 
ATOM   435  N  N3    . G   B 2 7  ? 4.017   -5.124  -8.128  1.00 61.25  ? 8   G   B N3    1 
ATOM   436  C  C4    . G   B 2 7  ? 4.089   -4.413  -9.270  1.00 60.42  ? 8   G   B C4    1 
ATOM   437  P  P     . A   B 2 8  ? -0.470  -7.433  -12.198 1.00 62.98  ? 9   A   B P     1 
ATOM   438  O  OP1   . A   B 2 8  ? -1.381  -7.753  -13.326 1.00 62.11  ? 9   A   B OP1   1 
ATOM   439  O  OP2   . A   B 2 8  ? -0.538  -6.089  -11.550 1.00 63.35  ? 9   A   B OP2   1 
ATOM   440  O  "O5'" . A   B 2 8  ? -0.681  -8.559  -11.091 1.00 57.28  ? 9   A   B "O5'" 1 
ATOM   441  C  "C5'" . A   B 2 8  ? -0.788  -9.926  -11.464 1.00 56.42  ? 9   A   B "C5'" 1 
ATOM   442  C  "C4'" . A   B 2 8  ? -0.998  -10.774 -10.243 1.00 57.11  ? 9   A   B "C4'" 1 
ATOM   443  O  "O4'" . A   B 2 8  ? 0.150   -10.644 -9.383  1.00 56.64  ? 9   A   B "O4'" 1 
ATOM   444  C  "C3'" . A   B 2 8  ? -2.172  -10.382 -9.376  1.00 55.78  ? 9   A   B "C3'" 1 
ATOM   445  O  "O3'" . A   B 2 8  ? -3.305  -11.062 -9.842  1.00 53.66  ? 9   A   B "O3'" 1 
ATOM   446  C  "C2'" . A   B 2 8  ? -1.767  -10.927 -8.026  1.00 56.88  ? 9   A   B "C2'" 1 
ATOM   447  O  "O2'" . A   B 2 8  ? -1.992  -12.318 -7.960  1.00 64.50  ? 9   A   B "O2'" 1 
ATOM   448  C  "C1'" . A   B 2 8  ? -0.266  -10.643 -8.034  1.00 57.34  ? 9   A   B "C1'" 1 
ATOM   449  N  N9    . A   B 2 8  ? 0.068   -9.329  -7.503  1.00 56.25  ? 9   A   B N9    1 
ATOM   450  C  C8    . A   B 2 8  ? 0.583   -8.286  -8.220  1.00 54.75  ? 9   A   B C8    1 
ATOM   451  N  N7    . A   B 2 8  ? 0.816   -7.220  -7.507  1.00 55.07  ? 9   A   B N7    1 
ATOM   452  C  C5    . A   B 2 8  ? 0.420   -7.582  -6.229  1.00 54.74  ? 9   A   B C5    1 
ATOM   453  C  C6    . A   B 2 8  ? 0.424   -6.894  -5.018  1.00 54.34  ? 9   A   B C6    1 
ATOM   454  N  N6    . A   B 2 8  ? 0.863   -5.641  -4.892  1.00 53.73  ? 9   A   B N6    1 
ATOM   455  N  N1    . A   B 2 8  ? -0.038  -7.541  -3.925  1.00 53.45  ? 9   A   B N1    1 
ATOM   456  C  C2    . A   B 2 8  ? -0.466  -8.800  -4.061  1.00 51.16  ? 9   A   B C2    1 
ATOM   457  N  N3    . A   B 2 8  ? -0.513  -9.554  -5.150  1.00 53.57  ? 9   A   B N3    1 
ATOM   458  C  C4    . A   B 2 8  ? -0.048  -8.878  -6.213  1.00 55.21  ? 9   A   B C4    1 
ATOM   459  P  P     . A   B 2 9  ? -4.656  -10.254 -10.069 1.00 60.95  ? 10  A   B P     1 
ATOM   460  O  OP1   . A   B 2 9  ? -5.494  -11.110 -10.938 1.00 64.29  ? 10  A   B OP1   1 
ATOM   461  O  OP2   . A   B 2 9  ? -4.304  -8.884  -10.505 1.00 59.09  ? 10  A   B OP2   1 
ATOM   462  O  "O5'" . A   B 2 9  ? -5.304  -10.192 -8.618  1.00 59.44  ? 10  A   B "O5'" 1 
ATOM   463  C  "C5'" . A   B 2 9  ? -5.582  -11.392 -7.914  1.00 50.49  ? 10  A   B "C5'" 1 
ATOM   464  C  "C4'" . A   B 2 9  ? -5.514  -11.153 -6.440  1.00 44.67  ? 10  A   B "C4'" 1 
ATOM   465  O  "O4'" . A   B 2 9  ? -4.188  -10.701 -6.105  1.00 43.11  ? 10  A   B "O4'" 1 
ATOM   466  C  "C3'" . A   B 2 9  ? -6.404  -10.023 -5.970  1.00 47.47  ? 10  A   B "C3'" 1 
ATOM   467  O  "O3'" . A   B 2 9  ? -7.708  -10.502 -5.751  1.00 45.68  ? 10  A   B "O3'" 1 
ATOM   468  C  "C2'" . A   B 2 9  ? -5.737  -9.586  -4.681  1.00 46.88  ? 10  A   B "C2'" 1 
ATOM   469  O  "O2'" . A   B 2 9  ? -6.075  -10.388 -3.577  1.00 49.29  ? 10  A   B "O2'" 1 
ATOM   470  C  "C1'" . A   B 2 9  ? -4.268  -9.769  -5.045  1.00 46.48  ? 10  A   B "C1'" 1 
ATOM   471  N  N9    . A   B 2 9  ? -3.665  -8.522  -5.481  1.00 47.46  ? 10  A   B N9    1 
ATOM   472  C  C8    . A   B 2 9  ? -3.134  -8.177  -6.693  1.00 47.61  ? 10  A   B C8    1 
ATOM   473  N  N7    . A   B 2 9  ? -2.639  -6.962  -6.725  1.00 47.21  ? 10  A   B N7    1 
ATOM   474  C  C5    . A   B 2 9  ? -2.873  -6.479  -5.448  1.00 47.71  ? 10  A   B C5    1 
ATOM   475  C  C6    . A   B 2 9  ? -2.589  -5.256  -4.834  1.00 47.24  ? 10  A   B C6    1 
ATOM   476  N  N6    . A   B 2 9  ? -1.974  -4.245  -5.446  1.00 45.51  ? 10  A   B N6    1 
ATOM   477  N  N1    . A   B 2 9  ? -2.966  -5.099  -3.542  1.00 45.87  ? 10  A   B N1    1 
ATOM   478  C  C2    . A   B 2 9  ? -3.586  -6.114  -2.923  1.00 44.26  ? 10  A   B C2    1 
ATOM   479  N  N3    . A   B 2 9  ? -3.904  -7.310  -3.395  1.00 46.38  ? 10  A   B N3    1 
ATOM   480  C  C4    . A   B 2 9  ? -3.514  -7.426  -4.678  1.00 48.50  ? 10  A   B C4    1 
ATOM   481  P  P     . G   B 2 10 ? -8.919  -9.815  -6.526  1.00 51.91  ? 11  G   B P     1 
ATOM   482  O  OP1   . G   B 2 10 ? -10.079 -10.734 -6.448  1.00 50.55  ? 11  G   B OP1   1 
ATOM   483  O  OP2   . G   B 2 10 ? -8.415  -9.375  -7.853  1.00 51.68  ? 11  G   B OP2   1 
ATOM   484  O  "O5'" . G   B 2 10 ? -9.231  -8.540  -5.631  1.00 46.43  ? 11  G   B "O5'" 1 
ATOM   485  C  "C5'" . G   B 2 10 ? -9.656  -8.706  -4.286  1.00 47.83  ? 11  G   B "C5'" 1 
ATOM   486  C  "C4'" . G   B 2 10 ? -9.269  -7.505  -3.475  1.00 45.98  ? 11  G   B "C4'" 1 
ATOM   487  O  "O4'" . G   B 2 10 ? -7.832  -7.372  -3.509  1.00 45.02  ? 11  G   B "O4'" 1 
ATOM   488  C  "C3'" . G   B 2 10 ? -9.773  -6.177  -4.004  1.00 43.37  ? 11  G   B "C3'" 1 
ATOM   489  O  "O3'" . G   B 2 10 ? -11.093 -5.925  -3.554  1.00 44.50  ? 11  G   B "O3'" 1 
ATOM   490  C  "C2'" . G   B 2 10 ? -8.777  -5.207  -3.403  1.00 40.13  ? 11  G   B "C2'" 1 
ATOM   491  O  "O2'" . G   B 2 10 ? -9.015  -5.021  -2.032  1.00 45.03  ? 11  G   B "O2'" 1 
ATOM   492  C  "C1'" . G   B 2 10 ? -7.487  -6.002  -3.538  1.00 44.00  ? 11  G   B "C1'" 1 
ATOM   493  N  N9    . G   B 2 10 ? -6.835  -5.730  -4.809  1.00 42.90  ? 11  G   B N9    1 
ATOM   494  C  C8    . G   B 2 10 ? -6.762  -6.563  -5.895  1.00 41.61  ? 11  G   B C8    1 
ATOM   495  N  N7    . G   B 2 10 ? -6.082  -6.053  -6.885  1.00 46.21  ? 11  G   B N7    1 
ATOM   496  C  C5    . G   B 2 10 ? -5.698  -4.803  -6.425  1.00 45.23  ? 11  G   B C5    1 
ATOM   497  C  C6    . G   B 2 10 ? -4.937  -3.795  -7.055  1.00 46.88  ? 11  G   B C6    1 
ATOM   498  O  O6    . G   B 2 10 ? -4.455  -3.796  -8.191  1.00 51.18  ? 11  G   B O6    1 
ATOM   499  N  N1    . G   B 2 10 ? -4.759  -2.696  -6.222  1.00 42.49  ? 11  G   B N1    1 
ATOM   500  C  C2    . G   B 2 10 ? -5.262  -2.586  -4.948  1.00 37.11  ? 11  G   B C2    1 
ATOM   501  N  N2    . G   B 2 10 ? -4.976  -1.467  -4.302  1.00 36.19  ? 11  G   B N2    1 
ATOM   502  N  N3    . G   B 2 10 ? -5.987  -3.514  -4.357  1.00 36.27  ? 11  G   B N3    1 
ATOM   503  C  C4    . G   B 2 10 ? -6.159  -4.591  -5.146  1.00 40.73  ? 11  G   B C4    1 
ATOM   504  P  P     . G   B 2 11 ? -12.086 -5.038  -4.460  1.00 43.53  ? 12  G   B P     1 
ATOM   505  O  OP1   . G   B 2 11 ? -13.444 -5.270  -3.936  1.00 41.15  ? 12  G   B OP1   1 
ATOM   506  O  OP2   . G   B 2 11 ? -11.797 -5.287  -5.893  1.00 38.14  ? 12  G   B OP2   1 
ATOM   507  O  "O5'" . G   B 2 11 ? -11.678 -3.538  -4.126  1.00 39.98  ? 12  G   B "O5'" 1 
ATOM   508  C  "C5'" . G   B 2 11 ? -11.776 -3.081  -2.797  1.00 41.75  ? 12  G   B "C5'" 1 
ATOM   509  C  "C4'" . G   B 2 11 ? -11.071 -1.767  -2.630  1.00 40.24  ? 12  G   B "C4'" 1 
ATOM   510  O  "O4'" . G   B 2 11 ? -9.663  -1.946  -2.915  1.00 38.68  ? 12  G   B "O4'" 1 
ATOM   511  C  "C3'" . G   B 2 11 ? -11.487 -0.687  -3.607  1.00 41.48  ? 12  G   B "C3'" 1 
ATOM   512  O  "O3'" . G   B 2 11 ? -12.686 -0.046  -3.213  1.00 45.98  ? 12  G   B "O3'" 1 
ATOM   513  C  "C2'" . G   B 2 11 ? -10.290 0.241   -3.558  1.00 42.60  ? 12  G   B "C2'" 1 
ATOM   514  O  "O2'" . G   B 2 11 ? -10.270 0.994   -2.362  1.00 41.51  ? 12  G   B "O2'" 1 
ATOM   515  C  "C1'" . G   B 2 11 ? -9.154  -0.765  -3.487  1.00 38.87  ? 12  G   B "C1'" 1 
ATOM   516  N  N9    . G   B 2 11 ? -8.645  -1.054  -4.813  1.00 33.67  ? 12  G   B N9    1 
ATOM   517  C  C8    . G   B 2 11 ? -8.743  -2.210  -5.540  1.00 34.12  ? 12  G   B C8    1 
ATOM   518  N  N7    . G   B 2 11 ? -8.120  -2.141  -6.686  1.00 37.49  ? 12  G   B N7    1 
ATOM   519  C  C5    . G   B 2 11 ? -7.595  -0.858  -6.706  1.00 35.60  ? 12  G   B C5    1 
ATOM   520  C  C6    . G   B 2 11 ? -6.793  -0.205  -7.674  1.00 37.35  ? 12  G   B C6    1 
ATOM   521  O  O6    . G   B 2 11 ? -6.349  -0.655  -8.734  1.00 37.14  ? 12  G   B O6    1 
ATOM   522  N  N1    . G   B 2 11 ? -6.496  1.101   -7.292  1.00 37.39  ? 12  G   B N1    1 
ATOM   523  C  C2    . G   B 2 11 ? -6.904  1.693   -6.117  1.00 39.11  ? 12  G   B C2    1 
ATOM   524  N  N2    . G   B 2 11 ? -6.533  2.969   -5.916  1.00 41.46  ? 12  G   B N2    1 
ATOM   525  N  N3    . G   B 2 11 ? -7.628  1.079   -5.203  1.00 36.15  ? 12  G   B N3    1 
ATOM   526  C  C4    . G   B 2 11 ? -7.934  -0.177  -5.563  1.00 32.69  ? 12  G   B C4    1 
ATOM   527  P  P     . G   B 2 12 ? -13.705 0.475   -4.336  1.00 48.48  ? 13  G   B P     1 
ATOM   528  O  OP1   . G   B 2 12 ? -14.950 0.825   -3.610  1.00 47.21  ? 13  G   B OP1   1 
ATOM   529  O  OP2   . G   B 2 12 ? -13.752 -0.529  -5.439  1.00 38.66  ? 13  G   B OP2   1 
ATOM   530  O  "O5'" . G   B 2 12 ? -13.008 1.801   -4.882  1.00 40.63  ? 13  G   B "O5'" 1 
ATOM   531  C  "C5'" . G   B 2 12 ? -12.690 2.859   -3.991  1.00 38.48  ? 13  G   B "C5'" 1 
ATOM   532  C  "C4'" . G   B 2 12 ? -11.755 3.858   -4.640  1.00 42.19  ? 13  G   B "C4'" 1 
ATOM   533  O  "O4'" . G   B 2 12 ? -10.565 3.170   -5.116  1.00 42.54  ? 13  G   B "O4'" 1 
ATOM   534  C  "C3'" . G   B 2 12 ? -12.301 4.507   -5.902  1.00 41.10  ? 13  G   B "C3'" 1 
ATOM   535  O  "O3'" . G   B 2 12 ? -13.227 5.565   -5.649  1.00 45.45  ? 13  G   B "O3'" 1 
ATOM   536  C  "C2'" . G   B 2 12 ? -11.037 4.953   -6.623  1.00 41.00  ? 13  G   B "C2'" 1 
ATOM   537  O  "O2'" . G   B 2 12 ? -10.502 6.176   -6.155  1.00 47.45  ? 13  G   B "O2'" 1 
ATOM   538  C  "C1'" . G   B 2 12 ? -10.078 3.826   -6.268  1.00 36.90  ? 13  G   B "C1'" 1 
ATOM   539  N  N9    . G   B 2 12 ? -9.868  2.866   -7.340  1.00 36.58  ? 13  G   B N9    1 
ATOM   540  C  C8    . G   B 2 12 ? -10.365 1.598   -7.461  1.00 39.35  ? 13  G   B C8    1 
ATOM   541  N  N7    . G   B 2 12 ? -9.940  0.990   -8.537  1.00 38.83  ? 13  G   B N7    1 
ATOM   542  C  C5    . G   B 2 12 ? -9.122  1.924   -9.152  1.00 39.35  ? 13  G   B C5    1 
ATOM   543  C  C6    . G   B 2 12 ? -8.360  1.843   -10.359 1.00 42.27  ? 13  G   B C6    1 
ATOM   544  O  O6    . G   B 2 12 ? -8.252  0.893   -11.137 1.00 46.05  ? 13  G   B O6    1 
ATOM   545  N  N1    . G   B 2 12 ? -7.680  3.029   -10.617 1.00 39.39  ? 13  G   B N1    1 
ATOM   546  C  C2    . G   B 2 12 ? -7.725  4.148   -9.824  1.00 41.51  ? 13  G   B C2    1 
ATOM   547  N  N2    . G   B 2 12 ? -7.013  5.194   -10.244 1.00 44.30  ? 13  G   B N2    1 
ATOM   548  N  N3    . G   B 2 12 ? -8.422  4.232   -8.699  1.00 39.76  ? 13  G   B N3    1 
ATOM   549  C  C4    . G   B 2 12 ? -9.087  3.090   -8.430  1.00 38.48  ? 13  G   B C4    1 
ATOM   550  O  "O5'" . G   C 3 1  ? -10.356 15.179  -9.824  1.00 43.27  ? 15  G   C "O5'" 1 
ATOM   551  C  "C5'" . G   C 3 1  ? -9.837  14.844  -11.126 1.00 52.72  ? 15  G   C "C5'" 1 
ATOM   552  C  "C4'" . G   C 3 1  ? -8.739  15.795  -11.532 1.00 49.48  ? 15  G   C "C4'" 1 
ATOM   553  O  "O4'" . G   C 3 1  ? -9.282  17.135  -11.581 1.00 59.39  ? 15  G   C "O4'" 1 
ATOM   554  C  "C3'" . G   C 3 1  ? -7.577  15.900  -10.566 1.00 49.58  ? 15  G   C "C3'" 1 
ATOM   555  O  "O3'" . G   C 3 1  ? -6.605  14.920  -10.859 1.00 48.35  ? 15  G   C "O3'" 1 
ATOM   556  C  "C2'" . G   C 3 1  ? -7.030  17.275  -10.875 1.00 51.92  ? 15  G   C "C2'" 1 
ATOM   557  O  "O2'" . G   C 3 1  ? -6.270  17.241  -12.064 1.00 59.16  ? 15  G   C "O2'" 1 
ATOM   558  C  "C1'" . G   C 3 1  ? -8.317  18.056  -11.121 1.00 50.02  ? 15  G   C "C1'" 1 
ATOM   559  N  N9    . G   C 3 1  ? -8.860  18.700  -9.933  1.00 47.94  ? 15  G   C N9    1 
ATOM   560  C  C8    . G   C 3 1  ? -9.943  18.292  -9.199  1.00 46.74  ? 15  G   C C8    1 
ATOM   561  N  N7    . G   C 3 1  ? -10.229 19.097  -8.216  1.00 48.46  ? 15  G   C N7    1 
ATOM   562  C  C5    . G   C 3 1  ? -9.267  20.095  -8.301  1.00 51.53  ? 15  G   C C5    1 
ATOM   563  C  C6    . G   C 3 1  ? -9.073  21.256  -7.510  1.00 51.10  ? 15  G   C C6    1 
ATOM   564  O  O6    . G   C 3 1  ? -9.735  21.650  -6.550  1.00 49.28  ? 15  G   C O6    1 
ATOM   565  N  N1    . G   C 3 1  ? -7.976  21.993  -7.940  1.00 51.09  ? 15  G   C N1    1 
ATOM   566  C  C2    . G   C 3 1  ? -7.173  21.661  -8.999  1.00 52.29  ? 15  G   C C2    1 
ATOM   567  N  N2    . G   C 3 1  ? -6.163  22.501  -9.263  1.00 57.20  ? 15  G   C N2    1 
ATOM   568  N  N3    . G   C 3 1  ? -7.346  20.586  -9.750  1.00 50.60  ? 15  G   C N3    1 
ATOM   569  C  C4    . G   C 3 1  ? -8.405  19.854  -9.346  1.00 49.86  ? 15  G   C C4    1 
ATOM   570  P  P     . G   C 3 2  ? -5.664  14.374  -9.686  1.00 47.64  ? 16  G   C P     1 
ATOM   571  O  OP1   . G   C 3 2  ? -5.054  13.108  -10.141 1.00 48.72  ? 16  G   C OP1   1 
ATOM   572  O  OP2   . G   C 3 2  ? -6.421  14.410  -8.424  1.00 51.70  ? 16  G   C OP2   1 
ATOM   573  O  "O5'" . G   C 3 2  ? -4.530  15.467  -9.553  1.00 46.82  ? 16  G   C "O5'" 1 
ATOM   574  C  "C5'" . G   C 3 2  ? -3.644  15.705  -10.620 1.00 36.47  ? 16  G   C "C5'" 1 
ATOM   575  C  "C4'" . G   C 3 2  ? -2.817  16.894  -10.296 1.00 36.81  ? 16  G   C "C4'" 1 
ATOM   576  O  "O4'" . G   C 3 2  ? -3.691  18.046  -10.255 1.00 38.49  ? 16  G   C "O4'" 1 
ATOM   577  C  "C3'" . G   C 3 2  ? -2.246  16.849  -8.893  1.00 39.75  ? 16  G   C "C3'" 1 
ATOM   578  O  "O3'" . G   C 3 2  ? -1.051  16.087  -8.807  1.00 43.54  ? 16  G   C "O3'" 1 
ATOM   579  C  "C2'" . G   C 3 2  ? -2.012  18.320  -8.600  1.00 40.40  ? 16  G   C "C2'" 1 
ATOM   580  O  "O2'" . G   C 3 2  ? -0.844  18.810  -9.233  1.00 48.38  ? 16  G   C "O2'" 1 
ATOM   581  C  "C1'" . G   C 3 2  ? -3.243  18.942  -9.249  1.00 41.34  ? 16  G   C "C1'" 1 
ATOM   582  N  N9    . G   C 3 2  ? -4.310  19.128  -8.277  1.00 45.13  ? 16  G   C N9    1 
ATOM   583  C  C8    . G   C 3 2  ? -5.348  18.271  -7.998  1.00 43.75  ? 16  G   C C8    1 
ATOM   584  N  N7    . G   C 3 2  ? -6.143  18.716  -7.059  1.00 48.27  ? 16  G   C N7    1 
ATOM   585  C  C5    . G   C 3 2  ? -5.595  19.937  -6.694  1.00 48.18  ? 16  G   C C5    1 
ATOM   586  C  C6    . G   C 3 2  ? -6.014  20.874  -5.718  1.00 50.99  ? 16  G   C C6    1 
ATOM   587  O  O6    . G   C 3 2  ? -6.969  20.799  -4.946  1.00 53.91  ? 16  G   C O6    1 
ATOM   588  N  N1    . G   C 3 2  ? -5.180  21.989  -5.687  1.00 53.17  ? 16  G   C N1    1 
ATOM   589  C  C2    . G   C 3 2  ? -4.068  22.172  -6.493  1.00 52.67  ? 16  G   C C2    1 
ATOM   590  N  N2    . G   C 3 2  ? -3.378  23.320  -6.327  1.00 51.06  ? 16  G   C N2    1 
ATOM   591  N  N3    . G   C 3 2  ? -3.662  21.295  -7.397  1.00 49.56  ? 16  G   C N3    1 
ATOM   592  C  C4    . G   C 3 2  ? -4.466  20.211  -7.444  1.00 47.47  ? 16  G   C C4    1 
ATOM   593  P  P     . C   C 3 3  ? -0.580  15.525  -7.378  1.00 50.23  ? 17  C   C P     1 
ATOM   594  O  OP1   . C   C 3 3  ? 0.680   14.763  -7.575  1.00 48.06  ? 17  C   C OP1   1 
ATOM   595  O  OP2   . C   C 3 3  ? -1.758  14.878  -6.743  1.00 48.09  ? 17  C   C OP2   1 
ATOM   596  O  "O5'" . C   C 3 3  ? -0.264  16.823  -6.513  1.00 47.18  ? 17  C   C "O5'" 1 
ATOM   597  C  "C5'" . C   C 3 3  ? 0.916   17.574  -6.744  1.00 48.99  ? 17  C   C "C5'" 1 
ATOM   598  C  "C4'" . C   C 3 3  ? 1.024   18.692  -5.744  1.00 49.79  ? 17  C   C "C4'" 1 
ATOM   599  O  "O4'" . C   C 3 3  ? -0.114  19.577  -5.915  1.00 50.04  ? 17  C   C "O4'" 1 
ATOM   600  C  "C3'" . C   C 3 3  ? 0.928   18.276  -4.284  1.00 51.58  ? 17  C   C "C3'" 1 
ATOM   601  O  "O3'" . C   C 3 3  ? 2.154   17.804  -3.749  1.00 52.20  ? 17  C   C "O3'" 1 
ATOM   602  C  "C2'" . C   C 3 3  ? 0.483   19.565  -3.623  1.00 50.62  ? 17  C   C "C2'" 1 
ATOM   603  O  "O2'" . C   C 3 3  ? 1.554   20.482  -3.510  1.00 54.68  ? 17  C   C "O2'" 1 
ATOM   604  C  "C1'" . C   C 3 3  ? -0.511  20.086  -4.655  1.00 45.35  ? 17  C   C "C1'" 1 
ATOM   605  N  N1    . C   C 3 3  ? -1.852  19.583  -4.365  1.00 41.94  ? 17  C   C N1    1 
ATOM   606  C  C2    . C   C 3 3  ? -2.651  20.265  -3.419  1.00 40.84  ? 17  C   C C2    1 
ATOM   607  O  O2    . C   C 3 3  ? -2.196  21.272  -2.851  1.00 42.69  ? 17  C   C O2    1 
ATOM   608  N  N3    . C   C 3 3  ? -3.891  19.809  -3.153  1.00 40.43  ? 17  C   C N3    1 
ATOM   609  C  C4    . C   C 3 3  ? -4.347  18.727  -3.779  1.00 40.58  ? 17  C   C C4    1 
ATOM   610  N  N4    . C   C 3 3  ? -5.581  18.319  -3.490  1.00 35.24  ? 17  C   C N4    1 
ATOM   611  C  C5    . C   C 3 3  ? -3.555  18.013  -4.738  1.00 42.20  ? 17  C   C C5    1 
ATOM   612  C  C6    . C   C 3 3  ? -2.325  18.472  -4.997  1.00 41.07  ? 17  C   C C6    1 
ATOM   613  P  P     . A   C 3 4  ? 2.123   16.747  -2.536  1.00 57.94  ? 18  A   C P     1 
ATOM   614  O  OP1   . A   C 3 4  ? 3.533   16.410  -2.210  1.00 59.74  ? 18  A   C OP1   1 
ATOM   615  O  OP2   . A   C 3 4  ? 1.170   15.666  -2.879  1.00 59.42  ? 18  A   C OP2   1 
ATOM   616  O  "O5'" . A   C 3 4  ? 1.494   17.565  -1.326  1.00 52.95  ? 18  A   C "O5'" 1 
ATOM   617  C  "C5'" . A   C 3 4  ? 2.208   18.654  -0.789  1.00 52.65  ? 18  A   C "C5'" 1 
ATOM   618  C  "C4'" . A   C 3 4  ? 1.444   19.282  0.329   1.00 53.17  ? 18  A   C "C4'" 1 
ATOM   619  O  "O4'" . A   C 3 4  ? 0.203   19.810  -0.196  1.00 54.89  ? 18  A   C "O4'" 1 
ATOM   620  C  "C3'" . A   C 3 4  ? 0.981   18.298  1.382   1.00 57.02  ? 18  A   C "C3'" 1 
ATOM   621  O  "O3'" . A   C 3 4  ? 2.016   18.039  2.313   1.00 64.26  ? 18  A   C "O3'" 1 
ATOM   622  C  "C2'" . A   C 3 4  ? -0.183  19.043  2.016   1.00 55.42  ? 18  A   C "C2'" 1 
ATOM   623  O  "O2'" . A   C 3 4  ? 0.240   20.054  2.906   1.00 54.94  ? 18  A   C "O2'" 1 
ATOM   624  C  "C1'" . A   C 3 4  ? -0.795  19.724  0.800   1.00 51.57  ? 18  A   C "C1'" 1 
ATOM   625  N  N9    . A   C 3 4  ? -1.965  19.034  0.273   1.00 48.78  ? 18  A   C N9    1 
ATOM   626  C  C8    . A   C 3 4  ? -2.131  18.289  -0.862  1.00 47.74  ? 18  A   C C8    1 
ATOM   627  N  N7    . A   C 3 4  ? -3.354  17.835  -1.017  1.00 44.43  ? 18  A   C N7    1 
ATOM   628  C  C5    . A   C 3 4  ? -4.026  18.310  0.098   1.00 48.66  ? 18  A   C C5    1 
ATOM   629  C  C6    . A   C 3 4  ? -5.353  18.180  0.529   1.00 51.49  ? 18  A   C C6    1 
ATOM   630  N  N6    . A   C 3 4  ? -6.278  17.498  -0.137  1.00 53.75  ? 18  A   C N6    1 
ATOM   631  N  N1    . A   C 3 4  ? -5.703  18.785  1.684   1.00 49.85  ? 18  A   C N1    1 
ATOM   632  C  C2    . A   C 3 4  ? -4.768  19.468  2.355   1.00 51.83  ? 18  A   C C2    1 
ATOM   633  N  N3    . A   C 3 4  ? -3.485  19.659  2.053   1.00 51.14  ? 18  A   C N3    1 
ATOM   634  C  C4    . A   C 3 4  ? -3.180  19.047  0.899   1.00 48.97  ? 18  A   C C4    1 
ATOM   635  P  P     . G   C 3 5  ? 1.972   16.697  3.199   1.00 67.89  ? 19  G   C P     1 
ATOM   636  O  OP1   . G   C 3 5  ? 3.171   16.760  4.080   1.00 67.93  ? 19  G   C OP1   1 
ATOM   637  O  OP2   . G   C 3 5  ? 1.779   15.525  2.299   1.00 67.53  ? 19  G   C OP2   1 
ATOM   638  O  "O5'" . G   C 3 5  ? 0.674   16.878  4.107   1.00 58.01  ? 19  G   C "O5'" 1 
ATOM   639  C  "C5'" . G   C 3 5  ? 0.662   17.891  5.087   1.00 50.79  ? 19  G   C "C5'" 1 
ATOM   640  C  "C4'" . G   C 3 5  ? -0.671  17.992  5.769   1.00 53.99  ? 19  G   C "C4'" 1 
ATOM   641  O  "O4'" . G   C 3 5  ? -1.698  18.344  4.796   1.00 51.99  ? 19  G   C "O4'" 1 
ATOM   642  C  "C3'" . G   C 3 5  ? -1.197  16.679  6.318   1.00 58.82  ? 19  G   C "C3'" 1 
ATOM   643  O  "O3'" . G   C 3 5  ? -0.588  16.264  7.525   1.00 67.48  ? 19  G   C "O3'" 1 
ATOM   644  C  "C2'" . G   C 3 5  ? -2.687  16.956  6.455   1.00 58.42  ? 19  G   C "C2'" 1 
ATOM   645  O  "O2'" . G   C 3 5  ? -3.047  17.715  7.591   1.00 54.44  ? 19  G   C "O2'" 1 
ATOM   646  C  "C1'" . G   C 3 5  ? -2.940  17.797  5.215   1.00 53.01  ? 19  G   C "C1'" 1 
ATOM   647  N  N9    . G   C 3 5  ? -3.547  16.983  4.176   1.00 52.41  ? 19  G   C N9    1 
ATOM   648  C  C8    . G   C 3 5  ? -2.981  16.448  3.044   1.00 53.46  ? 19  G   C C8    1 
ATOM   649  N  N7    . G   C 3 5  ? -3.830  15.746  2.337   1.00 55.65  ? 19  G   C N7    1 
ATOM   650  C  C5    . G   C 3 5  ? -5.025  15.828  3.051   1.00 54.38  ? 19  G   C C5    1 
ATOM   651  C  C6    . G   C 3 5  ? -6.326  15.267  2.788   1.00 55.62  ? 19  G   C C6    1 
ATOM   652  O  O6    . G   C 3 5  ? -6.693  14.554  1.844   1.00 58.36  ? 19  G   C O6    1 
ATOM   653  N  N1    . G   C 3 5  ? -7.238  15.612  3.774   1.00 52.64  ? 19  G   C N1    1 
ATOM   654  C  C2    . G   C 3 5  ? -6.959  16.377  4.866   1.00 50.90  ? 19  G   C C2    1 
ATOM   655  N  N2    . G   C 3 5  ? -7.983  16.584  5.698   1.00 50.93  ? 19  G   C N2    1 
ATOM   656  N  N3    . G   C 3 5  ? -5.773  16.899  5.128   1.00 49.24  ? 19  G   C N3    1 
ATOM   657  C  C4    . G   C 3 5  ? -4.861  16.587  4.182   1.00 51.43  ? 19  G   C C4    1 
ATOM   658  P  P     . A   C 3 6  ? -0.267  14.703  7.740   1.00 72.60  ? 20  A   C P     1 
ATOM   659  O  OP1   . A   C 3 6  ? 0.625   14.594  8.922   1.00 74.53  ? 20  A   C OP1   1 
ATOM   660  O  OP2   . A   C 3 6  ? 0.170   14.140  6.432   1.00 74.03  ? 20  A   C OP2   1 
ATOM   661  O  "O5'" . A   C 3 6  ? -1.675  14.073  8.124   1.00 63.95  ? 20  A   C "O5'" 1 
ATOM   662  C  "C5'" . A   C 3 6  ? -2.324  14.514  9.296   1.00 56.98  ? 20  A   C "C5'" 1 
ATOM   663  C  "C4'" . A   C 3 6  ? -3.811  14.329  9.189   1.00 52.34  ? 20  A   C "C4'" 1 
ATOM   664  O  "O4'" . A   C 3 6  ? -4.273  14.901  7.936   1.00 48.71  ? 20  A   C "O4'" 1 
ATOM   665  C  "C3'" . A   C 3 6  ? -4.258  12.889  9.076   1.00 50.82  ? 20  A   C "C3'" 1 
ATOM   666  O  "O3'" . A   C 3 6  ? -4.297  12.241  10.321  1.00 53.51  ? 20  A   C "O3'" 1 
ATOM   667  C  "C2'" . A   C 3 6  ? -5.629  13.018  8.440   1.00 50.55  ? 20  A   C "C2'" 1 
ATOM   668  O  "O2'" . A   C 3 6  ? -6.629  13.389  9.366   1.00 49.81  ? 20  A   C "O2'" 1 
ATOM   669  C  "C1'" . A   C 3 6  ? -5.377  14.148  7.447   1.00 52.10  ? 20  A   C "C1'" 1 
ATOM   670  N  N9    . A   C 3 6  ? -5.059  13.608  6.127   1.00 52.88  ? 20  A   C N9    1 
ATOM   671  C  C8    . A   C 3 6  ? -3.890  13.644  5.401   1.00 52.62  ? 20  A   C C8    1 
ATOM   672  N  N7    . A   C 3 6  ? -3.966  13.020  4.249   1.00 50.03  ? 20  A   C N7    1 
ATOM   673  C  C5    . A   C 3 6  ? -5.273  12.551  4.214   1.00 49.17  ? 20  A   C C5    1 
ATOM   674  C  C6    . A   C 3 6  ? -5.984  11.816  3.259   1.00 51.31  ? 20  A   C C6    1 
ATOM   675  N  N6    . A   C 3 6  ? -5.458  11.416  2.101   1.00 51.63  ? 20  A   C N6    1 
ATOM   676  N  N1    . A   C 3 6  ? -7.276  11.505  3.533   1.00 53.74  ? 20  A   C N1    1 
ATOM   677  C  C2    . A   C 3 6  ? -7.802  11.920  4.694   1.00 52.46  ? 20  A   C C2    1 
ATOM   678  N  N3    . A   C 3 6  ? -7.234  12.622  5.668   1.00 49.00  ? 20  A   C N3    1 
ATOM   679  C  C4    . A   C 3 6  ? -5.955  12.908  5.360   1.00 50.42  ? 20  A   C C4    1 
ATOM   680  P  P     . G   C 3 7  ? -3.764  10.738  10.421  1.00 56.51  ? 21  G   C P     1 
ATOM   681  O  OP1   . G   C 3 7  ? -3.934  10.281  11.823  1.00 54.19  ? 21  G   C OP1   1 
ATOM   682  O  OP2   . G   C 3 7  ? -2.415  10.711  9.783   1.00 55.86  ? 21  G   C OP2   1 
ATOM   683  O  "O5'" . G   C 3 7  ? -4.786  9.944   9.502   1.00 51.95  ? 21  G   C "O5'" 1 
ATOM   684  C  "C5'" . G   C 3 7  ? -6.159  9.949   9.828   1.00 54.42  ? 21  G   C "C5'" 1 
ATOM   685  C  "C4'" . G   C 3 7  ? -6.937  9.152   8.823   1.00 55.42  ? 21  G   C "C4'" 1 
ATOM   686  O  "O4'" . G   C 3 7  ? -6.901  9.839   7.547   1.00 54.91  ? 21  G   C "O4'" 1 
ATOM   687  C  "C3'" . G   C 3 7  ? -6.373  7.779   8.514   1.00 58.93  ? 21  G   C "C3'" 1 
ATOM   688  O  "O3'" . G   C 3 7  ? -6.788  6.833   9.484   1.00 61.57  ? 21  G   C "O3'" 1 
ATOM   689  C  "C2'" . G   C 3 7  ? -6.968  7.504   7.143   1.00 58.01  ? 21  G   C "C2'" 1 
ATOM   690  O  "O2'" . G   C 3 7  ? -8.337  7.153   7.236   1.00 64.68  ? 21  G   C "O2'" 1 
ATOM   691  C  "C1'" . G   C 3 7  ? -6.878  8.889   6.503   1.00 53.87  ? 21  G   C "C1'" 1 
ATOM   692  N  N9    . G   C 3 7  ? -5.661  9.081   5.725   1.00 48.26  ? 21  G   C N9    1 
ATOM   693  C  C8    . G   C 3 7  ? -4.447  9.564   6.157   1.00 46.12  ? 21  G   C C8    1 
ATOM   694  N  N7    . G   C 3 7  ? -3.545  9.599   5.212   1.00 47.62  ? 21  G   C N7    1 
ATOM   695  C  C5    . G   C 3 7  ? -4.207  9.110   4.091   1.00 47.15  ? 21  G   C C5    1 
ATOM   696  C  C6    . G   C 3 7  ? -3.742  8.904   2.757   1.00 48.04  ? 21  G   C C6    1 
ATOM   697  O  O6    . G   C 3 7  ? -2.602  9.110   2.294   1.00 53.49  ? 21  G   C O6    1 
ATOM   698  N  N1    . G   C 3 7  ? -4.755  8.395   1.936   1.00 42.49  ? 21  G   C N1    1 
ATOM   699  C  C2    . G   C 3 7  ? -6.048  8.119   2.344   1.00 41.78  ? 21  G   C C2    1 
ATOM   700  N  N2    . G   C 3 7  ? -6.891  7.632   1.407   1.00 34.15  ? 21  G   C N2    1 
ATOM   701  N  N3    . G   C 3 7  ? -6.484  8.305   3.583   1.00 44.72  ? 21  G   C N3    1 
ATOM   702  C  C4    . G   C 3 7  ? -5.516  8.795   4.394   1.00 46.36  ? 21  G   C C4    1 
ATOM   703  P  P     . A   C 3 8  ? -5.727  5.767   10.055  1.00 65.82  ? 22  A   C P     1 
ATOM   704  O  OP1   . A   C 3 8  ? -5.149  6.311   11.311  1.00 59.98  ? 22  A   C OP1   1 
ATOM   705  O  OP2   . A   C 3 8  ? -4.811  5.381   8.937   1.00 60.35  ? 22  A   C OP2   1 
ATOM   706  O  "O5'" . A   C 3 8  ? -6.655  4.529   10.433  1.00 59.20  ? 22  A   C "O5'" 1 
ATOM   707  C  "C5'" . A   C 3 8  ? -6.855  3.453   9.522   1.00 58.41  ? 22  A   C "C5'" 1 
ATOM   708  C  "C4'" . A   C 3 8  ? -8.304  3.386   9.098   1.00 56.09  ? 22  A   C "C4'" 1 
ATOM   709  O  "O4'" . A   C 3 8  ? -8.556  4.394   8.078   1.00 53.95  ? 22  A   C "O4'" 1 
ATOM   710  C  "C3'" . A   C 3 8  ? -8.689  2.095   8.406   1.00 57.31  ? 22  A   C "C3'" 1 
ATOM   711  O  "O3'" . A   C 3 8  ? -8.967  1.087   9.358   1.00 60.99  ? 22  A   C "O3'" 1 
ATOM   712  C  "C2'" . A   C 3 8  ? -9.912  2.506   7.599   1.00 54.98  ? 22  A   C "C2'" 1 
ATOM   713  O  "O2'" . A   C 3 8  ? -11.079 2.606   8.392   1.00 49.28  ? 22  A   C "O2'" 1 
ATOM   714  C  "C1'" . A   C 3 8  ? -9.504  3.903   7.139   1.00 49.29  ? 22  A   C "C1'" 1 
ATOM   715  N  N9    . A   C 3 8  ? -8.890  3.895   5.811   1.00 47.82  ? 22  A   C N9    1 
ATOM   716  C  C8    . A   C 3 8  ? -7.581  4.143   5.476   1.00 46.11  ? 22  A   C C8    1 
ATOM   717  N  N7    . A   C 3 8  ? -7.337  4.054   4.191   1.00 43.80  ? 22  A   C N7    1 
ATOM   718  C  C5    . A   C 3 8  ? -8.566  3.723   3.643   1.00 42.96  ? 22  A   C C5    1 
ATOM   719  C  C6    . A   C 3 8  ? -8.974  3.475   2.318   1.00 42.12  ? 22  A   C C6    1 
ATOM   720  N  N6    . A   C 3 8  ? -8.149  3.510   1.270   1.00 44.02  ? 22  A   C N6    1 
ATOM   721  N  N1    . A   C 3 8  ? -10.277 3.180   2.107   1.00 43.11  ? 22  A   C N1    1 
ATOM   722  C  C2    . A   C 3 8  ? -11.102 3.135   3.167   1.00 45.91  ? 22  A   C C2    1 
ATOM   723  N  N3    . A   C 3 8  ? -10.835 3.340   4.456   1.00 41.83  ? 22  A   C N3    1 
ATOM   724  C  C4    . A   C 3 8  ? -9.535  3.630   4.628   1.00 45.22  ? 22  A   C C4    1 
ATOM   725  P  P     . A   C 3 9  ? -8.535  -0.419  9.046   1.00 59.63  ? 23  A   C P     1 
ATOM   726  O  OP1   . A   C 3 9  ? -8.907  -1.276  10.188  1.00 63.58  ? 23  A   C OP1   1 
ATOM   727  O  OP2   . A   C 3 9  ? -7.134  -0.399  8.577   1.00 59.85  ? 23  A   C OP2   1 
ATOM   728  O  "O5'" . A   C 3 9  ? -9.474  -0.807  7.832   1.00 60.33  ? 23  A   C "O5'" 1 
ATOM   729  C  "C5'" . A   C 3 9  ? -10.873 -0.642  7.935   1.00 58.77  ? 23  A   C "C5'" 1 
ATOM   730  C  "C4'" . A   C 3 9  ? -11.505 -0.872  6.599   1.00 58.06  ? 23  A   C "C4'" 1 
ATOM   731  O  "O4'" . A   C 3 9  ? -11.078 0.179   5.697   1.00 56.04  ? 23  A   C "O4'" 1 
ATOM   732  C  "C3'" . A   C 3 9  ? -11.025 -2.141  5.917   1.00 59.83  ? 23  A   C "C3'" 1 
ATOM   733  O  "O3'" . A   C 3 9  ? -11.744 -3.279  6.367   1.00 58.82  ? 23  A   C "O3'" 1 
ATOM   734  C  "C2'" . A   C 3 9  ? -11.290 -1.836  4.453   1.00 57.53  ? 23  A   C "C2'" 1 
ATOM   735  O  "O2'" . A   C 3 9  ? -12.644 -2.004  4.106   1.00 60.47  ? 23  A   C "O2'" 1 
ATOM   736  C  "C1'" . A   C 3 9  ? -10.943 -0.351  4.392   1.00 54.88  ? 23  A   C "C1'" 1 
ATOM   737  N  N9    . A   C 3 9  ? -9.579  -0.142  3.929   1.00 49.70  ? 23  A   C N9    1 
ATOM   738  C  C8    . A   C 3 9  ? -8.446  0.149   4.638   1.00 48.56  ? 23  A   C C8    1 
ATOM   739  N  N7    . A   C 3 9  ? -7.373  0.247   3.893   1.00 47.77  ? 23  A   C N7    1 
ATOM   740  C  C5    . A   C 3 9  ? -7.838  0.005   2.608   1.00 46.77  ? 23  A   C C5    1 
ATOM   741  C  C6    . A   C 3 9  ? -7.196  -0.034  1.356   1.00 45.95  ? 23  A   C C6    1 
ATOM   742  N  N6    . A   C 3 9  ? -5.891  0.165   1.184   1.00 42.45  ? 23  A   C N6    1 
ATOM   743  N  N1    . A   C 3 9  ? -7.953  -0.289  0.273   1.00 47.34  ? 23  A   C N1    1 
ATOM   744  C  C2    . A   C 3 9  ? -9.265  -0.494  0.443   1.00 49.56  ? 23  A   C C2    1 
ATOM   745  N  N3    . A   C 3 9  ? -9.979  -0.489  1.564   1.00 48.34  ? 23  A   C N3    1 
ATOM   746  C  C4    . A   C 3 9  ? -9.195  -0.229  2.620   1.00 47.16  ? 23  A   C C4    1 
ATOM   747  P  P     . A   C 3 10 ? -11.130 -4.744  6.138   1.00 61.01  ? 24  A   C P     1 
ATOM   748  O  OP1   . A   C 3 10 ? -12.142 -5.746  6.539   1.00 58.49  ? 24  A   C OP1   1 
ATOM   749  O  OP2   . A   C 3 10 ? -9.786  -4.766  6.768   1.00 62.66  ? 24  A   C OP2   1 
ATOM   750  O  "O5'" . A   C 3 10 ? -10.952 -4.841  4.558   1.00 59.28  ? 24  A   C "O5'" 1 
ATOM   751  C  "C5'" . A   C 3 10 ? -12.081 -5.014  3.709   1.00 49.28  ? 24  A   C "C5'" 1 
ATOM   752  C  "C4'" . A   C 3 10 ? -11.633 -5.193  2.283   1.00 46.62  ? 24  A   C "C4'" 1 
ATOM   753  O  "O4'" . A   C 3 10 ? -10.977 -3.986  1.826   1.00 50.89  ? 24  A   C "O4'" 1 
ATOM   754  C  "C3'" . A   C 3 10 ? -10.586 -6.265  2.089   1.00 45.24  ? 24  A   C "C3'" 1 
ATOM   755  O  "O3'" . A   C 3 10 ? -11.192 -7.528  1.993   1.00 39.55  ? 24  A   C "O3'" 1 
ATOM   756  C  "C2'" . A   C 3 10 ? -9.901  -5.837  0.798   1.00 50.18  ? 24  A   C "C2'" 1 
ATOM   757  O  "O2'" . A   C 3 10 ? -10.575 -6.199  -0.396  1.00 53.02  ? 24  A   C "O2'" 1 
ATOM   758  C  "C1'" . A   C 3 10 ? -9.899  -4.322  0.970   1.00 46.34  ? 24  A   C "C1'" 1 
ATOM   759  N  N9    . A   C 3 10 ? -8.680  -3.883  1.625   1.00 43.78  ? 24  A   C N9    1 
ATOM   760  C  C8    . A   C 3 10 ? -8.507  -3.550  2.940   1.00 46.36  ? 24  A   C C8    1 
ATOM   761  N  N7    . A   C 3 10 ? -7.287  -3.181  3.233   1.00 46.10  ? 24  A   C N7    1 
ATOM   762  C  C5    . A   C 3 10 ? -6.615  -3.278  2.025   1.00 43.55  ? 24  A   C C5    1 
ATOM   763  C  C6    . A   C 3 10 ? -5.286  -3.027  1.666   1.00 46.55  ? 24  A   C C6    1 
ATOM   764  N  N6    . A   C 3 10 ? -4.362  -2.598  2.532   1.00 47.61  ? 24  A   C N6    1 
ATOM   765  N  N1    . A   C 3 10 ? -4.931  -3.233  0.375   1.00 45.22  ? 24  A   C N1    1 
ATOM   766  C  C2    . A   C 3 10 ? -5.868  -3.664  -0.483  1.00 46.59  ? 24  A   C C2    1 
ATOM   767  N  N3    . A   C 3 10 ? -7.152  -3.935  -0.259  1.00 44.55  ? 24  A   C N3    1 
ATOM   768  C  C4    . A   C 3 10 ? -7.461  -3.716  1.029   1.00 42.97  ? 24  A   C C4    1 
ATOM   769  P  P     . C   C 3 11 ? -10.376 -8.819  2.468   1.00 46.52  ? 25  C   C P     1 
ATOM   770  O  OP1   . C   C 3 11 ? -11.225 -9.972  2.073   1.00 40.15  ? 25  C   C OP1   1 
ATOM   771  O  OP2   . C   C 3 11 ? -10.012 -8.620  3.902   1.00 39.64  ? 25  C   C OP2   1 
ATOM   772  O  "O5'" . C   C 3 11 ? -9.057  -8.818  1.557   1.00 36.52  ? 25  C   C "O5'" 1 
ATOM   773  C  "C5'" . C   C 3 11 ? -9.137  -9.188  0.182   1.00 35.21  ? 25  C   C "C5'" 1 
ATOM   774  C  "C4'" . C   C 3 11 ? -7.833  -8.917  -0.517  1.00 37.15  ? 25  C   C "C4'" 1 
ATOM   775  O  "O4'" . C   C 3 11 ? -7.473  -7.534  -0.311  1.00 41.45  ? 25  C   C "O4'" 1 
ATOM   776  C  "C3'" . C   C 3 11 ? -6.635  -9.691  -0.008  1.00 40.26  ? 25  C   C "C3'" 1 
ATOM   777  O  "O3'" . C   C 3 11 ? -6.576  -10.945 -0.646  1.00 42.62  ? 25  C   C "O3'" 1 
ATOM   778  C  "C2'" . C   C 3 11 ? -5.472  -8.807  -0.424  1.00 37.05  ? 25  C   C "C2'" 1 
ATOM   779  O  "O2'" . C   C 3 11 ? -5.139  -8.936  -1.792  1.00 42.26  ? 25  C   C "O2'" 1 
ATOM   780  C  "C1'" . C   C 3 11 ? -6.068  -7.425  -0.190  1.00 36.98  ? 25  C   C "C1'" 1 
ATOM   781  N  N1    . C   C 3 11 ? -5.780  -6.937  1.152   1.00 37.02  ? 25  C   C N1    1 
ATOM   782  C  C2    . C   C 3 11 ? -4.497  -6.459  1.429   1.00 36.74  ? 25  C   C C2    1 
ATOM   783  O  O2    . C   C 3 11 ? -3.646  -6.515  0.544   1.00 39.85  ? 25  C   C O2    1 
ATOM   784  N  N3    . C   C 3 11 ? -4.219  -5.956  2.646   1.00 37.29  ? 25  C   C N3    1 
ATOM   785  C  C4    . C   C 3 11 ? -5.176  -5.929  3.579   1.00 38.71  ? 25  C   C C4    1 
ATOM   786  N  N4    . C   C 3 11 ? -4.880  -5.394  4.773   1.00 40.52  ? 25  C   C N4    1 
ATOM   787  C  C5    . C   C 3 11 ? -6.491  -6.442  3.332   1.00 37.27  ? 25  C   C C5    1 
ATOM   788  C  C6    . C   C 3 11 ? -6.747  -6.934  2.116   1.00 33.72  ? 25  C   C C6    1 
ATOM   789  P  P     . A   C 3 12 ? -5.724  -12.119 0.012   1.00 41.89  ? 26  A   C P     1 
ATOM   790  O  OP1   . A   C 3 12 ? -5.863  -13.313 -0.858  1.00 43.71  ? 26  A   C OP1   1 
ATOM   791  O  OP2   . A   C 3 12 ? -6.102  -12.191 1.443   1.00 51.44  ? 26  A   C OP2   1 
ATOM   792  O  "O5'" . A   C 3 12 ? -4.224  -11.612 -0.077  1.00 45.49  ? 26  A   C "O5'" 1 
ATOM   793  C  "C5'" . A   C 3 12 ? -3.515  -11.700 -1.305  1.00 38.84  ? 26  A   C "C5'" 1 
ATOM   794  C  "C4'" . A   C 3 12 ? -2.108  -11.229 -1.104  1.00 36.97  ? 26  A   C "C4'" 1 
ATOM   795  O  "O4'" . A   C 3 12 ? -2.157  -9.875  -0.617  1.00 29.77  ? 26  A   C "O4'" 1 
ATOM   796  C  "C3'" . A   C 3 12 ? -1.338  -11.963 -0.028  1.00 37.74  ? 26  A   C "C3'" 1 
ATOM   797  O  "O3'" . A   C 3 12 ? -0.748  -13.136 -0.533  1.00 43.10  ? 26  A   C "O3'" 1 
ATOM   798  C  "C2'" . A   C 3 12 ? -0.294  -10.941 0.387   1.00 36.32  ? 26  A   C "C2'" 1 
ATOM   799  O  "O2'" . A   C 3 12 ? 0.822   -10.817 -0.472  1.00 34.69  ? 26  A   C "O2'" 1 
ATOM   800  C  "C1'" . A   C 3 12 ? -1.118  -9.671  0.318   1.00 29.63  ? 26  A   C "C1'" 1 
ATOM   801  N  N9    . A   C 3 12 ? -1.740  -9.437  1.600   1.00 26.63  ? 26  A   C N9    1 
ATOM   802  C  C8    . A   C 3 12 ? -3.053  -9.628  1.953   1.00 27.86  ? 26  A   C C8    1 
ATOM   803  N  N7    . A   C 3 12 ? -3.321  -9.256  3.180   1.00 30.41  ? 26  A   C N7    1 
ATOM   804  C  C5    . A   C 3 12 ? -2.098  -8.810  3.667   1.00 28.79  ? 26  A   C C5    1 
ATOM   805  C  C6    . A   C 3 12 ? -1.718  -8.270  4.896   1.00 31.29  ? 26  A   C C6    1 
ATOM   806  N  N6    . A   C 3 12 ? -2.571  -8.079  5.899   1.00 34.80  ? 26  A   C N6    1 
ATOM   807  N  N1    . A   C 3 12 ? -0.419  -7.920  5.060   1.00 32.96  ? 26  A   C N1    1 
ATOM   808  C  C2    . A   C 3 12 ? 0.432   -8.112  4.031   1.00 29.37  ? 26  A   C C2    1 
ATOM   809  N  N3    . A   C 3 12 ? 0.187   -8.612  2.822   1.00 28.17  ? 26  A   C N3    1 
ATOM   810  C  C4    . A   C 3 12 ? -1.112  -8.938  2.706   1.00 26.63  ? 26  A   C C4    1 
ATOM   811  P  P     . C   C 3 13 ? -0.453  -14.338 0.465   1.00 49.76  ? 27  C   C P     1 
ATOM   812  O  OP1   . C   C 3 13 ? 0.082   -15.404 -0.415  1.00 39.99  ? 27  C   C OP1   1 
ATOM   813  O  OP2   . C   C 3 13 ? -1.689  -14.572 1.266   1.00 40.89  ? 27  C   C OP2   1 
ATOM   814  O  "O5'" . C   C 3 13 ? 0.694   -13.775 1.422   1.00 38.81  ? 27  C   C "O5'" 1 
ATOM   815  C  "C5'" . C   C 3 13 ? 1.984   -13.479 0.894   1.00 40.45  ? 27  C   C "C5'" 1 
ATOM   816  C  "C4'" . C   C 3 13 ? 2.852   -12.856 1.946   1.00 40.62  ? 27  C   C "C4'" 1 
ATOM   817  O  "O4'" . C   C 3 13 ? 2.251   -11.611 2.369   1.00 47.34  ? 27  C   C "O4'" 1 
ATOM   818  C  "C3'" . C   C 3 13 ? 2.940   -13.653 3.228   1.00 51.39  ? 27  C   C "C3'" 1 
ATOM   819  O  "O3'" . C   C 3 13 ? 3.889   -14.696 3.136   1.00 55.39  ? 27  C   C "O3'" 1 
ATOM   820  C  "C2'" . C   C 3 13 ? 3.314   -12.591 4.248   1.00 50.40  ? 27  C   C "C2'" 1 
ATOM   821  O  "O2'" . C   C 3 13 ? 4.682   -12.232 4.237   1.00 53.29  ? 27  C   C "O2'" 1 
ATOM   822  C  "C1'" . C   C 3 13 ? 2.486   -11.414 3.753   1.00 42.87  ? 27  C   C "C1'" 1 
ATOM   823  N  N1    . C   C 3 13 ? 1.203   -11.379 4.448   1.00 36.73  ? 27  C   C N1    1 
ATOM   824  C  C2    . C   C 3 13 ? 1.126   -10.686 5.651   1.00 36.81  ? 27  C   C C2    1 
ATOM   825  O  O2    . C   C 3 13 ? 2.137   -10.099 6.060   1.00 38.90  ? 27  C   C O2    1 
ATOM   826  N  N3    . C   C 3 13 ? -0.037  -10.664 6.335   1.00 35.07  ? 27  C   C N3    1 
ATOM   827  C  C4    . C   C 3 13 ? -1.098  -11.298 5.849   1.00 33.25  ? 27  C   C C4    1 
ATOM   828  N  N4    . C   C 3 13 ? -2.221  -11.265 6.562   1.00 30.59  ? 27  C   C N4    1 
ATOM   829  C  C5    . C   C 3 13 ? -1.053  -12.004 4.607   1.00 36.54  ? 27  C   C C5    1 
ATOM   830  C  C6    . C   C 3 13 ? 0.109   -12.019 3.946   1.00 32.82  ? 27  C   C C6    1 
ATOM   831  P  P     . A   C 3 14 ? 3.669   -16.023 4.006   1.00 55.34  ? 28  A   C P     1 
ATOM   832  O  OP1   . A   C 3 14 ? 4.714   -16.999 3.587   1.00 52.67  ? 28  A   C OP1   1 
ATOM   833  O  OP2   . A   C 3 14 ? 2.233   -16.398 3.930   1.00 51.36  ? 28  A   C OP2   1 
ATOM   834  O  "O5'" . A   C 3 14 ? 3.961   -15.538 5.489   1.00 46.80  ? 28  A   C "O5'" 1 
ATOM   835  C  "C5'" . A   C 3 14 ? 5.267   -15.144 5.839   1.00 44.69  ? 28  A   C "C5'" 1 
ATOM   836  C  "C4'" . A   C 3 14 ? 5.285   -14.558 7.216   1.00 45.74  ? 28  A   C "C4'" 1 
ATOM   837  O  "O4'" . A   C 3 14 ? 4.380   -13.429 7.241   1.00 42.37  ? 28  A   C "O4'" 1 
ATOM   838  C  "C3'" . A   C 3 14 ? 4.752   -15.463 8.315   1.00 45.74  ? 28  A   C "C3'" 1 
ATOM   839  O  "O3'" . A   C 3 14 ? 5.740   -16.362 8.787   1.00 48.24  ? 28  A   C "O3'" 1 
ATOM   840  C  "C2'" . A   C 3 14 ? 4.356   -14.458 9.378   1.00 44.91  ? 28  A   C "C2'" 1 
ATOM   841  O  "O2'" . A   C 3 14 ? 5.468   -13.968 10.093  1.00 45.06  ? 28  A   C "O2'" 1 
ATOM   842  C  "C1'" . A   C 3 14 ? 3.787   -13.338 8.518   1.00 42.12  ? 28  A   C "C1'" 1 
ATOM   843  N  N9    . A   C 3 14 ? 2.350   -13.489 8.377   1.00 38.50  ? 28  A   C N9    1 
ATOM   844  C  C8    . A   C 3 14 ? 1.619   -14.026 7.357   1.00 41.06  ? 28  A   C C8    1 
ATOM   845  N  N7    . A   C 3 14 ? 0.325   -14.010 7.576   1.00 40.35  ? 28  A   C N7    1 
ATOM   846  C  C5    . A   C 3 14 ? 0.208   -13.424 8.827   1.00 38.25  ? 28  A   C C5    1 
ATOM   847  C  C6    . A   C 3 14 ? -0.899  -13.120 9.628   1.00 38.59  ? 28  A   C C6    1 
ATOM   848  N  N6    . A   C 3 14 ? -2.149  -13.390 9.280   1.00 37.94  ? 28  A   C N6    1 
ATOM   849  N  N1    . A   C 3 14 ? -0.673  -12.519 10.816  1.00 40.96  ? 28  A   C N1    1 
ATOM   850  C  C2    . A   C 3 14 ? 0.591   -12.255 11.164  1.00 41.79  ? 28  A   C C2    1 
ATOM   851  N  N3    . A   C 3 14 ? 1.717   -12.504 10.497  1.00 40.44  ? 28  A   C N3    1 
ATOM   852  C  C4    . A   C 3 14 ? 1.446   -13.094 9.324   1.00 37.26  ? 28  A   C C4    1 
ATOM   853  P  P     . C   C 3 15 ? 5.305   -17.817 9.298   1.00 50.82  ? 29  C   C P     1 
ATOM   854  O  OP1   . C   C 3 15 ? 6.564   -18.570 9.504   1.00 54.35  ? 29  C   C OP1   1 
ATOM   855  O  OP2   . C   C 3 15 ? 4.272   -18.353 8.376   1.00 44.46  ? 29  C   C OP2   1 
ATOM   856  O  "O5'" . C   C 3 15 ? 4.654   -17.539 10.723  1.00 42.09  ? 29  C   C "O5'" 1 
ATOM   857  C  "C5'" . C   C 3 15 ? 5.479   -17.155 11.808  1.00 37.50  ? 29  C   C "C5'" 1 
ATOM   858  C  "C4'" . C   C 3 15 ? 4.653   -16.548 12.908  1.00 42.17  ? 29  C   C "C4'" 1 
ATOM   859  O  "O4'" . C   C 3 15 ? 3.864   -15.469 12.344  1.00 42.78  ? 29  C   C "O4'" 1 
ATOM   860  C  "C3'" . C   C 3 15 ? 3.605   -17.458 13.535  1.00 39.68  ? 29  C   C "C3'" 1 
ATOM   861  O  "O3'" . C   C 3 15 ? 4.140   -18.305 14.524  1.00 37.24  ? 29  C   C "O3'" 1 
ATOM   862  C  "C2'" . C   C 3 15 ? 2.611   -16.461 14.105  1.00 38.71  ? 29  C   C "C2'" 1 
ATOM   863  O  "O2'" . C   C 3 15 ? 3.000   -15.870 15.332  1.00 32.73  ? 29  C   C "O2'" 1 
ATOM   864  C  "C1'" . C   C 3 15 ? 2.604   -15.413 12.996  1.00 40.14  ? 29  C   C "C1'" 1 
ATOM   865  N  N1    . C   C 3 15 ? 1.570   -15.770 12.030  1.00 41.00  ? 29  C   C N1    1 
ATOM   866  C  C2    . C   C 3 15 ? 0.245   -15.528 12.374  1.00 39.83  ? 29  C   C C2    1 
ATOM   867  O  O2    . C   C 3 15 ? 0.010   -15.007 13.460  1.00 40.47  ? 29  C   C O2    1 
ATOM   868  N  N3    . C   C 3 15 ? -0.735  -15.868 11.520  1.00 40.88  ? 29  C   C N3    1 
ATOM   869  C  C4    . C   C 3 15 ? -0.426  -16.438 10.352  1.00 45.14  ? 29  C   C C4    1 
ATOM   870  N  N4    . C   C 3 15 ? -1.430  -16.775 9.533   1.00 48.40  ? 29  C   C N4    1 
ATOM   871  C  C5    . C   C 3 15 ? 0.930   -16.693 9.967   1.00 45.59  ? 29  C   C C5    1 
ATOM   872  C  C6    . C   C 3 15 ? 1.887   -16.342 10.830  1.00 42.89  ? 29  C   C C6    1 
ATOM   873  P  P     . G   C 3 16 ? 3.564   -19.790 14.680  1.00 47.73  ? 30  G   C P     1 
ATOM   874  O  OP1   . G   C 3 16 ? 4.524   -20.509 15.541  1.00 52.94  ? 30  G   C OP1   1 
ATOM   875  O  OP2   . G   C 3 16 ? 3.242   -20.328 13.331  1.00 45.19  ? 30  G   C OP2   1 
ATOM   876  O  "O5'" . G   C 3 16 ? 2.232   -19.580 15.525  1.00 46.91  ? 30  G   C "O5'" 1 
ATOM   877  C  "C5'" . G   C 3 16 ? 2.331   -19.093 16.847  1.00 48.17  ? 30  G   C "C5'" 1 
ATOM   878  C  "C4'" . G   C 3 16 ? 1.001   -18.611 17.348  1.00 51.66  ? 30  G   C "C4'" 1 
ATOM   879  O  "O4'" . G   C 3 16 ? 0.500   -17.606 16.429  1.00 56.44  ? 30  G   C "O4'" 1 
ATOM   880  C  "C3'" . G   C 3 16 ? -0.117  -19.638 17.378  1.00 57.66  ? 30  G   C "C3'" 1 
ATOM   881  O  "O3'" . G   C 3 16 ? -0.075  -20.506 18.491  1.00 56.82  ? 30  G   C "O3'" 1 
ATOM   882  C  "C2'" . G   C 3 16 ? -1.353  -18.756 17.363  1.00 57.93  ? 30  G   C "C2'" 1 
ATOM   883  O  "O2'" . G   C 3 16 ? -1.594  -18.156 18.623  1.00 55.52  ? 30  G   C "O2'" 1 
ATOM   884  C  "C1'" . G   C 3 16 ? -0.919  -17.682 16.371  1.00 56.19  ? 30  G   C "C1'" 1 
ATOM   885  N  N9    . G   C 3 16 ? -1.333  -18.046 15.020  1.00 54.27  ? 30  G   C N9    1 
ATOM   886  C  C8    . G   C 3 16 ? -0.558  -18.468 13.966  1.00 55.79  ? 30  G   C C8    1 
ATOM   887  N  N7    . G   C 3 16 ? -1.259  -18.735 12.896  1.00 55.92  ? 30  G   C N7    1 
ATOM   888  C  C5    . G   C 3 16 ? -2.567  -18.465 13.273  1.00 54.62  ? 30  G   C C5    1 
ATOM   889  C  C6    . G   C 3 16 ? -3.776  -18.564 12.542  1.00 53.66  ? 30  G   C C6    1 
ATOM   890  O  O6    . G   C 3 16 ? -3.937  -18.909 11.372  1.00 53.57  ? 30  G   C O6    1 
ATOM   891  N  N1    . G   C 3 16 ? -4.874  -18.207 13.316  1.00 53.93  ? 30  G   C N1    1 
ATOM   892  C  C2    . G   C 3 16 ? -4.814  -17.803 14.627  1.00 54.49  ? 30  G   C C2    1 
ATOM   893  N  N2    . G   C 3 16 ? -5.982  -17.507 15.223  1.00 48.61  ? 30  G   C N2    1 
ATOM   894  N  N3    . G   C 3 16 ? -3.695  -17.697 15.313  1.00 55.22  ? 30  G   C N3    1 
ATOM   895  C  C4    . G   C 3 16 ? -2.622  -18.042 14.580  1.00 54.63  ? 30  G   C C4    1 
ATOM   896  P  P     . A   C 3 17 ? -0.421  -22.057 18.278  1.00 59.07  ? 31  A   C P     1 
ATOM   897  O  OP1   . A   C 3 17 ? 0.022   -22.752 19.509  1.00 61.04  ? 31  A   C OP1   1 
ATOM   898  O  OP2   . A   C 3 17 ? 0.123   -22.475 16.957  1.00 56.61  ? 31  A   C OP2   1 
ATOM   899  O  "O5'" . A   C 3 17 ? -2.013  -22.099 18.162  1.00 55.37  ? 31  A   C "O5'" 1 
ATOM   900  C  "C5'" . A   C 3 17 ? -2.823  -21.616 19.231  1.00 52.29  ? 31  A   C "C5'" 1 
ATOM   901  C  "C4'" . A   C 3 17 ? -4.275  -21.500 18.811  1.00 46.46  ? 31  A   C "C4'" 1 
ATOM   902  O  "O4'" . A   C 3 17 ? -4.383  -20.561 17.715  1.00 49.20  ? 31  A   C "O4'" 1 
ATOM   903  C  "C3'" . A   C 3 17 ? -4.917  -22.765 18.260  1.00 46.85  ? 31  A   C "C3'" 1 
ATOM   904  O  "O3'" . A   C 3 17 ? -5.326  -23.693 19.250  1.00 54.74  ? 31  A   C "O3'" 1 
ATOM   905  C  "C2'" . A   C 3 17 ? -6.065  -22.217 17.431  1.00 47.94  ? 31  A   C "C2'" 1 
ATOM   906  O  "O2'" . A   C 3 17 ? -7.182  -21.824 18.203  1.00 50.76  ? 31  A   C "O2'" 1 
ATOM   907  C  "C1'" . A   C 3 17 ? -5.422  -20.970 16.843  1.00 42.89  ? 31  A   C "C1'" 1 
ATOM   908  N  N9    . A   C 3 17 ? -4.858  -21.237 15.532  1.00 39.38  ? 31  A   C N9    1 
ATOM   909  C  C8    . A   C 3 17 ? -3.573  -21.554 15.181  1.00 41.97  ? 31  A   C C8    1 
ATOM   910  N  N7    . A   C 3 17 ? -3.408  -21.726 13.892  1.00 40.50  ? 31  A   C N7    1 
ATOM   911  C  C5    . A   C 3 17 ? -4.676  -21.514 13.365  1.00 40.41  ? 31  A   C C5    1 
ATOM   912  C  C6    . A   C 3 17 ? -5.182  -21.551 12.049  1.00 38.25  ? 31  A   C C6    1 
ATOM   913  N  N6    . A   C 3 17 ? -4.439  -21.827 10.975  1.00 36.24  ? 31  A   C N6    1 
ATOM   914  N  N1    . A   C 3 17 ? -6.494  -21.292 11.873  1.00 38.83  ? 31  A   C N1    1 
ATOM   915  C  C2    . A   C 3 17 ? -7.236  -21.014 12.940  1.00 37.82  ? 31  A   C C2    1 
ATOM   916  N  N3    . A   C 3 17 ? -6.880  -20.947 14.219  1.00 38.11  ? 31  A   C N3    1 
ATOM   917  C  C4    . A   C 3 17 ? -5.573  -21.211 14.365  1.00 40.07  ? 31  A   C C4    1 
ATOM   918  O  "O5'" . U   D 4 1  ? -10.660 -19.503 4.686   1.00 46.85  ? 31  U   D "O5'" 1 
ATOM   919  C  "C5'" . U   D 4 1  ? -12.028 -19.852 4.866   1.00 43.47  ? 31  U   D "C5'" 1 
ATOM   920  C  "C4'" . U   D 4 1  ? -12.396 -19.923 6.323   1.00 43.65  ? 31  U   D "C4'" 1 
ATOM   921  O  "O4'" . U   D 4 1  ? -11.799 -21.107 6.906   1.00 42.17  ? 31  U   D "O4'" 1 
ATOM   922  C  "C3'" . U   D 4 1  ? -11.885 -18.779 7.180   1.00 38.97  ? 31  U   D "C3'" 1 
ATOM   923  O  "O3'" . U   D 4 1  ? -12.777 -17.684 7.127   1.00 42.09  ? 31  U   D "O3'" 1 
ATOM   924  C  "C2'" . U   D 4 1  ? -11.876 -19.412 8.560   1.00 43.48  ? 31  U   D "C2'" 1 
ATOM   925  O  "O2'" . U   D 4 1  ? -13.176 -19.456 9.137   1.00 44.16  ? 31  U   D "O2'" 1 
ATOM   926  C  "C1'" . U   D 4 1  ? -11.397 -20.831 8.235   1.00 42.49  ? 31  U   D "C1'" 1 
ATOM   927  N  N1    . U   D 4 1  ? -9.935  -20.948 8.298   1.00 44.30  ? 31  U   D N1    1 
ATOM   928  C  C2    . U   D 4 1  ? -9.328  -20.974 9.544   1.00 42.32  ? 31  U   D C2    1 
ATOM   929  O  O2    . U   D 4 1  ? -9.948  -20.942 10.588  1.00 43.94  ? 31  U   D O2    1 
ATOM   930  N  N3    . U   D 4 1  ? -7.960  -21.042 9.516   1.00 42.25  ? 31  U   D N3    1 
ATOM   931  C  C4    . U   D 4 1  ? -7.156  -21.096 8.395   1.00 41.55  ? 31  U   D C4    1 
ATOM   932  O  O4    . U   D 4 1  ? -5.932  -21.099 8.526   1.00 44.68  ? 31  U   D O4    1 
ATOM   933  C  C5    . U   D 4 1  ? -7.861  -21.088 7.156   1.00 39.92  ? 31  U   D C5    1 
ATOM   934  C  C6    . U   D 4 1  ? -9.191  -21.016 7.150   1.00 43.85  ? 31  U   D C6    1 
ATOM   935  P  P     . C   D 4 2  ? -12.229 -16.190 7.355   1.00 42.35  ? 32  C   D P     1 
ATOM   936  O  OP1   . C   D 4 2  ? -13.342 -15.270 7.032   1.00 42.75  ? 32  C   D OP1   1 
ATOM   937  O  OP2   . C   D 4 2  ? -10.928 -16.050 6.660   1.00 42.23  ? 32  C   D OP2   1 
ATOM   938  O  "O5'" . C   D 4 2  ? -12.008 -16.067 8.922   1.00 41.42  ? 32  C   D "O5'" 1 
ATOM   939  C  "C5'" . C   D 4 2  ? -13.129 -16.001 9.786   1.00 37.50  ? 32  C   D "C5'" 1 
ATOM   940  C  "C4'" . C   D 4 2  ? -12.704 -16.235 11.210  1.00 41.69  ? 32  C   D "C4'" 1 
ATOM   941  O  "O4'" . C   D 4 2  ? -11.988 -17.491 11.265  1.00 37.06  ? 32  C   D "O4'" 1 
ATOM   942  C  "C3'" . C   D 4 2  ? -11.733 -15.228 11.805  1.00 42.62  ? 32  C   D "C3'" 1 
ATOM   943  O  "O3'" . C   D 4 2  ? -12.372 -14.070 12.324  1.00 46.01  ? 32  C   D "O3'" 1 
ATOM   944  C  "C2'" . C   D 4 2  ? -11.072 -16.039 12.902  1.00 40.11  ? 32  C   D "C2'" 1 
ATOM   945  O  "O2'" . C   D 4 2  ? -11.903 -16.186 14.040  1.00 48.69  ? 32  C   D "O2'" 1 
ATOM   946  C  "C1'" . C   D 4 2  ? -10.941 -17.390 12.209  1.00 36.84  ? 32  C   D "C1'" 1 
ATOM   947  N  N1    . C   D 4 2  ? -9.659  -17.534 11.506  1.00 39.82  ? 32  C   D N1    1 
ATOM   948  C  C2    . C   D 4 2  ? -8.498  -17.602 12.269  1.00 43.23  ? 32  C   D C2    1 
ATOM   949  O  O2    . C   D 4 2  ? -8.587  -17.461 13.492  1.00 45.95  ? 32  C   D O2    1 
ATOM   950  N  N3    . C   D 4 2  ? -7.307  -17.813 11.659  1.00 43.32  ? 32  C   D N3    1 
ATOM   951  C  C4    . C   D 4 2  ? -7.261  -17.938 10.337  1.00 44.04  ? 32  C   D C4    1 
ATOM   952  N  N4    . C   D 4 2  ? -6.081  -18.185 9.782   1.00 47.02  ? 32  C   D N4    1 
ATOM   953  C  C5    . C   D 4 2  ? -8.432  -17.826 9.524   1.00 41.24  ? 32  C   D C5    1 
ATOM   954  C  C6    . C   D 4 2  ? -9.600  -17.623 10.144  1.00 37.85  ? 32  C   D C6    1 
ATOM   955  P  P     . G   D 4 3  ? -11.632 -12.652 12.203  1.00 52.12  ? 33  G   D P     1 
ATOM   956  O  OP1   . G   D 4 3  ? -12.623 -11.572 12.430  1.00 44.07  ? 33  G   D OP1   1 
ATOM   957  O  OP2   . G   D 4 3  ? -10.857 -12.707 10.933  1.00 41.31  ? 33  G   D OP2   1 
ATOM   958  O  "O5'" . G   D 4 3  ? -10.560 -12.633 13.377  1.00 50.10  ? 33  G   D "O5'" 1 
ATOM   959  C  "C5'" . G   D 4 3  ? -10.945 -12.732 14.745  1.00 51.33  ? 33  G   D "C5'" 1 
ATOM   960  C  "C4'" . G   D 4 3  ? -9.719  -12.925 15.587  1.00 43.42  ? 33  G   D "C4'" 1 
ATOM   961  O  "O4'" . G   D 4 3  ? -9.032  -14.103 15.107  1.00 40.12  ? 33  G   D "O4'" 1 
ATOM   962  C  "C3'" . G   D 4 3  ? -8.700  -11.817 15.409  1.00 41.63  ? 33  G   D "C3'" 1 
ATOM   963  O  "O3'" . G   D 4 3  ? -8.993  -10.761 16.310  1.00 40.62  ? 33  G   D "O3'" 1 
ATOM   964  C  "C2'" . G   D 4 3  ? -7.387  -12.507 15.755  1.00 42.23  ? 33  G   D "C2'" 1 
ATOM   965  O  "O2'" . G   D 4 3  ? -7.126  -12.593 17.135  1.00 41.35  ? 33  G   D "O2'" 1 
ATOM   966  C  "C1'" . G   D 4 3  ? -7.632  -13.908 15.198  1.00 42.55  ? 33  G   D "C1'" 1 
ATOM   967  N  N9    . G   D 4 3  ? -7.048  -14.191 13.892  1.00 42.87  ? 33  G   D N9    1 
ATOM   968  C  C8    . G   D 4 3  ? -7.725  -14.352 12.705  1.00 46.22  ? 33  G   D C8    1 
ATOM   969  N  N7    . G   D 4 3  ? -6.945  -14.688 11.711  1.00 47.83  ? 33  G   D N7    1 
ATOM   970  C  C5    . G   D 4 3  ? -5.674  -14.726 12.269  1.00 47.03  ? 33  G   D C5    1 
ATOM   971  C  C6    . G   D 4 3  ? -4.420  -15.034 11.674  1.00 47.69  ? 33  G   D C6    1 
ATOM   972  O  O6    . G   D 4 3  ? -4.181  -15.326 10.509  1.00 50.47  ? 33  G   D O6    1 
ATOM   973  N  N1    . G   D 4 3  ? -3.385  -14.972 12.600  1.00 47.55  ? 33  G   D N1    1 
ATOM   974  C  C2    . G   D 4 3  ? -3.537  -14.642 13.927  1.00 47.76  ? 33  G   D C2    1 
ATOM   975  N  N2    . G   D 4 3  ? -2.422  -14.648 14.666  1.00 48.98  ? 33  G   D N2    1 
ATOM   976  N  N3    . G   D 4 3  ? -4.700  -14.335 14.491  1.00 46.07  ? 33  G   D N3    1 
ATOM   977  C  C4    . G   D 4 3  ? -5.719  -14.405 13.610  1.00 45.59  ? 33  G   D C4    1 
ATOM   978  P  P     . U   D 4 4  ? -8.393  -9.292  16.039  1.00 44.46  ? 34  U   D P     1 
ATOM   979  O  OP1   . U   D 4 4  ? -8.896  -8.405  17.132  1.00 45.22  ? 34  U   D OP1   1 
ATOM   980  O  OP2   . U   D 4 4  ? -8.681  -8.951  14.628  1.00 44.09  ? 34  U   D OP2   1 
ATOM   981  O  "O5'" . U   D 4 4  ? -6.814  -9.476  16.169  1.00 35.20  ? 34  U   D "O5'" 1 
ATOM   982  C  "C5'" . U   D 4 4  ? -6.208  -9.489  17.445  1.00 44.15  ? 34  U   D "C5'" 1 
ATOM   983  C  "C4'" . U   D 4 4  ? -4.740  -9.813  17.347  1.00 46.77  ? 34  U   D "C4'" 1 
ATOM   984  O  "O4'" . U   D 4 4  ? -4.576  -11.046 16.600  1.00 47.90  ? 34  U   D "O4'" 1 
ATOM   985  C  "C3'" . U   D 4 4  ? -3.916  -8.820  16.549  1.00 51.79  ? 34  U   D "C3'" 1 
ATOM   986  O  "O3'" . U   D 4 4  ? -3.533  -7.719  17.337  1.00 55.74  ? 34  U   D "O3'" 1 
ATOM   987  C  "C2'" . U   D 4 4  ? -2.713  -9.648  16.140  1.00 48.63  ? 34  U   D "C2'" 1 
ATOM   988  O  "O2'" . U   D 4 4  ? -1.790  -9.829  17.188  1.00 59.64  ? 34  U   D "O2'" 1 
ATOM   989  C  "C1'" . U   D 4 4  ? -3.370  -10.989 15.859  1.00 46.50  ? 34  U   D "C1'" 1 
ATOM   990  N  N1    . U   D 4 4  ? -3.664  -11.122 14.435  1.00 44.64  ? 34  U   D N1    1 
ATOM   991  C  C2    . U   D 4 4  ? -2.580  -11.341 13.613  1.00 45.20  ? 34  U   D C2    1 
ATOM   992  O  O2    . U   D 4 4  ? -1.438  -11.388 14.033  1.00 48.82  ? 34  U   D O2    1 
ATOM   993  N  N3    . U   D 4 4  ? -2.873  -11.499 12.289  1.00 44.53  ? 34  U   D N3    1 
ATOM   994  C  C4    . U   D 4 4  ? -4.116  -11.451 11.713  1.00 42.76  ? 34  U   D C4    1 
ATOM   995  O  O4    . U   D 4 4  ? -4.225  -11.694 10.510  1.00 41.01  ? 34  U   D O4    1 
ATOM   996  C  C5    . U   D 4 4  ? -5.198  -11.188 12.633  1.00 43.79  ? 34  U   D C5    1 
ATOM   997  C  C6    . U   D 4 4  ? -4.935  -11.040 13.935  1.00 42.92  ? 34  U   D C6    1 
ATOM   998  P  P     . G   D 4 5  ? -3.235  -6.319  16.621  1.00 63.58  ? 35  G   D P     1 
ATOM   999  O  OP1   . G   D 4 5  ? -3.124  -5.314  17.712  1.00 61.82  ? 35  G   D OP1   1 
ATOM   1000 O  OP2   . G   D 4 5  ? -4.266  -6.147  15.563  1.00 60.08  ? 35  G   D OP2   1 
ATOM   1001 O  "O5'" . G   D 4 5  ? -1.823  -6.524  15.895  1.00 50.85  ? 35  G   D "O5'" 1 
ATOM   1002 C  "C5'" . G   D 4 5  ? -0.633  -6.695  16.653  1.00 38.17  ? 35  G   D "C5'" 1 
ATOM   1003 C  "C4'" . G   D 4 5  ? 0.531   -7.067  15.760  1.00 40.69  ? 35  G   D "C4'" 1 
ATOM   1004 O  "O4'" . G   D 4 5  ? 0.174   -8.229  14.966  1.00 41.51  ? 35  G   D "O4'" 1 
ATOM   1005 C  "C3'" . G   D 4 5  ? 0.918   -6.027  14.720  1.00 47.97  ? 35  G   D "C3'" 1 
ATOM   1006 O  "O3'" . G   D 4 5  ? 1.822   -5.080  15.277  1.00 50.21  ? 35  G   D "O3'" 1 
ATOM   1007 C  "C2'" . G   D 4 5  ? 1.621   -6.868  13.659  1.00 43.86  ? 35  G   D "C2'" 1 
ATOM   1008 O  "O2'" . G   D 4 5  ? 2.951   -7.156  14.026  1.00 49.51  ? 35  G   D "O2'" 1 
ATOM   1009 C  "C1'" . G   D 4 5  ? 0.806   -8.158  13.696  1.00 40.97  ? 35  G   D "C1'" 1 
ATOM   1010 N  N9    . G   D 4 5  ? -0.198  -8.335  12.647  1.00 42.73  ? 35  G   D N9    1 
ATOM   1011 C  C8    . G   D 4 5  ? -1.551  -8.126  12.755  1.00 42.74  ? 35  G   D C8    1 
ATOM   1012 N  N7    . G   D 4 5  ? -2.205  -8.431  11.666  1.00 43.40  ? 35  G   D N7    1 
ATOM   1013 C  C5    . G   D 4 5  ? -1.225  -8.859  10.783  1.00 42.99  ? 35  G   D C5    1 
ATOM   1014 C  C6    . G   D 4 5  ? -1.334  -9.324  9.447   1.00 44.97  ? 35  G   D C6    1 
ATOM   1015 O  O6    . G   D 4 5  ? -2.354  -9.498  8.771   1.00 50.61  ? 35  G   D O6    1 
ATOM   1016 N  N1    . G   D 4 5  ? -0.087  -9.608  8.901   1.00 41.93  ? 35  G   D N1    1 
ATOM   1017 C  C2    . G   D 4 5  ? 1.104   -9.479  9.555   1.00 39.86  ? 35  G   D C2    1 
ATOM   1018 N  N2    . G   D 4 5  ? 2.193   -9.763  8.838   1.00 40.25  ? 35  G   D N2    1 
ATOM   1019 N  N3    . G   D 4 5  ? 1.218   -9.089  10.818  1.00 40.29  ? 35  G   D N3    1 
ATOM   1020 C  C4    . G   D 4 5  ? 0.022   -8.787  11.362  1.00 40.89  ? 35  G   D C4    1 
ATOM   1021 P  P     . G   D 4 6  ? 1.702   -3.531  14.874  1.00 53.80  ? 36  G   D P     1 
ATOM   1022 O  OP1   . G   D 4 6  ? 2.027   -2.741  16.091  1.00 49.96  ? 36  G   D OP1   1 
ATOM   1023 O  OP2   . G   D 4 6  ? 0.396   -3.338  14.199  1.00 52.29  ? 36  G   D OP2   1 
ATOM   1024 O  "O5'" . G   D 4 6  ? 2.830   -3.330  13.769  1.00 47.63  ? 36  G   D "O5'" 1 
ATOM   1025 C  "C5'" . G   D 4 6  ? 4.077   -3.980  13.902  1.00 49.07  ? 36  G   D "C5'" 1 
ATOM   1026 C  "C4'" . G   D 4 6  ? 4.720   -4.171  12.553  1.00 52.38  ? 36  G   D "C4'" 1 
ATOM   1027 O  "O4'" . G   D 4 6  ? 3.885   -5.009  11.726  1.00 51.36  ? 36  G   D "O4'" 1 
ATOM   1028 C  "C3'" . G   D 4 6  ? 4.853   -2.851  11.811  1.00 52.83  ? 36  G   D "C3'" 1 
ATOM   1029 O  "O3'" . G   D 4 6  ? 6.118   -2.795  11.186  1.00 53.09  ? 36  G   D "O3'" 1 
ATOM   1030 C  "C2'" . G   D 4 6  ? 3.672   -2.781  10.856  1.00 51.81  ? 36  G   D "C2'" 1 
ATOM   1031 O  "O2'" . G   D 4 6  ? 4.063   -2.266  9.608   1.00 59.14  ? 36  G   D "O2'" 1 
ATOM   1032 C  "C1'" . G   D 4 6  ? 3.382   -4.263  10.653  1.00 45.23  ? 36  G   D "C1'" 1 
ATOM   1033 N  N9    . G   D 4 6  ? 2.039   -4.710  10.346  1.00 40.81  ? 36  G   D N9    1 
ATOM   1034 C  C8    . G   D 4 6  ? 0.873   -4.445  11.020  1.00 42.60  ? 36  G   D C8    1 
ATOM   1035 N  N7    . G   D 4 6  ? -0.172  -5.003  10.467  1.00 40.06  ? 36  G   D N7    1 
ATOM   1036 C  C5    . G   D 4 6  ? 0.344   -5.673  9.363   1.00 41.73  ? 36  G   D C5    1 
ATOM   1037 C  C6    . G   D 4 6  ? -0.307  -6.455  8.368   1.00 44.06  ? 36  G   D C6    1 
ATOM   1038 O  O6    . G   D 4 6  ? -1.520  -6.708  8.254   1.00 49.10  ? 36  G   D O6    1 
ATOM   1039 N  N1    . G   D 4 6  ? 0.605   -6.960  7.441   1.00 43.92  ? 36  G   D N1    1 
ATOM   1040 C  C2    . G   D 4 6  ? 1.962   -6.739  7.467   1.00 43.96  ? 36  G   D C2    1 
ATOM   1041 N  N2    . G   D 4 6  ? 2.680   -7.324  6.493   1.00 46.01  ? 36  G   D N2    1 
ATOM   1042 N  N3    . G   D 4 6  ? 2.572   -6.003  8.379   1.00 42.13  ? 36  G   D N3    1 
ATOM   1043 C  C4    . G   D 4 6  ? 1.709   -5.506  9.285   1.00 40.53  ? 36  G   D C4    1 
ATOM   1044 P  P     A U   D 4 7  ? 7.043   -1.505  11.368  0.50 57.07  ? 37  U   D P     1 
ATOM   1045 P  P     B U   D 4 7  ? 7.170   -1.690  11.648  0.50 60.21  ? 37  U   D P     1 
ATOM   1046 O  OP1   A U   D 4 7  ? 8.460   -1.930  11.255  0.50 56.63  ? 37  U   D OP1   1 
ATOM   1047 O  OP1   B U   D 4 7  ? 8.510   -2.325  11.646  0.50 60.91  ? 37  U   D OP1   1 
ATOM   1048 O  OP2   A U   D 4 7  ? 6.573   -0.797  12.591  0.50 55.21  ? 37  U   D OP2   1 
ATOM   1049 O  OP2   B U   D 4 7  ? 6.649   -1.053  12.889  0.50 58.52  ? 37  U   D OP2   1 
ATOM   1050 O  "O5'" A U   D 4 7  ? 6.701   -0.600  10.100  0.50 58.78  ? 37  U   D "O5'" 1 
ATOM   1051 O  "O5'" B U   D 4 7  ? 7.137   -0.616  10.475  0.50 63.26  ? 37  U   D "O5'" 1 
ATOM   1052 C  "C5'" A U   D 4 7  ? 7.718   -0.222  9.171   0.50 57.83  ? 37  U   D "C5'" 1 
ATOM   1053 C  "C5'" B U   D 4 7  ? 5.913   -0.024  10.046  0.50 66.80  ? 37  U   D "C5'" 1 
ATOM   1054 C  "C4'" A U   D 4 7  ? 7.453   -0.863  7.829   0.50 57.63  ? 37  U   D "C4'" 1 
ATOM   1055 C  "C4'" B U   D 4 7  ? 6.210   1.173   9.183   0.50 67.86  ? 37  U   D "C4'" 1 
ATOM   1056 O  "O4'" A U   D 4 7  ? 7.555   -2.290  7.946   0.50 57.64  ? 37  U   D "O4'" 1 
ATOM   1057 O  "O4'" B U   D 4 7  ? 6.817   2.200   9.990   0.50 67.47  ? 37  U   D "O4'" 1 
ATOM   1058 C  "C3'" A U   D 4 7  ? 6.071   -0.606  7.238   0.50 58.52  ? 37  U   D "C3'" 1 
ATOM   1059 C  "C3'" B U   D 4 7  ? 7.200   0.873   8.075   0.50 68.57  ? 37  U   D "C3'" 1 
ATOM   1060 O  "O3'" A U   D 4 7  ? 6.204   0.457   6.293   0.50 59.50  ? 37  U   D "O3'" 1 
ATOM   1061 O  "O3'" B U   D 4 7  ? 6.458   0.473   6.920   0.50 67.18  ? 37  U   D "O3'" 1 
ATOM   1062 C  "C2'" A U   D 4 7  ? 5.725   -1.890  6.470   0.50 57.70  ? 37  U   D "C2'" 1 
ATOM   1063 C  "C2'" B U   D 4 7  ? 8.031   2.152   7.919   0.50 70.80  ? 37  U   D "C2'" 1 
ATOM   1064 O  "O2'" A U   D 4 7  ? 5.693   -1.732  5.069   0.50 57.64  ? 37  U   D "O2'" 1 
ATOM   1065 O  "O2'" B U   D 4 7  ? 7.707   2.973   6.819   0.50 76.83  ? 37  U   D "O2'" 1 
ATOM   1066 C  "C1'" A U   D 4 7  ? 6.835   -2.860  6.889   0.50 58.59  ? 37  U   D "C1'" 1 
ATOM   1067 C  "C1'" B U   D 4 7  ? 7.797   2.881   9.248   0.50 69.45  ? 37  U   D "C1'" 1 
ATOM   1068 N  N1    A U   D 4 7  ? 6.442   -4.227  7.242   0.50 60.79  ? 37  U   D N1    1 
ATOM   1069 N  N1    B U   D 4 7  ? 8.963   3.060   10.117  0.50 70.50  ? 37  U   D N1    1 
ATOM   1070 C  C2    A U   D 4 7  ? 6.524   -5.162  6.237   0.50 62.09  ? 37  U   D C2    1 
ATOM   1071 C  C2    B U   D 4 7  ? 9.382   4.352   10.338  0.50 71.77  ? 37  U   D C2    1 
ATOM   1072 O  O2    A U   D 4 7  ? 6.908   -4.887  5.113   0.50 62.59  ? 37  U   D O2    1 
ATOM   1073 O  O2    B U   D 4 7  ? 8.860   5.314   9.800   0.50 71.17  ? 37  U   D O2    1 
ATOM   1074 N  N3    A U   D 4 7  ? 6.151   -6.432  6.593   0.50 63.46  ? 37  U   D N3    1 
ATOM   1075 N  N3    B U   D 4 7  ? 10.431  4.478   11.211  0.50 73.06  ? 37  U   D N3    1 
ATOM   1076 C  C4    A U   D 4 7  ? 5.716   -6.851  7.834   0.50 63.60  ? 37  U   D C4    1 
ATOM   1077 C  C4    B U   D 4 7  ? 11.094  3.459   11.862  0.50 73.92  ? 37  U   D C4    1 
ATOM   1078 O  O4    A U   D 4 7  ? 5.408   -8.034  8.003   0.50 66.02  ? 37  U   D O4    1 
ATOM   1079 O  O4    B U   D 4 7  ? 11.973  3.735   12.678  0.50 76.39  ? 37  U   D O4    1 
ATOM   1080 C  C5    A U   D 4 7  ? 5.666   -5.818  8.825   0.50 62.09  ? 37  U   D C5    1 
ATOM   1081 C  C5    B U   D 4 7  ? 10.620  2.144   11.550  0.50 72.58  ? 37  U   D C5    1 
ATOM   1082 C  C6    A U   D 4 7  ? 6.020   -4.570  8.502   0.50 61.29  ? 37  U   D C6    1 
ATOM   1083 C  C6    B U   D 4 7  ? 9.596   1.995   10.707  0.50 72.15  ? 37  U   D C6    1 
ATOM   1084 P  P     A A   D 4 8  ? 5.265   1.754   6.381   0.50 59.69  ? 38  A   D P     1 
ATOM   1085 P  P     B A   D 4 8  ? 5.576   1.556   6.108   0.50 64.51  ? 38  A   D P     1 
ATOM   1086 O  OP1   A A   D 4 8  ? 5.511   2.563   5.163   0.50 57.81  ? 38  A   D OP1   1 
ATOM   1087 O  OP1   B A   D 4 8  ? 6.020   1.536   4.690   0.50 59.97  ? 38  A   D OP1   1 
ATOM   1088 O  OP2   A A   D 4 8  ? 5.449   2.373   7.718   0.50 56.87  ? 38  A   D OP2   1 
ATOM   1089 O  OP2   B A   D 4 8  ? 5.542   2.848   6.851   0.50 63.53  ? 38  A   D OP2   1 
ATOM   1090 O  "O5'" A A   D 4 8  ? 3.788   1.168   6.310   0.50 56.81  ? 38  A   D "O5'" 1 
ATOM   1091 O  "O5'" B A   D 4 8  ? 4.083   1.007   6.196   0.50 62.58  ? 38  A   D "O5'" 1 
ATOM   1092 C  "C5'" A A   D 4 8  ? 2.683   1.990   6.637   0.50 52.01  ? 38  A   D "C5'" 1 
ATOM   1093 C  "C5'" B A   D 4 8  ? 3.040   1.868   6.644   0.50 56.38  ? 38  A   D "C5'" 1 
ATOM   1094 C  "C4'" A A   D 4 8  ? 1.411   1.185   6.647   0.50 50.07  ? 38  A   D "C4'" 1 
ATOM   1095 C  "C4'" B A   D 4 8  ? 1.721   1.136   6.701   0.50 53.90  ? 38  A   D "C4'" 1 
ATOM   1096 O  "O4'" A A   D 4 8  ? 1.047   0.823   5.312   0.50 47.14  ? 38  A   D "O4'" 1 
ATOM   1097 O  "O4'" B A   D 4 8  ? 1.257   0.802   5.388   0.50 50.42  ? 38  A   D "O4'" 1 
ATOM   1098 C  "C3'" A A   D 4 8  ? 1.441   -0.116  7.438   0.50 51.54  ? 38  A   D "C3'" 1 
ATOM   1099 C  "C3'" B A   D 4 8  ? 1.680   -0.164  7.497   0.50 55.47  ? 38  A   D "C3'" 1 
ATOM   1100 O  "O3'" A A   D 4 8  ? 0.818   0.065   8.720   0.50 54.38  ? 38  A   D "O3'" 1 
ATOM   1101 O  "O3'" B A   D 4 8  ? 1.072   0.012   8.788   0.50 59.30  ? 38  A   D "O3'" 1 
ATOM   1102 C  "C2'" A A   D 4 8  ? 0.505   -1.058  6.660   0.50 50.98  ? 38  A   D "C2'" 1 
ATOM   1103 C  "C2'" B A   D 4 8  ? 0.663   -1.041  6.750   0.50 53.98  ? 38  A   D "C2'" 1 
ATOM   1104 O  "O2'" A A   D 4 8  ? -0.686  -1.361  7.353   0.50 56.63  ? 38  A   D "O2'" 1 
ATOM   1105 O  "O2'" B A   D 4 8  ? -0.500  -1.325  7.496   0.50 59.50  ? 38  A   D "O2'" 1 
ATOM   1106 C  "C1'" A A   D 4 8  ? 0.159   -0.247  5.406   0.50 47.44  ? 38  A   D "C1'" 1 
ATOM   1107 C  "C1'" B A   D 4 8  ? 0.273   -0.168  5.557   0.50 50.05  ? 38  A   D "C1'" 1 
ATOM   1108 N  N9    A A   D 4 8  ? 0.037   -0.907  4.114   0.50 44.42  ? 38  A   D N9    1 
ATOM   1109 N  N9    B A   D 4 8  ? -0.082  -0.788  4.290   0.50 46.12  ? 38  A   D N9    1 
ATOM   1110 C  C8    A A   D 4 8  ? -1.117  -1.409  3.571   0.50 44.04  ? 38  A   D C8    1 
ATOM   1111 C  C8    B A   D 4 8  ? -1.352  -1.140  3.916   0.50 45.52  ? 38  A   D C8    1 
ATOM   1112 N  N7    A A   D 4 8  ? -0.957  -1.933  2.384   0.50 43.33  ? 38  A   D N7    1 
ATOM   1113 N  N7    B A   D 4 8  ? -1.424  -1.683  2.732   0.50 44.64  ? 38  A   D N7    1 
ATOM   1114 C  C5    A A   D 4 8  ? 0.396   -1.769  2.128   0.50 44.45  ? 38  A   D C5    1 
ATOM   1115 C  C5    B A   D 4 8  ? -0.112  -1.687  2.292   0.50 44.81  ? 38  A   D C5    1 
ATOM   1116 C  C6    A A   D 4 8  ? 1.200   -2.115  1.027   0.50 47.34  ? 38  A   D C6    1 
ATOM   1117 C  C6    B A   D 4 8  ? 0.475   -2.133  1.105   0.50 46.59  ? 38  A   D C6    1 
ATOM   1118 N  N6    A A   D 4 8  ? 0.735   -2.745  -0.059  0.50 49.16  ? 38  A   D N6    1 
ATOM   1119 N  N6    B A   D 4 8  ? -0.222  -2.696  0.113   0.50 47.18  ? 38  A   D N6    1 
ATOM   1120 N  N1    A A   D 4 8  ? 2.514   -1.795  1.081   0.50 46.96  ? 38  A   D N1    1 
ATOM   1121 N  N1    B A   D 4 8  ? 1.814   -1.984  0.970   0.50 48.18  ? 38  A   D N1    1 
ATOM   1122 C  C2    A A   D 4 8  ? 2.977   -1.179  2.181   0.50 46.92  ? 38  A   D C2    1 
ATOM   1123 C  C2    B A   D 4 8  ? 2.500   -1.425  1.980   0.50 46.93  ? 38  A   D C2    1 
ATOM   1124 N  N3    A A   D 4 8  ? 2.319   -0.811  3.284   0.50 45.72  ? 38  A   D N3    1 
ATOM   1125 N  N3    B A   D 4 8  ? 2.055   -0.971  3.153   0.50 45.81  ? 38  A   D N3    1 
ATOM   1126 C  C4    A A   D 4 8  ? 1.020   -1.138  3.189   0.50 43.91  ? 38  A   D C4    1 
ATOM   1127 C  C4    B A   D 4 8  ? 0.727   -1.135  3.244   0.50 44.71  ? 38  A   D C4    1 
ATOM   1128 P  P     A U   D 4 9  ? 1.250   1.275   9.694   0.50 57.15  ? 39  U   D P     1 
ATOM   1129 P  P     B U   D 4 9  ? 1.325   1.343   9.669   0.50 62.44  ? 39  U   D P     1 
ATOM   1130 O  OP1   A U   D 4 9  ? 2.594   0.923   10.224  0.50 59.81  ? 39  U   D OP1   1 
ATOM   1131 O  OP1   B U   D 4 9  ? 2.640   1.152   10.332  0.50 65.46  ? 39  U   D OP1   1 
ATOM   1132 O  OP2   A U   D 4 9  ? 0.126   1.499   10.636  0.50 57.56  ? 39  U   D OP2   1 
ATOM   1133 O  OP2   B U   D 4 9  ? 0.110   1.539   10.498  0.50 62.80  ? 39  U   D OP2   1 
ATOM   1134 O  "O5'" A U   D 4 9  ? 1.388   2.560   8.745   0.50 62.40  ? 39  U   D "O5'" 1 
ATOM   1135 O  "O5'" B U   D 4 9  ? 1.442   2.566   8.642   0.50 67.29  ? 39  U   D "O5'" 1 
ATOM   1136 C  "C5'" A U   D 4 9  ? 0.893   3.868   9.105   0.50 62.74  ? 39  U   D "C5'" 1 
ATOM   1137 C  "C5'" B U   D 4 9  ? 0.805   3.842   8.874   0.50 67.04  ? 39  U   D "C5'" 1 
ATOM   1138 C  "C4'" A U   D 4 9  ? 2.029   4.879   9.078   0.50 63.31  ? 39  U   D "C4'" 1 
ATOM   1139 C  "C4'" B U   D 4 9  ? 1.851   4.940   8.999   0.50 66.80  ? 39  U   D "C4'" 1 
ATOM   1140 O  "O4'" A U   D 4 9  ? 2.906   4.570   10.176  0.50 68.02  ? 39  U   D "O4'" 1 
ATOM   1141 O  "O4'" B U   D 4 9  ? 2.543   4.748   10.245  0.50 71.44  ? 39  U   D "O4'" 1 
ATOM   1142 C  "C3'" A U   D 4 9  ? 2.879   4.847   7.802   0.50 63.74  ? 39  U   D "C3'" 1 
ATOM   1143 C  "C3'" B U   D 4 9  ? 2.912   4.943   7.896   0.50 66.99  ? 39  U   D "C3'" 1 
ATOM   1144 O  "O3'" A U   D 4 9  ? 2.810   6.065   7.025   0.50 60.91  ? 39  U   D "O3'" 1 
ATOM   1145 O  "O3'" B U   D 4 9  ? 2.830   6.066   6.989   0.50 62.49  ? 39  U   D "O3'" 1 
ATOM   1146 C  "C2'" A U   D 4 9  ? 4.335   4.838   8.285   0.50 65.66  ? 39  U   D "C2'" 1 
ATOM   1147 C  "C2'" B U   D 4 9  ? 4.241   5.205   8.617   0.50 70.09  ? 39  U   D "C2'" 1 
ATOM   1148 O  "O2'" A U   D 4 9  ? 5.068   5.932   7.798   0.50 67.98  ? 39  U   D "O2'" 1 
ATOM   1149 O  "O2'" B U   D 4 9  ? 4.780   6.452   8.238   0.50 73.56  ? 39  U   D "O2'" 1 
ATOM   1150 C  "C1'" A U   D 4 9  ? 4.212   4.901   9.810   0.50 70.69  ? 39  U   D "C1'" 1 
ATOM   1151 C  "C1'" B U   D 4 9  ? 3.864   5.188   10.105  0.50 74.03  ? 39  U   D "C1'" 1 
ATOM   1152 N  N1    A U   D 4 9  ? 5.154   4.121   10.619  0.50 75.84  ? 39  U   D N1    1 
ATOM   1153 N  N1    B U   D 4 9  ? 4.714   4.432   11.032  0.50 78.12  ? 39  U   D N1    1 
ATOM   1154 C  C2    A U   D 4 9  ? 6.290   4.776   11.050  0.50 78.78  ? 39  U   D C2    1 
ATOM   1155 C  C2    B U   D 4 9  ? 5.792   5.095   11.580  0.50 80.51  ? 39  U   D C2    1 
ATOM   1156 O  O2    A U   D 4 9  ? 6.538   5.935   10.756  0.50 79.44  ? 39  U   D O2    1 
ATOM   1157 O  O2    B U   D 4 9  ? 6.072   6.249   11.298  0.50 80.63  ? 39  U   D O2    1 
ATOM   1158 N  N3    A U   D 4 9  ? 7.124   4.028   11.840  0.50 80.77  ? 39  U   D N3    1 
ATOM   1159 N  N3    B U   D 4 9  ? 6.531   4.361   12.473  0.50 82.66  ? 39  U   D N3    1 
ATOM   1160 C  C4    A U   D 4 9  ? 6.942   2.719   12.232  0.50 80.88  ? 39  U   D C4    1 
ATOM   1161 C  C4    B U   D 4 9  ? 6.305   3.056   12.862  0.50 83.17  ? 39  U   D C4    1 
ATOM   1162 O  O4    A U   D 4 9  ? 7.760   2.198   12.994  0.50 82.76  ? 39  U   D O4    1 
ATOM   1163 O  O4    B U   D 4 9  ? 7.050   2.534   13.696  0.50 85.28  ? 39  U   D O4    1 
ATOM   1164 C  C5    A U   D 4 9  ? 5.748   2.106   11.726  0.50 79.50  ? 39  U   D C5    1 
ATOM   1165 C  C5    B U   D 4 9  ? 5.175   2.435   12.237  0.50 81.88  ? 39  U   D C5    1 
ATOM   1166 C  C6    A U   D 4 9  ? 4.917   2.813   10.954  0.50 77.35  ? 39  U   D C6    1 
ATOM   1167 C  C6    B U   D 4 9  ? 4.439   3.129   11.362  0.50 79.48  ? 39  U   D C6    1 
ATOM   1168 P  P     . A   D 4 10 ? 1.416   6.630   6.444   1.00 60.75  ? 40  A   D P     1 
ATOM   1169 O  OP1   . A   D 4 10 ? 1.584   8.090   6.250   1.00 62.19  ? 40  A   D OP1   1 
ATOM   1170 O  OP2   . A   D 4 10 ? 0.275   6.144   7.250   1.00 61.45  ? 40  A   D OP2   1 
ATOM   1171 O  "O5'" . A   D 4 10 ? 1.355   6.040   4.976   1.00 54.83  ? 40  A   D "O5'" 1 
ATOM   1172 C  "C5'" . A   D 4 10 ? 2.567   5.865   4.254   1.00 45.51  ? 40  A   D "C5'" 1 
ATOM   1173 C  "C4'" . A   D 4 10 ? 2.417   4.738   3.283   1.00 46.23  ? 40  A   D "C4'" 1 
ATOM   1174 O  "O4'" . A   D 4 10 ? 1.891   3.596   3.996   1.00 44.25  ? 40  A   D "O4'" 1 
ATOM   1175 C  "C3'" . A   D 4 10 ? 1.396   4.982   2.189   1.00 46.72  ? 40  A   D "C3'" 1 
ATOM   1176 O  "O3'" . A   D 4 10 ? 2.012   5.633   1.099   1.00 44.44  ? 40  A   D "O3'" 1 
ATOM   1177 C  "C2'" . A   D 4 10 ? 1.001   3.574   1.796   1.00 40.21  ? 40  A   D "C2'" 1 
ATOM   1178 O  "O2'" . A   D 4 10 ? 1.939   2.977   0.921   1.00 34.36  ? 40  A   D "O2'" 1 
ATOM   1179 C  "C1'" . A   D 4 10 ? 1.008   2.888   3.157   1.00 35.80  ? 40  A   D "C1'" 1 
ATOM   1180 N  N9    . A   D 4 10 ? -0.311  2.913   3.768   1.00 32.67  ? 40  A   D N9    1 
ATOM   1181 C  C8    . A   D 4 10 ? -0.728  3.417   4.983   1.00 29.84  ? 40  A   D C8    1 
ATOM   1182 N  N7    . A   D 4 10 ? -1.990  3.168   5.250   1.00 27.38  ? 40  A   D N7    1 
ATOM   1183 C  C5    . A   D 4 10 ? -2.437  2.475   4.128   1.00 28.98  ? 40  A   D C5    1 
ATOM   1184 C  C6    . A   D 4 10 ? -3.679  1.902   3.787   1.00 28.08  ? 40  A   D C6    1 
ATOM   1185 N  N6    . A   D 4 10 ? -4.754  1.934   4.563   1.00 29.53  ? 40  A   D N6    1 
ATOM   1186 N  N1    . A   D 4 10 ? -3.775  1.279   2.586   1.00 30.85  ? 40  A   D N1    1 
ATOM   1187 C  C2    . A   D 4 10 ? -2.697  1.249   1.780   1.00 28.03  ? 40  A   D C2    1 
ATOM   1188 N  N3    . A   D 4 10 ? -1.482  1.749   1.986   1.00 27.72  ? 40  A   D N3    1 
ATOM   1189 C  C4    . A   D 4 10 ? -1.417  2.345   3.195   1.00 30.81  ? 40  A   D C4    1 
ATOM   1190 P  P     . U   D 4 11 ? 1.448   7.047   0.613   1.00 49.03  ? 41  U   D P     1 
ATOM   1191 O  OP1   . U   D 4 11 ? 2.462   7.510   -0.378  1.00 44.71  ? 41  U   D OP1   1 
ATOM   1192 O  OP2   . U   D 4 11 ? 1.131   7.864   1.825   1.00 37.40  ? 41  U   D OP2   1 
ATOM   1193 O  "O5'" . U   D 4 11 ? 0.073   6.697   -0.116  1.00 37.29  ? 41  U   D "O5'" 1 
ATOM   1194 C  "C5'" . U   D 4 11 ? 0.019   5.586   -0.989  1.00 25.17  ? 41  U   D "C5'" 1 
ATOM   1195 C  "C4'" . U   D 4 11 ? -1.406  5.202   -1.324  1.00 33.96  ? 41  U   D "C4'" 1 
ATOM   1196 O  "O4'" . U   D 4 11 ? -2.108  4.682   -0.159  1.00 36.62  ? 41  U   D "O4'" 1 
ATOM   1197 C  "C3'" . U   D 4 11 ? -2.223  6.396   -1.790  1.00 36.33  ? 41  U   D "C3'" 1 
ATOM   1198 O  "O3'" . U   D 4 11 ? -2.789  6.061   -3.051  1.00 37.60  ? 41  U   D "O3'" 1 
ATOM   1199 C  "C2'" . U   D 4 11 ? -3.067  6.833   -0.578  1.00 35.11  ? 41  U   D "C2'" 1 
ATOM   1200 O  "O2'" . U   D 4 11 ? -4.410  7.178   -0.816  1.00 31.04  ? 41  U   D "O2'" 1 
ATOM   1201 C  "C1'" . U   D 4 11 ? -3.166  5.526   0.185   1.00 30.79  ? 41  U   D "C1'" 1 
ATOM   1202 N  N1    . U   D 4 11 ? -3.381  5.530   1.631   1.00 39.01  ? 41  U   D N1    1 
ATOM   1203 C  C2    . U   D 4 11 ? -4.625  5.062   2.067   1.00 38.60  ? 41  U   D C2    1 
ATOM   1204 O  O2    . U   D 4 11 ? -5.483  4.641   1.302   1.00 35.48  ? 41  U   D O2    1 
ATOM   1205 N  N3    . U   D 4 11 ? -4.827  5.104   3.422   1.00 35.24  ? 41  U   D N3    1 
ATOM   1206 C  C4    . U   D 4 11 ? -3.947  5.560   4.376   1.00 38.31  ? 41  U   D C4    1 
ATOM   1207 O  O4    . U   D 4 11 ? -4.335  5.665   5.544   1.00 46.41  ? 41  U   D O4    1 
ATOM   1208 C  C5    . U   D 4 11 ? -2.668  6.006   3.855   1.00 43.89  ? 41  U   D C5    1 
ATOM   1209 C  C6    . U   D 4 11 ? -2.436  5.973   2.525   1.00 41.99  ? 41  U   D C6    1 
ATOM   1210 P  P     . U   D 4 12 ? -3.710  7.093   -3.842  1.00 31.62  ? 42  U   D P     1 
ATOM   1211 O  OP1   . U   D 4 12 ? -3.026  7.318   -5.145  1.00 44.43  ? 42  U   D OP1   1 
ATOM   1212 O  OP2   . U   D 4 12 ? -4.016  8.251   -2.968  1.00 41.94  ? 42  U   D OP2   1 
ATOM   1213 O  "O5'" . U   D 4 12 ? -5.039  6.247   -4.087  1.00 33.56  ? 42  U   D "O5'" 1 
ATOM   1214 C  "C5'" . U   D 4 12 ? -6.156  6.798   -4.761  1.00 33.97  ? 42  U   D "C5'" 1 
ATOM   1215 C  "C4'" . U   D 4 12 ? -7.414  6.389   -4.058  1.00 39.40  ? 42  U   D "C4'" 1 
ATOM   1216 O  "O4'" . U   D 4 12 ? -7.403  4.947   -3.908  1.00 38.43  ? 42  U   D "O4'" 1 
ATOM   1217 C  "C3'" . U   D 4 12 ? -7.370  6.962   -2.640  1.00 40.16  ? 42  U   D "C3'" 1 
ATOM   1218 O  "O3'" . U   D 4 12 ? -8.648  7.333   -2.146  1.00 45.08  ? 42  U   D "O3'" 1 
ATOM   1219 C  "C2'" . U   D 4 12 ? -6.856  5.843   -1.756  1.00 41.33  ? 42  U   D "C2'" 1 
ATOM   1220 O  "O2'" . U   D 4 12 ? -7.561  5.847   -0.538  1.00 50.77  ? 42  U   D "O2'" 1 
ATOM   1221 C  "C1'" . U   D 4 12 ? -7.312  4.625   -2.545  1.00 42.27  ? 42  U   D "C1'" 1 
ATOM   1222 N  N1    . U   D 4 12 ? -6.564  3.390   -2.347  1.00 41.38  ? 42  U   D N1    1 
ATOM   1223 C  C2    . U   D 4 12 ? -7.272  2.343   -1.812  1.00 43.91  ? 42  U   D C2    1 
ATOM   1224 O  O2    . U   D 4 12 ? -8.457  2.426   -1.551  1.00 44.30  ? 42  U   D O2    1 
ATOM   1225 N  N3    . U   D 4 12 ? -6.550  1.200   -1.601  1.00 43.13  ? 42  U   D N3    1 
ATOM   1226 C  C4    . U   D 4 12 ? -5.215  1.011   -1.880  1.00 40.99  ? 42  U   D C4    1 
ATOM   1227 O  O4    . U   D 4 12 ? -4.693  -0.074  -1.628  1.00 41.19  ? 42  U   D O4    1 
ATOM   1228 C  C5    . U   D 4 12 ? -4.555  2.150   -2.448  1.00 42.12  ? 42  U   D C5    1 
ATOM   1229 C  C6    . U   D 4 12 ? -5.240  3.274   -2.656  1.00 43.24  ? 42  U   D C6    1 
ATOM   1230 P  P     . A   D 4 13 ? -9.324  8.695   -2.597  1.00 45.35  ? 43  A   D P     1 
ATOM   1231 O  OP1   . A   D 4 13 ? -9.076  8.847   -4.046  1.00 41.36  ? 43  A   D OP1   1 
ATOM   1232 O  OP2   . A   D 4 13 ? -8.843  9.733   -1.650  1.00 39.96  ? 43  A   D OP2   1 
ATOM   1233 O  "O5'" . A   D 4 13 ? -10.877 8.420   -2.373  1.00 36.82  ? 43  A   D "O5'" 1 
ATOM   1234 C  "C5'" . A   D 4 13 ? -11.619 7.574   -3.252  1.00 39.48  ? 43  A   D "C5'" 1 
ATOM   1235 C  "C4'" . A   D 4 13 ? -12.630 6.791   -2.456  1.00 44.12  ? 43  A   D "C4'" 1 
ATOM   1236 O  "O4'" . A   D 4 13 ? -11.942 5.794   -1.675  1.00 49.66  ? 43  A   D "O4'" 1 
ATOM   1237 C  "C3'" . A   D 4 13 ? -13.423 7.601   -1.446  1.00 48.57  ? 43  A   D "C3'" 1 
ATOM   1238 O  "O3'" . A   D 4 13 ? -14.582 8.112   -2.074  1.00 53.44  ? 43  A   D "O3'" 1 
ATOM   1239 C  "C2'" . A   D 4 13 ? -13.805 6.548   -0.418  1.00 47.71  ? 43  A   D "C2'" 1 
ATOM   1240 O  "O2'" . A   D 4 13 ? -14.924 5.779   -0.809  1.00 50.13  ? 43  A   D "O2'" 1 
ATOM   1241 C  "C1'" . A   D 4 13 ? -12.550 5.678   -0.403  1.00 47.36  ? 43  A   D "C1'" 1 
ATOM   1242 N  N9    . A   D 4 13 ? -11.564 6.128   0.570   1.00 48.44  ? 43  A   D N9    1 
ATOM   1243 C  C8    . A   D 4 13 ? -10.276 6.507   0.302   1.00 49.22  ? 43  A   D C8    1 
ATOM   1244 N  N7    . A   D 4 13 ? -9.595  6.857   1.363   1.00 50.07  ? 43  A   D N7    1 
ATOM   1245 C  C5    . A   D 4 13 ? -10.497 6.701   2.401   1.00 48.48  ? 43  A   D C5    1 
ATOM   1246 C  C6    . A   D 4 13 ? -10.388 6.909   3.782   1.00 49.34  ? 43  A   D C6    1 
ATOM   1247 N  N6    . A   D 4 13 ? -9.276  7.340   4.375   1.00 50.05  ? 43  A   D N6    1 
ATOM   1248 N  N1    . A   D 4 13 ? -11.475 6.660   4.542   1.00 49.09  ? 43  A   D N1    1 
ATOM   1249 C  C2    . A   D 4 13 ? -12.593 6.237   3.938   1.00 50.00  ? 43  A   D C2    1 
ATOM   1250 N  N3    . A   D 4 13 ? -12.821 6.007   2.647   1.00 49.54  ? 43  A   D N3    1 
ATOM   1251 C  C4    . A   D 4 13 ? -11.718 6.258   1.926   1.00 49.33  ? 43  A   D C4    1 
ATOM   1252 P  P     . C   D 4 14 ? -14.938 9.663   -1.949  1.00 58.64  ? 44  C   D P     1 
ATOM   1253 O  OP1   . C   D 4 14 ? -16.290 9.810   -2.541  1.00 59.54  ? 44  C   D OP1   1 
ATOM   1254 O  OP2   . C   D 4 14 ? -13.814 10.475  -2.470  1.00 55.25  ? 44  C   D OP2   1 
ATOM   1255 O  "O5'" . C   D 4 14 ? -15.010 9.910   -0.382  1.00 57.32  ? 44  C   D "O5'" 1 
ATOM   1256 C  "C5'" . C   D 4 14 ? -16.109 9.437   0.385   1.00 55.92  ? 44  C   D "C5'" 1 
ATOM   1257 C  "C4'" . C   D 4 14 ? -15.865 9.738   1.833   1.00 53.18  ? 44  C   D "C4'" 1 
ATOM   1258 O  "O4'" . C   D 4 14 ? -14.762 8.928   2.296   1.00 52.19  ? 44  C   D "O4'" 1 
ATOM   1259 C  "C3'" . C   D 4 14 ? -15.402 11.154  2.086   1.00 56.91  ? 44  C   D "C3'" 1 
ATOM   1260 O  "O3'" . C   D 4 14 ? -16.499 12.040  2.153   1.00 58.45  ? 44  C   D "O3'" 1 
ATOM   1261 C  "C2'" . C   D 4 14 ? -14.652 11.022  3.401   1.00 54.37  ? 44  C   D "C2'" 1 
ATOM   1262 O  "O2'" . C   D 4 14 ? -15.510 10.988  4.522   1.00 56.30  ? 44  C   D "O2'" 1 
ATOM   1263 C  "C1'" . C   D 4 14 ? -13.972 9.670   3.208   1.00 49.54  ? 44  C   D "C1'" 1 
ATOM   1264 N  N1    . C   D 4 14 ? -12.655 9.812   2.598   1.00 48.91  ? 44  C   D N1    1 
ATOM   1265 C  C2    . C   D 4 14 ? -11.587 10.216  3.382   1.00 51.18  ? 44  C   D C2    1 
ATOM   1266 O  O2    . C   D 4 14 ? -11.783 10.465  4.581   1.00 52.89  ? 44  C   D O2    1 
ATOM   1267 N  N3    . C   D 4 14 ? -10.364 10.331  2.816   1.00 52.11  ? 44  C   D N3    1 
ATOM   1268 C  C4    . C   D 4 14 ? -10.203 10.071  1.515   1.00 50.31  ? 44  C   D C4    1 
ATOM   1269 N  N4    . C   D 4 14 ? -8.982  10.206  0.994   1.00 51.68  ? 44  C   D N4    1 
ATOM   1270 C  C5    . C   D 4 14 ? -11.286 9.664   0.692   1.00 48.64  ? 44  C   D C5    1 
ATOM   1271 C  C6    . C   D 4 14 ? -12.482 9.547   1.269   1.00 50.01  ? 44  C   D C6    1 
ATOM   1272 P  P     . C   D 4 15 ? -16.342 13.517  1.562   1.00 60.30  ? 45  C   D P     1 
ATOM   1273 O  OP1   . C   D 4 15 ? -17.710 14.043  1.354   1.00 57.00  ? 45  C   D OP1   1 
ATOM   1274 O  OP2   . C   D 4 15 ? -15.382 13.473  0.425   1.00 64.58  ? 45  C   D OP2   1 
ATOM   1275 O  "O5'" . C   D 4 15 ? -15.632 14.306  2.742   1.00 50.05  ? 45  C   D "O5'" 1 
ATOM   1276 C  "C5'" . C   D 4 15 ? -16.222 14.342  4.025   1.00 51.05  ? 45  C   D "C5'" 1 
ATOM   1277 C  "C4'" . C   D 4 15 ? -15.250 14.912  5.008   1.00 55.93  ? 45  C   D "C4'" 1 
ATOM   1278 O  "O4'" . C   D 4 15 ? -14.157 13.978  5.180   1.00 58.03  ? 45  C   D "O4'" 1 
ATOM   1279 C  "C3'" . C   D 4 15 ? -14.563 16.177  4.527   1.00 61.34  ? 45  C   D "C3'" 1 
ATOM   1280 O  "O3'" . C   D 4 15 ? -15.356 17.335  4.722   1.00 69.09  ? 45  C   D "O3'" 1 
ATOM   1281 C  "C2'" . C   D 4 15 ? -13.286 16.184  5.354   1.00 61.03  ? 45  C   D "C2'" 1 
ATOM   1282 O  "O2'" . C   D 4 15 ? -13.440 16.667  6.672   1.00 67.38  ? 45  C   D "O2'" 1 
ATOM   1283 C  "C1'" . C   D 4 15 ? -12.952 14.696  5.382   1.00 58.89  ? 45  C   D "C1'" 1 
ATOM   1284 N  N1    . C   D 4 15 ? -12.024 14.384  4.298   1.00 54.89  ? 45  C   D N1    1 
ATOM   1285 C  C2    . C   D 4 15 ? -10.684 14.720  4.476   1.00 54.58  ? 45  C   D C2    1 
ATOM   1286 O  O2    . C   D 4 15 ? -10.345 15.250  5.550   1.00 54.77  ? 45  C   D O2    1 
ATOM   1287 N  N3    . C   D 4 15 ? -9.796  14.467  3.488   1.00 51.90  ? 45  C   D N3    1 
ATOM   1288 C  C4    . C   D 4 15 ? -10.210 13.896  2.358   1.00 51.06  ? 45  C   D C4    1 
ATOM   1289 N  N4    . C   D 4 15 ? -9.298  13.661  1.411   1.00 47.53  ? 45  C   D N4    1 
ATOM   1290 C  C5    . C   D 4 15 ? -11.582 13.537  2.149   1.00 52.78  ? 45  C   D C5    1 
ATOM   1291 C  C6    . C   D 4 15 ? -12.445 13.795  3.139   1.00 51.88  ? 45  C   D C6    1 
ATOM   1292 P  P     . U   D 4 16 ? -15.089 18.632  3.813   1.00 70.17  ? 46  U   D P     1 
ATOM   1293 O  OP1   . U   D 4 16 ? -16.132 19.626  4.152   1.00 73.47  ? 46  U   D OP1   1 
ATOM   1294 O  OP2   . U   D 4 16 ? -14.950 18.165  2.411   1.00 67.18  ? 46  U   D OP2   1 
ATOM   1295 O  "O5'" . U   D 4 16 ? -13.683 19.185  4.326   1.00 64.21  ? 46  U   D "O5'" 1 
ATOM   1296 C  "C5'" . U   D 4 16 ? -13.557 19.663  5.657   1.00 62.81  ? 46  U   D "C5'" 1 
ATOM   1297 C  "C4'" . U   D 4 16 ? -12.206 20.293  5.888   1.00 64.95  ? 46  U   D "C4'" 1 
ATOM   1298 O  "O4'" . U   D 4 16 ? -11.181 19.265  5.874   1.00 66.38  ? 46  U   D "O4'" 1 
ATOM   1299 C  "C3'" . U   D 4 16 ? -11.738 21.282  4.836   1.00 69.34  ? 46  U   D "C3'" 1 
ATOM   1300 O  "O3'" . U   D 4 16 ? -12.258 22.582  5.005   1.00 71.49  ? 46  U   D "O3'" 1 
ATOM   1301 C  "C2'" . U   D 4 16 ? -10.231 21.267  5.024   1.00 68.89  ? 46  U   D "C2'" 1 
ATOM   1302 O  "O2'" . U   D 4 16 ? -9.792  22.063  6.105   1.00 73.73  ? 46  U   D "O2'" 1 
ATOM   1303 C  "C1'" . U   D 4 16 ? -9.987  19.788  5.309   1.00 65.44  ? 46  U   D "C1'" 1 
ATOM   1304 N  N1    . U   D 4 16 ? -9.743  19.095  4.043   1.00 62.40  ? 46  U   D N1    1 
ATOM   1305 C  C2    . U   D 4 16 ? -8.454  19.090  3.538   1.00 61.62  ? 46  U   D C2    1 
ATOM   1306 O  O2    . U   D 4 16 ? -7.510  19.613  4.106   1.00 61.82  ? 46  U   D O2    1 
ATOM   1307 N  N3    . U   D 4 16 ? -8.313  18.452  2.341   1.00 60.58  ? 46  U   D N3    1 
ATOM   1308 C  C4    . U   D 4 16 ? -9.307  17.837  1.612   1.00 62.20  ? 46  U   D C4    1 
ATOM   1309 O  O4    . U   D 4 16 ? -9.035  17.342  0.523   1.00 64.15  ? 46  U   D O4    1 
ATOM   1310 C  C5    . U   D 4 16 ? -10.605 17.879  2.209   1.00 62.98  ? 46  U   D C5    1 
ATOM   1311 C  C6    . U   D 4 16 ? -10.772 18.489  3.376   1.00 61.82  ? 46  U   D C6    1 
ATOM   1312 P  P     . G   D 4 17 ? -12.208 23.601  3.774   1.00 68.63  ? 47  G   D P     1 
ATOM   1313 O  OP1   . G   D 4 17 ? -12.921 24.835  4.187   1.00 75.08  ? 47  G   D OP1   1 
ATOM   1314 O  OP2   . G   D 4 17 ? -12.684 22.840  2.590   1.00 67.70  ? 47  G   D OP2   1 
ATOM   1315 O  "O5'" . G   D 4 17 ? -10.655 23.928  3.605   1.00 59.20  ? 47  G   D "O5'" 1 
ATOM   1316 C  "C5'" . G   D 4 17 ? -9.973  24.681  4.595   1.00 53.29  ? 47  G   D "C5'" 1 
ATOM   1317 C  "C4'" . G   D 4 17 ? -8.550  24.953  4.171   1.00 58.06  ? 47  G   D "C4'" 1 
ATOM   1318 O  "O4'" . G   D 4 17 ? -7.835  23.695  4.080   1.00 60.07  ? 47  G   D "O4'" 1 
ATOM   1319 C  "C3'" . G   D 4 17 ? -8.366  25.569  2.797   1.00 59.45  ? 47  G   D "C3'" 1 
ATOM   1320 O  "O3'" . G   D 4 17 ? -8.494  26.975  2.798   1.00 61.30  ? 47  G   D "O3'" 1 
ATOM   1321 C  "C2'" . G   D 4 17 ? -6.946  25.165  2.452   1.00 57.18  ? 47  G   D "C2'" 1 
ATOM   1322 O  "O2'" . G   D 4 17 ? -5.989  25.968  3.107   1.00 58.18  ? 47  G   D "O2'" 1 
ATOM   1323 C  "C1'" . G   D 4 17 ? -6.904  23.750  3.011   1.00 55.50  ? 47  G   D "C1'" 1 
ATOM   1324 N  N9    . G   D 4 17 ? -7.323  22.810  1.981   1.00 51.30  ? 47  G   D N9    1 
ATOM   1325 C  C8    . G   D 4 17 ? -8.561  22.235  1.826   1.00 49.38  ? 47  G   D C8    1 
ATOM   1326 N  N7    . G   D 4 17 ? -8.636  21.456  0.782   1.00 49.80  ? 47  G   D N7    1 
ATOM   1327 C  C5    . G   D 4 17 ? -7.367  21.515  0.221   1.00 48.46  ? 47  G   D C5    1 
ATOM   1328 C  C6    . G   D 4 17 ? -6.835  20.884  -0.939  1.00 47.45  ? 47  G   D C6    1 
ATOM   1329 O  O6    . G   D 4 17 ? -7.402  20.121  -1.739  1.00 47.85  ? 47  G   D O6    1 
ATOM   1330 N  N1    . G   D 4 17 ? -5.505  21.224  -1.136  1.00 44.47  ? 47  G   D N1    1 
ATOM   1331 C  C2    . G   D 4 17 ? -4.780  22.065  -0.338  1.00 42.50  ? 47  G   D C2    1 
ATOM   1332 N  N2    . G   D 4 17 ? -3.505  22.260  -0.696  1.00 45.98  ? 47  G   D N2    1 
ATOM   1333 N  N3    . G   D 4 17 ? -5.261  22.667  0.729   1.00 45.44  ? 47  G   D N3    1 
ATOM   1334 C  C4    . G   D 4 17 ? -6.548  22.345  0.952   1.00 48.38  ? 47  G   D C4    1 
ATOM   1335 P  P     . C   D 4 18 ? -8.663  27.742  1.399   1.00 61.11  ? 48  C   D P     1 
ATOM   1336 O  OP1   . C   D 4 18 ? -8.615  29.182  1.704   1.00 67.21  ? 48  C   D OP1   1 
ATOM   1337 O  OP2   . C   D 4 18 ? -9.846  27.176  0.699   1.00 59.56  ? 48  C   D OP2   1 
ATOM   1338 O  "O5'" . C   D 4 18 ? -7.336  27.402  0.590   1.00 55.01  ? 48  C   D "O5'" 1 
ATOM   1339 C  "C5'" . C   D 4 18 ? -6.123  28.061  0.910   1.00 48.99  ? 48  C   D "C5'" 1 
ATOM   1340 C  "C4'" . C   D 4 18 ? -5.124  27.872  -0.193  1.00 50.69  ? 48  C   D "C4'" 1 
ATOM   1341 O  "O4'" . C   D 4 18 ? -4.787  26.467  -0.285  1.00 54.64  ? 48  C   D "O4'" 1 
ATOM   1342 C  "C3'" . C   D 4 18 ? -5.610  28.220  -1.587  1.00 50.64  ? 48  C   D "C3'" 1 
ATOM   1343 O  "O3'" . C   D 4 18 ? -5.505  29.596  -1.871  1.00 47.38  ? 48  C   D "O3'" 1 
ATOM   1344 C  "C2'" . C   D 4 18 ? -4.684  27.394  -2.461  1.00 53.49  ? 48  C   D "C2'" 1 
ATOM   1345 O  "O2'" . C   D 4 18 ? -3.399  27.971  -2.572  1.00 52.87  ? 48  C   D "O2'" 1 
ATOM   1346 C  "C1'" . C   D 4 18 ? -4.594  26.106  -1.645  1.00 50.50  ? 48  C   D "C1'" 1 
ATOM   1347 N  N1    . C   D 4 18 ? -5.662  25.170  -2.027  1.00 47.92  ? 48  C   D N1    1 
ATOM   1348 C  C2    . C   D 4 18 ? -5.535  24.449  -3.221  1.00 49.61  ? 48  C   D C2    1 
ATOM   1349 O  O2    . C   D 4 18 ? -4.507  24.584  -3.894  1.00 53.18  ? 48  C   D O2    1 
ATOM   1350 N  N3    . C   D 4 18 ? -6.530  23.623  -3.604  1.00 49.28  ? 48  C   D N3    1 
ATOM   1351 C  C4    . C   D 4 18 ? -7.614  23.487  -2.834  1.00 51.06  ? 48  C   D C4    1 
ATOM   1352 N  N4    . C   D 4 18 ? -8.568  22.654  -3.245  1.00 51.41  ? 48  C   D N4    1 
ATOM   1353 C  C5    . C   D 4 18 ? -7.762  24.197  -1.604  1.00 49.84  ? 48  C   D C5    1 
ATOM   1354 C  C6    . C   D 4 18 ? -6.771  25.017  -1.242  1.00 47.77  ? 48  C   D C6    1 
ATOM   1355 P  P     . C   D 4 19 ? -6.534  30.257  -2.902  1.00 56.56  ? 49  C   D P     1 
ATOM   1356 O  OP1   . C   D 4 19 ? -6.345  31.722  -2.857  1.00 63.02  ? 49  C   D OP1   1 
ATOM   1357 O  OP2   . C   D 4 19 ? -7.876  29.671  -2.615  1.00 58.80  ? 49  C   D OP2   1 
ATOM   1358 O  "O5'" . C   D 4 19 ? -6.018  29.760  -4.321  1.00 53.05  ? 49  C   D "O5'" 1 
ATOM   1359 C  "C5'" . C   D 4 19 ? -4.676  30.001  -4.702  1.00 47.23  ? 49  C   D "C5'" 1 
ATOM   1360 C  "C4'" . C   D 4 19 ? -4.282  29.101  -5.842  1.00 51.04  ? 49  C   D "C4'" 1 
ATOM   1361 O  "O4'" . C   D 4 19 ? -4.424  27.714  -5.435  1.00 47.84  ? 49  C   D "O4'" 1 
ATOM   1362 C  "C3'" . C   D 4 19 ? -5.159  29.206  -7.074  1.00 49.28  ? 49  C   D "C3'" 1 
ATOM   1363 O  "O3'" . C   D 4 19 ? -4.880  30.366  -7.849  1.00 57.55  ? 49  C   D "O3'" 1 
ATOM   1364 C  "C2'" . C   D 4 19 ? -4.911  27.868  -7.752  1.00 48.96  ? 49  C   D "C2'" 1 
ATOM   1365 O  "O2'" . C   D 4 19 ? -3.650  27.813  -8.388  1.00 51.33  ? 49  C   D "O2'" 1 
ATOM   1366 C  "C1'" . C   D 4 19 ? -4.839  26.940  -6.544  1.00 46.37  ? 49  C   D "C1'" 1 
ATOM   1367 N  N1    . C   D 4 19 ? -6.135  26.345  -6.237  1.00 48.65  ? 49  C   D N1    1 
ATOM   1368 C  C2    . C   D 4 19 ? -6.565  25.274  -7.009  1.00 50.16  ? 49  C   D C2    1 
ATOM   1369 O  O2    . C   D 4 19 ? -5.854  24.887  -7.940  1.00 48.91  ? 49  C   D O2    1 
ATOM   1370 N  N3    . C   D 4 19 ? -7.743  24.693  -6.728  1.00 49.51  ? 49  C   D N3    1 
ATOM   1371 C  C4    . C   D 4 19 ? -8.488  25.159  -5.727  1.00 50.13  ? 49  C   D C4    1 
ATOM   1372 N  N4    . C   D 4 19 ? -9.645  24.560  -5.481  1.00 53.27  ? 49  C   D N4    1 
ATOM   1373 C  C5    . C   D 4 19 ? -8.078  26.264  -4.931  1.00 49.22  ? 49  C   D C5    1 
ATOM   1374 C  C6    . C   D 4 19 ? -6.905  26.822  -5.218  1.00 48.25  ? 49  C   D C6    1 
HETATM 1375 S  S     . SO4 E 5 .  ? -4.870  -2.139  -15.062 0.50 72.69  ? 201 SO4 A S     1 
HETATM 1376 O  O1    . SO4 E 5 .  ? -4.735  -3.556  -14.679 0.50 72.97  ? 201 SO4 A O1    1 
HETATM 1377 O  O2    . SO4 E 5 .  ? -6.284  -1.860  -15.389 0.50 72.06  ? 201 SO4 A O2    1 
HETATM 1378 O  O3    . SO4 E 5 .  ? -4.448  -1.289  -13.932 0.50 72.79  ? 201 SO4 A O3    1 
HETATM 1379 O  O4    . SO4 E 5 .  ? -4.015  -1.862  -16.236 0.50 70.49  ? 201 SO4 A O4    1 
HETATM 1380 CO CO    . NCO F 6 .  ? -0.818  -13.463 -4.515  1.00 51.55  ? 102 NCO B CO    1 
HETATM 1381 N  N1    . NCO F 6 .  ? 0.120   -15.237 -4.182  1.00 58.65  ? 102 NCO B N1    1 
HETATM 1382 N  N2    . NCO F 6 .  ? -2.090  -13.960 -3.034  1.00 56.55  ? 102 NCO B N2    1 
HETATM 1383 N  N3    . NCO F 6 .  ? 0.430   -12.445 -3.354  1.00 54.10  ? 102 NCO B N3    1 
HETATM 1384 N  N4    . NCO F 6 .  ? -2.143  -14.299 -5.695  1.00 54.23  ? 102 NCO B N4    1 
HETATM 1385 N  N5    . NCO F 6 .  ? -1.777  -11.797 -4.856  1.00 55.00  ? 102 NCO B N5    1 
HETATM 1386 N  N6    . NCO F 6 .  ? 0.462   -13.089 -6.051  1.00 54.49  ? 102 NCO B N6    1 
HETATM 1387 CO CO    . NCO G 6 .  ? 0.700   11.126  4.124   0.50 82.94  ? 101 NCO C CO    1 
HETATM 1388 N  N1    . NCO G 6 .  ? 2.263   12.207  3.424   0.50 84.24  ? 101 NCO C N1    1 
HETATM 1389 N  N2    . NCO G 6 .  ? 1.588   11.243  5.921   0.50 83.77  ? 101 NCO C N2    1 
HETATM 1390 N  N3    . NCO G 6 .  ? -0.476  12.707  4.366   0.50 83.41  ? 101 NCO C N3    1 
HETATM 1391 N  N4    . NCO G 6 .  ? 1.713   9.469   3.916   0.50 83.12  ? 101 NCO C N4    1 
HETATM 1392 N  N5    . NCO G 6 .  ? -0.758  10.019  4.813   0.50 82.63  ? 101 NCO C N5    1 
HETATM 1393 N  N6    . NCO G 6 .  ? -0.084  11.005  2.266   0.50 84.29  ? 101 NCO C N6    1 
HETATM 1394 O  O     . HOH H 7 .  ? 27.861  -3.142  -12.089 1.00 72.07  ? 202 HOH A O     1 
HETATM 1395 O  O     . HOH H 7 .  ? 4.445   2.640   -5.135  1.00 20.67  ? 203 HOH A O     1 
HETATM 1396 O  O     . HOH I 7 .  ? -12.717 -2.044  -7.731  1.00 60.52  ? 103 HOH B O     1 
HETATM 1397 O  O     . HOH J 7 .  ? -0.857  -25.932 20.366  1.00 57.35  ? 2   HOH C O     1 
HETATM 1398 O  O     . HOH J 7 .  ? -9.888  11.613  7.259   1.00 44.01  ? 5   HOH C O     1 
HETATM 1399 O  O     . HOH J 7 .  ? 2.317   -19.927 10.136  1.00 46.49  ? 7   HOH C O     1 
HETATM 1400 O  O     . HOH J 7 .  ? -13.147 2.916   6.791   1.00 43.65  ? 8   HOH C O     1 
HETATM 1401 O  O     . HOH K 7 .  ? 4.090   -8.076  11.338  1.00 25.82  ? 6   HOH D O     1 
HETATM 1402 O  O     . HOH K 7 .  ? -18.584 11.509  3.409   1.00 78.07  ? 9   HOH D O     1 
# 
loop_
_pdbx_poly_seq_scheme.asym_id 
_pdbx_poly_seq_scheme.entity_id 
_pdbx_poly_seq_scheme.seq_id 
_pdbx_poly_seq_scheme.mon_id 
_pdbx_poly_seq_scheme.ndb_seq_num 
_pdbx_poly_seq_scheme.pdb_seq_num 
_pdbx_poly_seq_scheme.auth_seq_num 
_pdbx_poly_seq_scheme.pdb_mon_id 
_pdbx_poly_seq_scheme.auth_mon_id 
_pdbx_poly_seq_scheme.pdb_strand_id 
_pdbx_poly_seq_scheme.pdb_ins_code 
_pdbx_poly_seq_scheme.hetero 
A 1 1  U   1  1  1  U   U   A . n 
A 1 2  C   2  2  1  C   C   A . n 
A 1 3  C   3  3  3  C   C   A . n 
A 1 4  C   4  4  4  C   C   A . n 
A 1 5  A2M 5  5  5  A2M A2M A . n 
A 1 6  G   6  6  6  G   G   A . n 
A 1 7  U   7  7  7  U   U   A . n 
A 1 8  C   8  8  8  C   C   A . n 
A 1 9  C   9  9  9  C   C   A . n 
A 1 10 A   10 10 10 A   A   A . n 
A 1 11 C   11 11 11 C   C   A . n 
A 1 12 C   12 12 12 C   C   A . n 
A 1 13 G   13 13 13 G   G   A . n 
B 2 1  C   1  2  2  C   C   B . n 
B 2 2  G   2  3  3  G   G   B . n 
B 2 3  G   3  4  4  G   G   B . n 
B 2 4  U   4  5  5  U   U   B . n 
B 2 5  G   5  6  6  G   G   B . n 
B 2 6  A   6  7  7  A   A   B . n 
B 2 7  G   7  8  8  G   G   B . n 
B 2 8  A   8  9  9  A   A   B . n 
B 2 9  A   9  10 10 A   A   B . n 
B 2 10 G   10 11 11 G   G   B . n 
B 2 11 G   11 12 12 G   G   B . n 
B 2 12 G   12 13 13 G   G   B . n 
C 3 1  G   1  15 15 G   G   C . n 
C 3 2  G   2  16 16 G   G   C . n 
C 3 3  C   3  17 17 C   C   C . n 
C 3 4  A   4  18 18 A   A   C . n 
C 3 5  G   5  19 19 G   G   C . n 
C 3 6  A   6  20 20 A   A   C . n 
C 3 7  G   7  21 21 G   G   C . n 
C 3 8  A   8  22 22 A   A   C . n 
C 3 9  A   9  23 23 A   A   C . n 
C 3 10 A   10 24 24 A   A   C . n 
C 3 11 C   11 25 25 C   C   C . n 
C 3 12 A   12 26 26 A   A   C . n 
C 3 13 C   13 27 27 C   C   C . n 
C 3 14 A   14 28 28 A   A   C . n 
C 3 15 C   15 29 29 C   C   C . n 
C 3 16 G   16 30 30 G   G   C . n 
C 3 17 A   17 31 31 A   A   C . n 
D 4 1  U   1  31 31 U   U   D . n 
D 4 2  C   2  32 32 C   C   D . n 
D 4 3  G   3  33 33 G   G   D . n 
D 4 4  U   4  34 34 U   U   D . n 
D 4 5  G   5  35 35 G   G   D . n 
D 4 6  G   6  36 36 G   G   D . n 
D 4 7  U   7  37 37 U   U   D . n 
D 4 8  A   8  38 38 A   A   D . n 
D 4 9  U   9  39 39 U   U   D . n 
D 4 10 A   10 40 40 A   A   D . n 
D 4 11 U   11 41 41 U   U   D . n 
D 4 12 U   12 42 42 U   U   D . n 
D 4 13 A   13 43 43 A   A   D . n 
D 4 14 C   14 44 44 C   C   D . n 
D 4 15 C   15 45 45 C   C   D . n 
D 4 16 U   16 46 46 U   U   D . n 
D 4 17 G   17 47 47 G   G   D . n 
D 4 18 C   18 48 48 C   C   D . n 
D 4 19 C   19 49 49 C   C   D . n 
# 
loop_
_pdbx_nonpoly_scheme.asym_id 
_pdbx_nonpoly_scheme.entity_id 
_pdbx_nonpoly_scheme.mon_id 
_pdbx_nonpoly_scheme.ndb_seq_num 
_pdbx_nonpoly_scheme.pdb_seq_num 
_pdbx_nonpoly_scheme.auth_seq_num 
_pdbx_nonpoly_scheme.pdb_mon_id 
_pdbx_nonpoly_scheme.auth_mon_id 
_pdbx_nonpoly_scheme.pdb_strand_id 
_pdbx_nonpoly_scheme.pdb_ins_code 
E 5 SO4 1 201 1 SO4 SO4 A . 
F 6 NCO 1 102 2 NCO NCO B . 
G 6 NCO 1 101 1 NCO NCO C . 
H 7 HOH 1 202 1 HOH HOH A . 
H 7 HOH 2 203 4 HOH HOH A . 
I 7 HOH 1 103 3 HOH HOH B . 
J 7 HOH 1 2   2 HOH HOH C . 
J 7 HOH 2 5   5 HOH HOH C . 
J 7 HOH 3 7   7 HOH HOH C . 
J 7 HOH 4 8   8 HOH HOH C . 
K 7 HOH 1 6   6 HOH HOH D . 
K 7 HOH 2 9   9 HOH HOH D . 
# 
_pdbx_struct_mod_residue.id               1 
_pdbx_struct_mod_residue.label_asym_id    A 
_pdbx_struct_mod_residue.label_comp_id    A2M 
_pdbx_struct_mod_residue.label_seq_id     5 
_pdbx_struct_mod_residue.auth_asym_id     A 
_pdbx_struct_mod_residue.auth_comp_id     A2M 
_pdbx_struct_mod_residue.auth_seq_id      5 
_pdbx_struct_mod_residue.PDB_ins_code     ? 
_pdbx_struct_mod_residue.parent_comp_id   A 
_pdbx_struct_mod_residue.details          "2'-O-METHYL-ADENOSINE-5'-MONOPHOSPHATE" 
# 
_pdbx_struct_assembly.id                   1 
_pdbx_struct_assembly.details              author_defined_assembly 
_pdbx_struct_assembly.method_details       ? 
_pdbx_struct_assembly.oligomeric_details   tetrameric 
_pdbx_struct_assembly.oligomeric_count     4 
# 
_pdbx_struct_assembly_gen.assembly_id       1 
_pdbx_struct_assembly_gen.oper_expression   1 
_pdbx_struct_assembly_gen.asym_id_list      A,B,C,D,E,F,G,H,I,J,K 
# 
_pdbx_struct_oper_list.id                   1 
_pdbx_struct_oper_list.type                 'identity operation' 
_pdbx_struct_oper_list.name                 1_555 
_pdbx_struct_oper_list.symmetry_operation   x,y,z 
_pdbx_struct_oper_list.matrix[1][1]         1.0000000000 
_pdbx_struct_oper_list.matrix[1][2]         0.0000000000 
_pdbx_struct_oper_list.matrix[1][3]         0.0000000000 
_pdbx_struct_oper_list.vector[1]            0.0000000000 
_pdbx_struct_oper_list.matrix[2][1]         0.0000000000 
_pdbx_struct_oper_list.matrix[2][2]         1.0000000000 
_pdbx_struct_oper_list.matrix[2][3]         0.0000000000 
_pdbx_struct_oper_list.vector[2]            0.0000000000 
_pdbx_struct_oper_list.matrix[3][1]         0.0000000000 
_pdbx_struct_oper_list.matrix[3][2]         0.0000000000 
_pdbx_struct_oper_list.matrix[3][3]         1.0000000000 
_pdbx_struct_oper_list.vector[3]            0.0000000000 
# 
loop_
_pdbx_audit_revision_history.ordinal 
_pdbx_audit_revision_history.data_content_type 
_pdbx_audit_revision_history.major_revision 
_pdbx_audit_revision_history.minor_revision 
_pdbx_audit_revision_history.revision_date 
1 'Structure model' 1 0 2005-11-01 
2 'Structure model' 1 1 2008-04-30 
3 'Structure model' 1 2 2011-07-13 
4 'Structure model' 1 3 2023-10-25 
# 
_pdbx_audit_revision_details.ordinal             1 
_pdbx_audit_revision_details.revision_ordinal    1 
_pdbx_audit_revision_details.data_content_type   'Structure model' 
_pdbx_audit_revision_details.provider            repository 
_pdbx_audit_revision_details.type                'Initial release' 
_pdbx_audit_revision_details.description         ? 
_pdbx_audit_revision_details.details             ? 
# 
loop_
_pdbx_audit_revision_group.ordinal 
_pdbx_audit_revision_group.revision_ordinal 
_pdbx_audit_revision_group.data_content_type 
_pdbx_audit_revision_group.group 
1 2 'Structure model' 'Version format compliance' 
2 3 'Structure model' 'Non-polymer description'   
3 3 'Structure model' 'Version format compliance' 
4 4 'Structure model' 'Data collection'           
5 4 'Structure model' 'Database references'       
6 4 'Structure model' 'Derived calculations'      
7 4 'Structure model' 'Refinement description'    
# 
loop_
_pdbx_audit_revision_category.ordinal 
_pdbx_audit_revision_category.revision_ordinal 
_pdbx_audit_revision_category.data_content_type 
_pdbx_audit_revision_category.category 
1 4 'Structure model' chem_comp_atom                
2 4 'Structure model' chem_comp_bond                
3 4 'Structure model' database_2                    
4 4 'Structure model' pdbx_initial_refinement_model 
5 4 'Structure model' struct_conn                   
6 4 'Structure model' struct_site                   
# 
loop_
_pdbx_audit_revision_item.ordinal 
_pdbx_audit_revision_item.revision_ordinal 
_pdbx_audit_revision_item.data_content_type 
_pdbx_audit_revision_item.item 
1 4 'Structure model' '_database_2.pdbx_DOI'                
2 4 'Structure model' '_database_2.pdbx_database_accession' 
3 4 'Structure model' '_struct_conn.pdbx_leaving_atom_flag' 
4 4 'Structure model' '_struct_site.pdbx_auth_asym_id'      
5 4 'Structure model' '_struct_site.pdbx_auth_comp_id'      
6 4 'Structure model' '_struct_site.pdbx_auth_seq_id'       
# 
loop_
_software.name 
_software.classification 
_software.version 
_software.citation_id 
_software.pdbx_ordinal 
CNS          refinement       1.1            ? 1 
CrystalClear 'data reduction' '(MSC/RIGAKU)' ? 2 
CrystalClear 'data scaling'   '(MSC/RIGAKU)' ? 3 
CNS          phasing          1.1            ? 4 
# 
_pdbx_validate_close_contact.id               1 
_pdbx_validate_close_contact.PDB_model_num    1 
_pdbx_validate_close_contact.auth_atom_id_1   OP2 
_pdbx_validate_close_contact.auth_asym_id_1   A 
_pdbx_validate_close_contact.auth_comp_id_1   A2M 
_pdbx_validate_close_contact.auth_seq_id_1    5 
_pdbx_validate_close_contact.PDB_ins_code_1   ? 
_pdbx_validate_close_contact.label_alt_id_1   ? 
_pdbx_validate_close_contact.auth_atom_id_2   O 
_pdbx_validate_close_contact.auth_asym_id_2   A 
_pdbx_validate_close_contact.auth_comp_id_2   HOH 
_pdbx_validate_close_contact.auth_seq_id_2    203 
_pdbx_validate_close_contact.PDB_ins_code_2   ? 
_pdbx_validate_close_contact.label_alt_id_2   ? 
_pdbx_validate_close_contact.dist             2.08 
# 
_pdbx_validate_rmsd_angle.id                         1 
_pdbx_validate_rmsd_angle.PDB_model_num              1 
_pdbx_validate_rmsd_angle.auth_atom_id_1             N1 
_pdbx_validate_rmsd_angle.auth_asym_id_1             A 
_pdbx_validate_rmsd_angle.auth_comp_id_1             C 
_pdbx_validate_rmsd_angle.auth_seq_id_1              2 
_pdbx_validate_rmsd_angle.PDB_ins_code_1             ? 
_pdbx_validate_rmsd_angle.label_alt_id_1             ? 
_pdbx_validate_rmsd_angle.auth_atom_id_2             "C1'" 
_pdbx_validate_rmsd_angle.auth_asym_id_2             A 
_pdbx_validate_rmsd_angle.auth_comp_id_2             C 
_pdbx_validate_rmsd_angle.auth_seq_id_2              2 
_pdbx_validate_rmsd_angle.PDB_ins_code_2             ? 
_pdbx_validate_rmsd_angle.label_alt_id_2             ? 
_pdbx_validate_rmsd_angle.auth_atom_id_3             "C2'" 
_pdbx_validate_rmsd_angle.auth_asym_id_3             A 
_pdbx_validate_rmsd_angle.auth_comp_id_3             C 
_pdbx_validate_rmsd_angle.auth_seq_id_3              2 
_pdbx_validate_rmsd_angle.PDB_ins_code_3             ? 
_pdbx_validate_rmsd_angle.label_alt_id_3             ? 
_pdbx_validate_rmsd_angle.angle_value                104.29 
_pdbx_validate_rmsd_angle.angle_target_value         112.00 
_pdbx_validate_rmsd_angle.angle_deviation            -7.71 
_pdbx_validate_rmsd_angle.angle_standard_deviation   1.10 
_pdbx_validate_rmsd_angle.linker_flag                N 
# 
loop_
_pdbx_validate_planes.id 
_pdbx_validate_planes.PDB_model_num 
_pdbx_validate_planes.auth_comp_id 
_pdbx_validate_planes.auth_asym_id 
_pdbx_validate_planes.auth_seq_id 
_pdbx_validate_planes.PDB_ins_code 
_pdbx_validate_planes.label_alt_id 
_pdbx_validate_planes.rmsd 
_pdbx_validate_planes.type 
1 1 U A 1 ? A 0.092 'SIDE CHAIN' 
2 1 G A 6 ? ? 0.066 'SIDE CHAIN' 
# 
loop_
_chem_comp_atom.comp_id 
_chem_comp_atom.atom_id 
_chem_comp_atom.type_symbol 
_chem_comp_atom.pdbx_aromatic_flag 
_chem_comp_atom.pdbx_stereo_config 
_chem_comp_atom.pdbx_ordinal 
A   OP3    O  N N 1   
A   P      P  N N 2   
A   OP1    O  N N 3   
A   OP2    O  N N 4   
A   "O5'"  O  N N 5   
A   "C5'"  C  N N 6   
A   "C4'"  C  N R 7   
A   "O4'"  O  N N 8   
A   "C3'"  C  N S 9   
A   "O3'"  O  N N 10  
A   "C2'"  C  N R 11  
A   "O2'"  O  N N 12  
A   "C1'"  C  N R 13  
A   N9     N  Y N 14  
A   C8     C  Y N 15  
A   N7     N  Y N 16  
A   C5     C  Y N 17  
A   C6     C  Y N 18  
A   N6     N  N N 19  
A   N1     N  Y N 20  
A   C2     C  Y N 21  
A   N3     N  Y N 22  
A   C4     C  Y N 23  
A   HOP3   H  N N 24  
A   HOP2   H  N N 25  
A   "H5'"  H  N N 26  
A   "H5''" H  N N 27  
A   "H4'"  H  N N 28  
A   "H3'"  H  N N 29  
A   "HO3'" H  N N 30  
A   "H2'"  H  N N 31  
A   "HO2'" H  N N 32  
A   "H1'"  H  N N 33  
A   H8     H  N N 34  
A   H61    H  N N 35  
A   H62    H  N N 36  
A   H2     H  N N 37  
A2M P      P  N N 38  
A2M OP1    O  N N 39  
A2M OP3    O  N N 40  
A2M "O5'"  O  N N 41  
A2M "C5'"  C  N N 42  
A2M "C4'"  C  N R 43  
A2M "O4'"  O  N N 44  
A2M "C3'"  C  N R 45  
A2M "O3'"  O  N N 46  
A2M "C2'"  C  N R 47  
A2M "O2'"  O  N N 48  
A2M "C1'"  C  N R 49  
A2M "CM'"  C  N N 50  
A2M N9     N  Y N 51  
A2M C8     C  Y N 52  
A2M N7     N  Y N 53  
A2M C5     C  Y N 54  
A2M C6     C  Y N 55  
A2M N6     N  N N 56  
A2M N1     N  Y N 57  
A2M C2     C  Y N 58  
A2M N3     N  Y N 59  
A2M C4     C  Y N 60  
A2M HOP3   H  N N 61  
A2M "H5'"  H  N N 62  
A2M "H5''" H  N N 63  
A2M "H4'"  H  N N 64  
A2M "H3'"  H  N N 65  
A2M "HO3'" H  N N 66  
A2M "H2'"  H  N N 67  
A2M "H1'"  H  N N 68  
A2M "HM'1" H  N N 69  
A2M "HM'2" H  N N 70  
A2M "HM'3" H  N N 71  
A2M H8     H  N N 72  
A2M H61    H  N N 73  
A2M H62    H  N N 74  
A2M H2     H  N N 75  
A2M OP2    O  N N 76  
A2M HOP2   H  N N 77  
C   OP3    O  N N 78  
C   P      P  N N 79  
C   OP1    O  N N 80  
C   OP2    O  N N 81  
C   "O5'"  O  N N 82  
C   "C5'"  C  N N 83  
C   "C4'"  C  N R 84  
C   "O4'"  O  N N 85  
C   "C3'"  C  N S 86  
C   "O3'"  O  N N 87  
C   "C2'"  C  N R 88  
C   "O2'"  O  N N 89  
C   "C1'"  C  N R 90  
C   N1     N  N N 91  
C   C2     C  N N 92  
C   O2     O  N N 93  
C   N3     N  N N 94  
C   C4     C  N N 95  
C   N4     N  N N 96  
C   C5     C  N N 97  
C   C6     C  N N 98  
C   HOP3   H  N N 99  
C   HOP2   H  N N 100 
C   "H5'"  H  N N 101 
C   "H5''" H  N N 102 
C   "H4'"  H  N N 103 
C   "H3'"  H  N N 104 
C   "HO3'" H  N N 105 
C   "H2'"  H  N N 106 
C   "HO2'" H  N N 107 
C   "H1'"  H  N N 108 
C   H41    H  N N 109 
C   H42    H  N N 110 
C   H5     H  N N 111 
C   H6     H  N N 112 
G   OP3    O  N N 113 
G   P      P  N N 114 
G   OP1    O  N N 115 
G   OP2    O  N N 116 
G   "O5'"  O  N N 117 
G   "C5'"  C  N N 118 
G   "C4'"  C  N R 119 
G   "O4'"  O  N N 120 
G   "C3'"  C  N S 121 
G   "O3'"  O  N N 122 
G   "C2'"  C  N R 123 
G   "O2'"  O  N N 124 
G   "C1'"  C  N R 125 
G   N9     N  Y N 126 
G   C8     C  Y N 127 
G   N7     N  Y N 128 
G   C5     C  Y N 129 
G   C6     C  N N 130 
G   O6     O  N N 131 
G   N1     N  N N 132 
G   C2     C  N N 133 
G   N2     N  N N 134 
G   N3     N  N N 135 
G   C4     C  Y N 136 
G   HOP3   H  N N 137 
G   HOP2   H  N N 138 
G   "H5'"  H  N N 139 
G   "H5''" H  N N 140 
G   "H4'"  H  N N 141 
G   "H3'"  H  N N 142 
G   "HO3'" H  N N 143 
G   "H2'"  H  N N 144 
G   "HO2'" H  N N 145 
G   "H1'"  H  N N 146 
G   H8     H  N N 147 
G   H1     H  N N 148 
G   H21    H  N N 149 
G   H22    H  N N 150 
HOH O      O  N N 151 
HOH H1     H  N N 152 
HOH H2     H  N N 153 
NCO CO     CO N N 154 
NCO N1     N  N N 155 
NCO N2     N  N N 156 
NCO N3     N  N N 157 
NCO N4     N  N N 158 
NCO N5     N  N N 159 
NCO N6     N  N N 160 
NCO HN11   H  N N 161 
NCO HN12   H  N N 162 
NCO HN13   H  N N 163 
NCO HN21   H  N N 164 
NCO HN22   H  N N 165 
NCO HN23   H  N N 166 
NCO HN31   H  N N 167 
NCO HN32   H  N N 168 
NCO HN33   H  N N 169 
NCO HN41   H  N N 170 
NCO HN42   H  N N 171 
NCO HN43   H  N N 172 
NCO HN51   H  N N 173 
NCO HN52   H  N N 174 
NCO HN53   H  N N 175 
NCO HN61   H  N N 176 
NCO HN62   H  N N 177 
NCO HN63   H  N N 178 
SO4 S      S  N N 179 
SO4 O1     O  N N 180 
SO4 O2     O  N N 181 
SO4 O3     O  N N 182 
SO4 O4     O  N N 183 
U   OP3    O  N N 184 
U   P      P  N N 185 
U   OP1    O  N N 186 
U   OP2    O  N N 187 
U   "O5'"  O  N N 188 
U   "C5'"  C  N N 189 
U   "C4'"  C  N R 190 
U   "O4'"  O  N N 191 
U   "C3'"  C  N S 192 
U   "O3'"  O  N N 193 
U   "C2'"  C  N R 194 
U   "O2'"  O  N N 195 
U   "C1'"  C  N R 196 
U   N1     N  N N 197 
U   C2     C  N N 198 
U   O2     O  N N 199 
U   N3     N  N N 200 
U   C4     C  N N 201 
U   O4     O  N N 202 
U   C5     C  N N 203 
U   C6     C  N N 204 
U   HOP3   H  N N 205 
U   HOP2   H  N N 206 
U   "H5'"  H  N N 207 
U   "H5''" H  N N 208 
U   "H4'"  H  N N 209 
U   "H3'"  H  N N 210 
U   "HO3'" H  N N 211 
U   "H2'"  H  N N 212 
U   "HO2'" H  N N 213 
U   "H1'"  H  N N 214 
U   H3     H  N N 215 
U   H5     H  N N 216 
U   H6     H  N N 217 
# 
loop_
_chem_comp_bond.comp_id 
_chem_comp_bond.atom_id_1 
_chem_comp_bond.atom_id_2 
_chem_comp_bond.value_order 
_chem_comp_bond.pdbx_aromatic_flag 
_chem_comp_bond.pdbx_stereo_config 
_chem_comp_bond.pdbx_ordinal 
A   OP3   P      sing N N 1   
A   OP3   HOP3   sing N N 2   
A   P     OP1    doub N N 3   
A   P     OP2    sing N N 4   
A   P     "O5'"  sing N N 5   
A   OP2   HOP2   sing N N 6   
A   "O5'" "C5'"  sing N N 7   
A   "C5'" "C4'"  sing N N 8   
A   "C5'" "H5'"  sing N N 9   
A   "C5'" "H5''" sing N N 10  
A   "C4'" "O4'"  sing N N 11  
A   "C4'" "C3'"  sing N N 12  
A   "C4'" "H4'"  sing N N 13  
A   "O4'" "C1'"  sing N N 14  
A   "C3'" "O3'"  sing N N 15  
A   "C3'" "C2'"  sing N N 16  
A   "C3'" "H3'"  sing N N 17  
A   "O3'" "HO3'" sing N N 18  
A   "C2'" "O2'"  sing N N 19  
A   "C2'" "C1'"  sing N N 20  
A   "C2'" "H2'"  sing N N 21  
A   "O2'" "HO2'" sing N N 22  
A   "C1'" N9     sing N N 23  
A   "C1'" "H1'"  sing N N 24  
A   N9    C8     sing Y N 25  
A   N9    C4     sing Y N 26  
A   C8    N7     doub Y N 27  
A   C8    H8     sing N N 28  
A   N7    C5     sing Y N 29  
A   C5    C6     sing Y N 30  
A   C5    C4     doub Y N 31  
A   C6    N6     sing N N 32  
A   C6    N1     doub Y N 33  
A   N6    H61    sing N N 34  
A   N6    H62    sing N N 35  
A   N1    C2     sing Y N 36  
A   C2    N3     doub Y N 37  
A   C2    H2     sing N N 38  
A   N3    C4     sing Y N 39  
A2M P     OP1    doub N N 40  
A2M P     OP3    sing N N 41  
A2M P     "O5'"  sing N N 42  
A2M OP3   HOP3   sing N N 43  
A2M "O5'" "C5'"  sing N N 44  
A2M "C5'" "C4'"  sing N N 45  
A2M "C5'" "H5'"  sing N N 46  
A2M "C5'" "H5''" sing N N 47  
A2M "C4'" "O4'"  sing N N 48  
A2M "C4'" "C3'"  sing N N 49  
A2M "C4'" "H4'"  sing N N 50  
A2M "O4'" "C1'"  sing N N 51  
A2M "C3'" "O3'"  sing N N 52  
A2M "C3'" "C2'"  sing N N 53  
A2M "C3'" "H3'"  sing N N 54  
A2M "O3'" "HO3'" sing N N 55  
A2M "C2'" "O2'"  sing N N 56  
A2M "C2'" "C1'"  sing N N 57  
A2M "C2'" "H2'"  sing N N 58  
A2M "O2'" "CM'"  sing N N 59  
A2M "C1'" N9     sing N N 60  
A2M "C1'" "H1'"  sing N N 61  
A2M "CM'" "HM'1" sing N N 62  
A2M "CM'" "HM'2" sing N N 63  
A2M "CM'" "HM'3" sing N N 64  
A2M N9    C8     sing Y N 65  
A2M N9    C4     sing Y N 66  
A2M C8    N7     doub Y N 67  
A2M C8    H8     sing N N 68  
A2M N7    C5     sing Y N 69  
A2M C5    C6     sing Y N 70  
A2M C5    C4     doub Y N 71  
A2M C6    N6     sing N N 72  
A2M C6    N1     doub Y N 73  
A2M N6    H61    sing N N 74  
A2M N6    H62    sing N N 75  
A2M N1    C2     sing Y N 76  
A2M C2    N3     doub Y N 77  
A2M C2    H2     sing N N 78  
A2M N3    C4     sing Y N 79  
A2M P     OP2    sing N N 80  
A2M OP2   HOP2   sing N N 81  
C   OP3   P      sing N N 82  
C   OP3   HOP3   sing N N 83  
C   P     OP1    doub N N 84  
C   P     OP2    sing N N 85  
C   P     "O5'"  sing N N 86  
C   OP2   HOP2   sing N N 87  
C   "O5'" "C5'"  sing N N 88  
C   "C5'" "C4'"  sing N N 89  
C   "C5'" "H5'"  sing N N 90  
C   "C5'" "H5''" sing N N 91  
C   "C4'" "O4'"  sing N N 92  
C   "C4'" "C3'"  sing N N 93  
C   "C4'" "H4'"  sing N N 94  
C   "O4'" "C1'"  sing N N 95  
C   "C3'" "O3'"  sing N N 96  
C   "C3'" "C2'"  sing N N 97  
C   "C3'" "H3'"  sing N N 98  
C   "O3'" "HO3'" sing N N 99  
C   "C2'" "O2'"  sing N N 100 
C   "C2'" "C1'"  sing N N 101 
C   "C2'" "H2'"  sing N N 102 
C   "O2'" "HO2'" sing N N 103 
C   "C1'" N1     sing N N 104 
C   "C1'" "H1'"  sing N N 105 
C   N1    C2     sing N N 106 
C   N1    C6     sing N N 107 
C   C2    O2     doub N N 108 
C   C2    N3     sing N N 109 
C   N3    C4     doub N N 110 
C   C4    N4     sing N N 111 
C   C4    C5     sing N N 112 
C   N4    H41    sing N N 113 
C   N4    H42    sing N N 114 
C   C5    C6     doub N N 115 
C   C5    H5     sing N N 116 
C   C6    H6     sing N N 117 
G   OP3   P      sing N N 118 
G   OP3   HOP3   sing N N 119 
G   P     OP1    doub N N 120 
G   P     OP2    sing N N 121 
G   P     "O5'"  sing N N 122 
G   OP2   HOP2   sing N N 123 
G   "O5'" "C5'"  sing N N 124 
G   "C5'" "C4'"  sing N N 125 
G   "C5'" "H5'"  sing N N 126 
G   "C5'" "H5''" sing N N 127 
G   "C4'" "O4'"  sing N N 128 
G   "C4'" "C3'"  sing N N 129 
G   "C4'" "H4'"  sing N N 130 
G   "O4'" "C1'"  sing N N 131 
G   "C3'" "O3'"  sing N N 132 
G   "C3'" "C2'"  sing N N 133 
G   "C3'" "H3'"  sing N N 134 
G   "O3'" "HO3'" sing N N 135 
G   "C2'" "O2'"  sing N N 136 
G   "C2'" "C1'"  sing N N 137 
G   "C2'" "H2'"  sing N N 138 
G   "O2'" "HO2'" sing N N 139 
G   "C1'" N9     sing N N 140 
G   "C1'" "H1'"  sing N N 141 
G   N9    C8     sing Y N 142 
G   N9    C4     sing Y N 143 
G   C8    N7     doub Y N 144 
G   C8    H8     sing N N 145 
G   N7    C5     sing Y N 146 
G   C5    C6     sing N N 147 
G   C5    C4     doub Y N 148 
G   C6    O6     doub N N 149 
G   C6    N1     sing N N 150 
G   N1    C2     sing N N 151 
G   N1    H1     sing N N 152 
G   C2    N2     sing N N 153 
G   C2    N3     doub N N 154 
G   N2    H21    sing N N 155 
G   N2    H22    sing N N 156 
G   N3    C4     sing N N 157 
HOH O     H1     sing N N 158 
HOH O     H2     sing N N 159 
NCO CO    N1     sing N N 160 
NCO CO    N2     sing N N 161 
NCO CO    N3     sing N N 162 
NCO CO    N4     sing N N 163 
NCO CO    N5     sing N N 164 
NCO CO    N6     sing N N 165 
NCO N1    HN11   sing N N 166 
NCO N1    HN12   sing N N 167 
NCO N1    HN13   sing N N 168 
NCO N2    HN21   sing N N 169 
NCO N2    HN22   sing N N 170 
NCO N2    HN23   sing N N 171 
NCO N3    HN31   sing N N 172 
NCO N3    HN32   sing N N 173 
NCO N3    HN33   sing N N 174 
NCO N4    HN41   sing N N 175 
NCO N4    HN42   sing N N 176 
NCO N4    HN43   sing N N 177 
NCO N5    HN51   sing N N 178 
NCO N5    HN52   sing N N 179 
NCO N5    HN53   sing N N 180 
NCO N6    HN61   sing N N 181 
NCO N6    HN62   sing N N 182 
NCO N6    HN63   sing N N 183 
SO4 S     O1     doub N N 184 
SO4 S     O2     doub N N 185 
SO4 S     O3     sing N N 186 
SO4 S     O4     sing N N 187 
U   OP3   P      sing N N 188 
U   OP3   HOP3   sing N N 189 
U   P     OP1    doub N N 190 
U   P     OP2    sing N N 191 
U   P     "O5'"  sing N N 192 
U   OP2   HOP2   sing N N 193 
U   "O5'" "C5'"  sing N N 194 
U   "C5'" "C4'"  sing N N 195 
U   "C5'" "H5'"  sing N N 196 
U   "C5'" "H5''" sing N N 197 
U   "C4'" "O4'"  sing N N 198 
U   "C4'" "C3'"  sing N N 199 
U   "C4'" "H4'"  sing N N 200 
U   "O4'" "C1'"  sing N N 201 
U   "C3'" "O3'"  sing N N 202 
U   "C3'" "C2'"  sing N N 203 
U   "C3'" "H3'"  sing N N 204 
U   "O3'" "HO3'" sing N N 205 
U   "C2'" "O2'"  sing N N 206 
U   "C2'" "C1'"  sing N N 207 
U   "C2'" "H2'"  sing N N 208 
U   "O2'" "HO2'" sing N N 209 
U   "C1'" N1     sing N N 210 
U   "C1'" "H1'"  sing N N 211 
U   N1    C2     sing N N 212 
U   N1    C6     sing N N 213 
U   C2    O2     doub N N 214 
U   C2    N3     sing N N 215 
U   N3    C4     sing N N 216 
U   N3    H3     sing N N 217 
U   C4    O4     doub N N 218 
U   C4    C5     sing N N 219 
U   C5    C6     doub N N 220 
U   C5    H5     sing N N 221 
U   C6    H6     sing N N 222 
# 
loop_
_ndb_struct_conf_na.entry_id 
_ndb_struct_conf_na.feature 
2D2K 'double helix'         
2D2K 'a-form double helix'  
2D2K 'bulge loop'           
2D2K 'mismatched base pair' 
2D2K 'internal loop'        
# 
loop_
_ndb_struct_na_base_pair.model_number 
_ndb_struct_na_base_pair.i_label_asym_id 
_ndb_struct_na_base_pair.i_label_comp_id 
_ndb_struct_na_base_pair.i_label_seq_id 
_ndb_struct_na_base_pair.i_symmetry 
_ndb_struct_na_base_pair.j_label_asym_id 
_ndb_struct_na_base_pair.j_label_comp_id 
_ndb_struct_na_base_pair.j_label_seq_id 
_ndb_struct_na_base_pair.j_symmetry 
_ndb_struct_na_base_pair.shear 
_ndb_struct_na_base_pair.stretch 
_ndb_struct_na_base_pair.stagger 
_ndb_struct_na_base_pair.buckle 
_ndb_struct_na_base_pair.propeller 
_ndb_struct_na_base_pair.opening 
_ndb_struct_na_base_pair.pair_number 
_ndb_struct_na_base_pair.pair_name 
_ndb_struct_na_base_pair.i_auth_asym_id 
_ndb_struct_na_base_pair.i_auth_seq_id 
_ndb_struct_na_base_pair.i_PDB_ins_code 
_ndb_struct_na_base_pair.j_auth_asym_id 
_ndb_struct_na_base_pair.j_auth_seq_id 
_ndb_struct_na_base_pair.j_PDB_ins_code 
_ndb_struct_na_base_pair.hbond_type_28 
_ndb_struct_na_base_pair.hbond_type_12 
1 A C   2  1_555 B G 12 1_555 0.672  -0.114 -0.394 3.551   -13.759 2.330    1  A_C2:G13_B  A 2  ? B 13 ? 19 1  
1 A C   3  1_555 B G 11 1_555 0.342  -0.318 0.049  3.000   0.537   2.520    2  A_C3:G12_B  A 3  ? B 12 ? 19 1  
1 A C   4  1_555 B G 10 1_555 0.147  0.199  -0.180 8.656   -2.989  11.207   3  A_C4:G11_B  A 4  ? B 11 ? ?  1  
1 A A2M 5  1_555 B A 8  1_555 6.742  -3.579 -0.555 20.055  19.889  -28.589  4  A_A2M5:A9_B A 5  ? B 9  ? ?  ?  
1 A U   7  1_555 B G 7  1_555 -7.888 -2.341 -0.554 14.968  2.824   5.906    5  A_U7:G8_B   A 7  ? B 8  ? ?  ?  
1 A C   8  1_555 B A 6  1_555 -1.971 0.682  -0.820 13.067  -8.691  5.307    6  A_C8:A7_B   A 8  ? B 7  ? ?  ?  
1 A C   9  1_555 B G 5  1_555 0.156  0.162  0.633  -5.031  -2.703  7.153    7  A_C9:G6_B   A 9  ? B 6  ? 19 1  
1 A A   10 1_555 B U 4  1_555 0.155  -0.111 0.201  2.896   -9.296  3.027    8  A_A10:U5_B  A 10 ? B 5  ? 20 1  
1 A C   11 1_555 B G 3  1_555 0.911  0.155  0.238  1.230   -10.139 9.504    9  A_C11:G4_B  A 11 ? B 4  ? ?  1  
1 A C   12 1_555 B G 2  1_555 0.821  -0.158 -0.144 1.481   -12.485 10.379   10 A_C12:G3_B  A 12 ? B 3  ? 19 1  
1 A G   13 1_555 B C 1  1_555 0.403  -0.220 0.028  2.565   -9.538  9.758    11 A_G13:C2_B  A 13 ? B 2  ? 19 1  
1 C G   1  1_555 D C 19 1_555 -0.326 -0.153 0.867  7.303   -6.933  1.216    12 C_G15:C49_D C 15 ? D 49 ? 19 1  
1 C G   2  1_555 D C 18 1_555 -0.861 -0.299 0.816  19.908  -8.987  -3.180   13 C_G16:C48_D C 16 ? D 48 ? 19 1  
1 C C   3  1_555 D G 17 1_555 0.101  -0.032 0.204  8.037   -13.672 2.649    14 C_C17:G47_D C 17 ? D 47 ? 19 1  
1 C A   4  1_555 D U 16 1_555 -0.450 -0.325 -0.036 -2.100  -3.390  1.325    15 C_A18:U46_D C 18 ? D 46 ? 20 1  
1 C G   5  1_555 D C 15 1_555 -0.206 -0.212 -0.309 -5.107  -7.927  0.754    16 C_G19:C45_D C 19 ? D 45 ? 19 1  
1 C A   6  1_555 D C 14 1_555 1.186  0.455  -0.188 -13.146 -7.477  12.014   17 C_A20:C44_D C 20 ? D 44 ? ?  ?  
1 C G   7  1_555 D A 13 1_555 6.802  -4.237 -0.148 -6.859  -0.423  -4.380   18 C_G21:A43_D C 21 ? D 43 ? 11 10 
1 C A   8  1_555 D U 11 1_555 -4.291 -2.260 -0.019 -4.266  -8.841  -96.645  19 C_A22:U41_D C 22 ? D 41 ? 24 4  
1 C A   9  1_555 D A 10 1_555 -3.954 1.394  -0.086 0.775   -19.479 -105.561 20 C_A23:A40_D C 23 ? D 40 ? 5  4  
1 C A   10 1_555 D A 8  1_555 5.654  3.572  -0.568 -8.689  -8.899  -159.684 21 C_A24:A38_D C 24 ? D 38 ? ?  ?  
1 C C   11 1_555 A G 6  1_555 0.434  -0.038 0.151  13.444  -13.418 -0.237   22 C_C25:G6_A  C 25 ? A 6  ? 19 1  
1 C A   12 1_555 D G 6  1_555 -0.028 1.421  -0.311 -12.299 -9.264  -13.099  23 C_A26:G36_D C 26 ? D 36 ? 8  1  
1 C C   13 1_555 D G 5  1_555 0.127  -0.239 -0.004 7.532   -22.635 -0.319   24 C_C27:G35_D C 27 ? D 35 ? 19 1  
1 C A   14 1_555 D U 4  1_555 -0.053 -0.210 0.747  6.475   -19.382 -4.182   25 C_A28:U34_D C 28 ? D 34 ? 20 1  
1 C C   15 1_555 D G 3  1_555 0.526  -0.051 0.425  -2.051  -12.649 4.086    26 C_C29:G33_D C 29 ? D 33 ? 19 1  
1 C G   16 1_555 D C 2  1_555 -0.151 -0.156 0.408  -6.210  -11.675 -7.149   27 C_G30:C32_D C 30 ? D 32 ? 19 1  
1 C A   17 1_555 D U 1  1_555 0.330  -0.143 0.298  0.495   -10.444 0.754    28 C_A31:U31_D C 31 ? D 31 ? 20 1  
# 
loop_
_ndb_struct_na_base_pair_step.model_number 
_ndb_struct_na_base_pair_step.i_label_asym_id_1 
_ndb_struct_na_base_pair_step.i_label_comp_id_1 
_ndb_struct_na_base_pair_step.i_label_seq_id_1 
_ndb_struct_na_base_pair_step.i_symmetry_1 
_ndb_struct_na_base_pair_step.j_label_asym_id_1 
_ndb_struct_na_base_pair_step.j_label_comp_id_1 
_ndb_struct_na_base_pair_step.j_label_seq_id_1 
_ndb_struct_na_base_pair_step.j_symmetry_1 
_ndb_struct_na_base_pair_step.i_label_asym_id_2 
_ndb_struct_na_base_pair_step.i_label_comp_id_2 
_ndb_struct_na_base_pair_step.i_label_seq_id_2 
_ndb_struct_na_base_pair_step.i_symmetry_2 
_ndb_struct_na_base_pair_step.j_label_asym_id_2 
_ndb_struct_na_base_pair_step.j_label_comp_id_2 
_ndb_struct_na_base_pair_step.j_label_seq_id_2 
_ndb_struct_na_base_pair_step.j_symmetry_2 
_ndb_struct_na_base_pair_step.shift 
_ndb_struct_na_base_pair_step.slide 
_ndb_struct_na_base_pair_step.rise 
_ndb_struct_na_base_pair_step.tilt 
_ndb_struct_na_base_pair_step.roll 
_ndb_struct_na_base_pair_step.twist 
_ndb_struct_na_base_pair_step.x_displacement 
_ndb_struct_na_base_pair_step.y_displacement 
_ndb_struct_na_base_pair_step.helical_rise 
_ndb_struct_na_base_pair_step.inclination 
_ndb_struct_na_base_pair_step.tip 
_ndb_struct_na_base_pair_step.helical_twist 
_ndb_struct_na_base_pair_step.step_number 
_ndb_struct_na_base_pair_step.step_name 
_ndb_struct_na_base_pair_step.i_auth_asym_id_1 
_ndb_struct_na_base_pair_step.i_auth_seq_id_1 
_ndb_struct_na_base_pair_step.i_PDB_ins_code_1 
_ndb_struct_na_base_pair_step.j_auth_asym_id_1 
_ndb_struct_na_base_pair_step.j_auth_seq_id_1 
_ndb_struct_na_base_pair_step.j_PDB_ins_code_1 
_ndb_struct_na_base_pair_step.i_auth_asym_id_2 
_ndb_struct_na_base_pair_step.i_auth_seq_id_2 
_ndb_struct_na_base_pair_step.i_PDB_ins_code_2 
_ndb_struct_na_base_pair_step.j_auth_asym_id_2 
_ndb_struct_na_base_pair_step.j_auth_seq_id_2 
_ndb_struct_na_base_pair_step.j_PDB_ins_code_2 
1 A C   2  1_555 B G 12 1_555 A C   3  1_555 B G 11 1_555 -0.565 -1.956 3.371 -3.002  9.341  31.637  -4.943 0.508  2.739 16.640 
5.347   33.086  1  AA_C2C3:G12G13_BB   A 2  ? B 13 ? A 3  ? B 12 ? 
1 A C   3  1_555 B G 11 1_555 A C   4  1_555 B G 10 1_555 1.006  -1.740 3.202 4.743   5.338  24.324  -5.440 -0.985 2.901 12.333 
-10.957 25.336  2  AA_C3C4:G11G12_BB   A 3  ? B 12 ? A 4  ? B 11 ? 
1 A C   4  1_555 B G 10 1_555 A A2M 5  1_555 B A 8  1_555 0.399  -0.670 5.147 -0.674  29.492 69.418  -1.981 -0.362 4.597 24.808 
0.567   74.696  3  AA_C4A2M5:A9G11_BB  A 4  ? B 11 ? A 5  ? B 9  ? 
1 A A2M 5  1_555 B A 8  1_555 A U   7  1_555 B G 7  1_555 -0.836 0.253  3.455 3.554   8.558  11.034  -7.083 6.698  2.594 37.060 
-15.391 14.400  4  AA_A2M5U7:G8A9_BB   A 5  ? B 9  ? A 7  ? B 8  ? 
1 A U   7  1_555 B G 7  1_555 A C   8  1_555 B A 6  1_555 -0.503 -0.928 3.352 -8.987  9.376  51.590  -1.649 -0.022 3.191 10.583 
10.143  53.090  5  AA_U7C8:A7G8_BB     A 7  ? B 8  ? A 8  ? B 7  ? 
1 A C   8  1_555 B A 6  1_555 A C   9  1_555 B G 5  1_555 -0.443 -1.801 3.756 -13.886 8.064  39.591  -3.393 -0.965 3.313 11.356 
19.554  42.602  6  AA_C8C9:G6A7_BB     A 8  ? B 7  ? A 9  ? B 6  ? 
1 A C   9  1_555 B G 5  1_555 A A   10 1_555 B U 4  1_555 -0.602 -1.525 2.948 1.192   1.299  31.109  -3.059 1.322  2.859 2.420  
-2.220  31.158  7  AA_C9A10:U5G6_BB    A 9  ? B 6  ? A 10 ? B 5  ? 
1 A A   10 1_555 B U 4  1_555 A C   11 1_555 B G 3  1_555 0.196  -1.256 3.287 -0.600  4.046  33.704  -2.789 -0.430 3.116 6.946  
1.031   33.944  8  AA_A10C11:G4U5_BB   A 10 ? B 5  ? A 11 ? B 4  ? 
1 A C   11 1_555 B G 3  1_555 A C   12 1_555 B G 2  1_555 -0.246 -2.120 3.005 4.150   10.802 29.709  -5.452 1.058  2.075 20.131 
-7.734  31.836  9  AA_C11C12:G3G4_BB   A 11 ? B 4  ? A 12 ? B 3  ? 
1 A C   12 1_555 B G 2  1_555 A G   13 1_555 B C 1  1_555 -0.339 -1.233 3.182 -0.625  12.834 30.760  -4.089 0.498  2.490 22.977 
1.118   33.277  10 AA_C12G13:C2G3_BB   A 12 ? B 3  ? A 13 ? B 2  ? 
1 C G   1  1_555 D C 19 1_555 C G   2  1_555 D C 18 1_555 -0.675 -1.326 2.810 -2.447  0.302  29.476  -2.653 0.873  2.842 0.593  
4.798   29.577  11 CC_G15G16:C48C49_DD C 15 ? D 49 ? C 16 ? D 48 ? 
1 C G   2  1_555 D C 18 1_555 C C   3  1_555 D G 17 1_555 0.337  -1.538 3.527 3.656   11.090 39.675  -3.402 -0.076 3.027 15.926 
-5.250  41.291  12 CC_G16C17:G47C48_DD C 16 ? D 48 ? C 17 ? D 47 ? 
1 C C   3  1_555 D G 17 1_555 C A   4  1_555 D U 16 1_555 0.173  -1.987 3.288 -2.454  14.405 27.220  -6.150 -0.737 1.986 28.178 
4.801   30.829  13 CC_C17A18:U46G47_DD C 17 ? D 47 ? C 18 ? D 46 ? 
1 C A   4  1_555 D U 16 1_555 C G   5  1_555 D C 15 1_555 0.273  -2.013 3.519 -0.250  2.430  31.820  -4.127 -0.545 3.357 4.424  
0.456   31.911  14 CC_A18G19:C45U46_DD C 18 ? D 46 ? C 19 ? D 45 ? 
1 C G   5  1_555 D C 15 1_555 C A   6  1_555 D C 14 1_555 1.136  -1.403 3.433 0.971   7.761  33.668  -3.574 -1.763 3.074 13.180 
-1.649  34.539  15 CC_G19A20:C44C45_DD C 19 ? D 45 ? C 20 ? D 44 ? 
1 C A   6  1_555 D C 14 1_555 C G   7  1_555 D A 13 1_555 -0.312 -1.009 3.195 7.223   5.673  61.210  -1.235 0.625  3.050 5.538  
-7.051  61.829  16 CC_A20G21:A43C44_DD C 20 ? D 44 ? C 21 ? D 43 ? 
1 C G   7  1_555 D A 13 1_555 C A   8  1_555 D U 11 1_555 -2.073 -0.341 3.387 4.456   -1.003 13.486  -0.507 12.220 2.588 -4.119 
-18.302 14.235  17 CC_G21A22:U41A43_DD C 21 ? D 43 ? C 22 ? D 41 ? 
1 C A   8  1_555 D U 11 1_555 C A   9  1_555 D A 10 1_555 -0.371 -2.736 3.476 -9.757  4.223  48.875  -3.559 -0.299 3.257 5.034  
11.632  49.949  18 CC_A22A23:A40U41_DD C 22 ? D 41 ? C 23 ? D 40 ? 
1 C A   9  1_555 D A 10 1_555 C A   10 1_555 D A 8  1_555 -3.049 -3.519 3.694 0.383   2.710  76.084  -2.943 2.485  3.573 2.198  
-0.311  76.126  19 CC_A23A24:A38A40_DD C 23 ? D 40 ? C 24 ? D 38 ? 
1 C A   10 1_555 D A 8  1_555 C C   11 1_555 A G 6  1_555 2.781  0.185  3.019 -1.691  5.308  -31.548 -1.236 4.755  3.088 -9.669 
-3.079  -32.024 20 CC_A24C25:G6A38_AD  C 24 ? D 38 ? C 25 ? A 6  ? 
1 C C   11 1_555 A G 6  1_555 C A   12 1_555 D G 6  1_555 0.181  -2.049 3.762 5.258   2.072  42.800  -3.018 0.341  3.659 2.824  
-7.168  43.154  21 CC_C25A26:G36G6_DA  C 25 ? A 6  ? C 26 ? D 36 ? 
1 C A   12 1_555 D G 6  1_555 C C   13 1_555 D G 5  1_555 0.685  -0.573 2.745 -3.056  4.327  30.911  -1.727 -1.737 2.566 8.044  
5.682   31.351  22 CC_A26C27:G35G36_DD C 26 ? D 36 ? C 27 ? D 35 ? 
1 C C   13 1_555 D G 5  1_555 C A   14 1_555 D U 4  1_555 0.166  -1.544 3.133 -4.101  9.114  32.525  -3.943 -0.870 2.580 15.813 
7.116   33.986  23 CC_C27A28:U34G35_DD C 27 ? D 35 ? C 28 ? D 34 ? 
1 C A   14 1_555 D U 4  1_555 C C   15 1_555 D G 3  1_555 0.685  -1.164 3.470 4.489   0.106  36.702  -1.851 -0.432 3.523 0.167  
-7.096  36.966  24 CC_A28C29:G33U34_DD C 28 ? D 34 ? C 29 ? D 33 ? 
1 C C   15 1_555 D G 3  1_555 C G   16 1_555 D C 2  1_555 -0.176 -1.833 3.076 2.152   7.812  31.278  -4.506 0.650  2.539 14.193 
-3.910  32.285  25 CC_C29G30:C32G33_DD C 29 ? D 33 ? C 30 ? D 32 ? 
1 C G   16 1_555 D C 2  1_555 C A   17 1_555 D U 1  1_555 0.740  -1.590 2.964 5.239   5.275  34.798  -3.287 -0.533 2.780 8.697  
-8.639  35.560  26 CC_G30A31:U31C32_DD C 30 ? D 32 ? C 31 ? D 31 ? 
# 
loop_
_pdbx_entity_nonpoly.entity_id 
_pdbx_entity_nonpoly.name 
_pdbx_entity_nonpoly.comp_id 
5 'SULFATE ION'           SO4 
6 'COBALT HEXAMMINE(III)' NCO 
7 water                   HOH 
# 
_pdbx_initial_refinement_model.id               1 
_pdbx_initial_refinement_model.entity_id_list   ? 
_pdbx_initial_refinement_model.type             'experimental model' 
_pdbx_initial_refinement_model.source_name      PDB 
_pdbx_initial_refinement_model.accession_code   1X9C 
_pdbx_initial_refinement_model.details          ? 
# 
